data_1BB6
# 
_entry.id   1BB6 
# 
_audit_conform.dict_name       mmcif_pdbx.dic 
_audit_conform.dict_version    5.397 
_audit_conform.dict_location   http://mmcif.pdb.org/dictionaries/ascii/mmcif_pdbx.dic 
# 
loop_
_database_2.database_id 
_database_2.database_code 
_database_2.pdbx_database_accession 
_database_2.pdbx_DOI 
PDB   1BB6         pdb_00001bb6 10.2210/pdb1bb6/pdb 
WWPDB D_1000171549 ?            ?                   
# 
loop_
_pdbx_audit_revision_history.ordinal 
_pdbx_audit_revision_history.data_content_type 
_pdbx_audit_revision_history.major_revision 
_pdbx_audit_revision_history.minor_revision 
_pdbx_audit_revision_history.revision_date 
1 'Structure model' 1 0 1999-05-04 
2 'Structure model' 1 1 2008-03-24 
3 'Structure model' 1 2 2011-07-13 
4 'Structure model' 1 3 2018-04-18 
5 'Structure model' 1 4 2024-10-23 
# 
_pdbx_audit_revision_details.ordinal             1 
_pdbx_audit_revision_details.revision_ordinal    1 
_pdbx_audit_revision_details.data_content_type   'Structure model' 
_pdbx_audit_revision_details.provider            repository 
_pdbx_audit_revision_details.type                'Initial release' 
_pdbx_audit_revision_details.description         ? 
_pdbx_audit_revision_details.details             ? 
# 
loop_
_pdbx_audit_revision_group.ordinal 
_pdbx_audit_revision_group.revision_ordinal 
_pdbx_audit_revision_group.data_content_type 
_pdbx_audit_revision_group.group 
1 2 'Structure model' 'Version format compliance' 
2 3 'Structure model' 'Version format compliance' 
3 4 'Structure model' 'Data collection'           
4 5 'Structure model' 'Data collection'           
5 5 'Structure model' 'Database references'       
6 5 'Structure model' 'Derived calculations'      
7 5 'Structure model' 'Structure summary'         
# 
loop_
_pdbx_audit_revision_category.ordinal 
_pdbx_audit_revision_category.revision_ordinal 
_pdbx_audit_revision_category.data_content_type 
_pdbx_audit_revision_category.category 
1 4 'Structure model' diffrn_detector           
2 5 'Structure model' chem_comp_atom            
3 5 'Structure model' chem_comp_bond            
4 5 'Structure model' database_2                
5 5 'Structure model' pdbx_entry_details        
6 5 'Structure model' pdbx_modification_feature 
7 5 'Structure model' struct_ref_seq_dif        
8 5 'Structure model' struct_site               
# 
loop_
_pdbx_audit_revision_item.ordinal 
_pdbx_audit_revision_item.revision_ordinal 
_pdbx_audit_revision_item.data_content_type 
_pdbx_audit_revision_item.item 
1 4 'Structure model' '_diffrn_detector.detector'           
2 5 'Structure model' '_database_2.pdbx_DOI'                
3 5 'Structure model' '_database_2.pdbx_database_accession' 
4 5 'Structure model' '_struct_ref_seq_dif.details'         
5 5 'Structure model' '_struct_site.pdbx_auth_asym_id'      
6 5 'Structure model' '_struct_site.pdbx_auth_comp_id'      
7 5 'Structure model' '_struct_site.pdbx_auth_seq_id'       
# 
_pdbx_database_status.status_code                     REL 
_pdbx_database_status.entry_id                        1BB6 
_pdbx_database_status.recvd_initial_deposition_date   1998-04-29 
_pdbx_database_status.deposit_site                    ? 
_pdbx_database_status.process_site                    BNL 
_pdbx_database_status.SG_entry                        . 
_pdbx_database_status.pdb_format_compatible           Y 
_pdbx_database_status.status_code_mr                  ? 
_pdbx_database_status.status_code_sf                  ? 
_pdbx_database_status.status_code_cs                  ? 
_pdbx_database_status.methods_development_category    ? 
_pdbx_database_status.status_code_nmr_data            ? 
# 
loop_
_audit_author.name 
_audit_author.pdbx_ordinal 
'Vollan, V.B.' 1 
'Hough, E.'    2 
'Karlsen, S.'  3 
# 
loop_
_citation.id 
_citation.title 
_citation.journal_abbrev 
_citation.journal_volume 
_citation.page_first 
_citation.page_last 
_citation.year 
_citation.journal_id_ASTM 
_citation.country 
_citation.journal_id_ISSN 
_citation.journal_id_CSD 
_citation.book_publisher 
_citation.pdbx_database_id_PubMed 
_citation.pdbx_database_id_DOI 
primary 'Structural studies on the binding of 4-methylumbelliferone glycosides of chitin to rainbow trout lysozyme.' 
'Acta Crystallogr.,Sect.D' 55 60  66 1999 ABCRE6 DK 0907-4449 0766 ? 10089395 10.1107/S0907444998006623 
1       
;Crystal Structures of Three Complexes between Chito-Oligosaccharides and Lysozyme from the Rainbow Trout. How Distorted is the Nag Sugar in Site D?
;
'Acta Crystallogr.,Sect.D' 51 962 ?  1995 ABCRE6 DK 0907-4449 0766 ? ?        ?                         
2       'Refined Crystal Structure of Lysozyme from the Rainbow Trout (Oncorhynchus Mykiss)' 'Acta Crystallogr.,Sect.D' 51 354 ?  
1995 ABCRE6 DK 0907-4449 0766 ? ?        ?                         
# 
loop_
_citation_author.citation_id 
_citation_author.name 
_citation_author.ordinal 
_citation_author.identifier_ORCID 
primary 'Vollan, V.B.'   1  ? 
primary 'Hough, E.'      2  ? 
primary 'Karlsen, S.'    3  ? 
1       'Karlsen, S.'    4  ? 
1       'Hough, E.'      5  ? 
2       'Karlsen, S.'    6  ? 
2       'Eliassen, B.E.' 7  ? 
2       'Hansen, L.K.'   8  ? 
2       'Larsen, R.L.'   9  ? 
2       'Riise, B.W.'    10 ? 
2       'Smalas, A.O.'   11 ? 
2       'Hough, E.'      12 ? 
2       'Grinde, B.'     13 ? 
# 
loop_
_entity.id 
_entity.type 
_entity.src_method 
_entity.pdbx_description 
_entity.formula_weight 
_entity.pdbx_number_of_molecules 
_entity.pdbx_ec 
_entity.pdbx_mutation 
_entity.pdbx_fragment 
_entity.details 
1 polymer     nat LYSOZYME                                 14303.068 1   3.2.1.17 ? ? ? 
2 non-polymer syn METHYL-UMBELLIFERTL-N-ACETYL-CHITOTRIOSE 785.746   1   ?        ? ? ? 
3 water       nat water                                    18.015    142 ?        ? ? ? 
# 
_entity_name_com.entity_id   1 
_entity_name_com.name        N-ACETYL-MURAMIDASE 
# 
_entity_poly.entity_id                      1 
_entity_poly.type                           'polypeptide(L)' 
_entity_poly.nstd_linkage                   no 
_entity_poly.nstd_monomer                   no 
_entity_poly.pdbx_seq_one_letter_code       
;KVYDRCELARALKASGMDGYAGNSLPNWVCLSKWESSYNTQATNRNTDGSTDYGIFQINSRYWCDDGRTPGAKNVCGIRC
SQLLTDDLTVAIRCAKRVVLDPNGIGAWVAWRLHCQNQDLRSYVAGCGV
;
_entity_poly.pdbx_seq_one_letter_code_can   
;KVYDRCELARALKASGMDGYAGNSLPNWVCLSKWESSYNTQATNRNTDGSTDYGIFQINSRYWCDDGRTPGAKNVCGIRC
SQLLTDDLTVAIRCAKRVVLDPNGIGAWVAWRLHCQNQDLRSYVAGCGV
;
_entity_poly.pdbx_strand_id                 A 
_entity_poly.pdbx_target_identifier         ? 
# 
loop_
_pdbx_entity_nonpoly.entity_id 
_pdbx_entity_nonpoly.name 
_pdbx_entity_nonpoly.comp_id 
2 METHYL-UMBELLIFERTL-N-ACETYL-CHITOTRIOSE UMG 
3 water                                    HOH 
# 
loop_
_entity_poly_seq.entity_id 
_entity_poly_seq.num 
_entity_poly_seq.mon_id 
_entity_poly_seq.hetero 
1 1   LYS n 
1 2   VAL n 
1 3   TYR n 
1 4   ASP n 
1 5   ARG n 
1 6   CYS n 
1 7   GLU n 
1 8   LEU n 
1 9   ALA n 
1 10  ARG n 
1 11  ALA n 
1 12  LEU n 
1 13  LYS n 
1 14  ALA n 
1 15  SER n 
1 16  GLY n 
1 17  MET n 
1 18  ASP n 
1 19  GLY n 
1 20  TYR n 
1 21  ALA n 
1 22  GLY n 
1 23  ASN n 
1 24  SER n 
1 25  LEU n 
1 26  PRO n 
1 27  ASN n 
1 28  TRP n 
1 29  VAL n 
1 30  CYS n 
1 31  LEU n 
1 32  SER n 
1 33  LYS n 
1 34  TRP n 
1 35  GLU n 
1 36  SER n 
1 37  SER n 
1 38  TYR n 
1 39  ASN n 
1 40  THR n 
1 41  GLN n 
1 42  ALA n 
1 43  THR n 
1 44  ASN n 
1 45  ARG n 
1 46  ASN n 
1 47  THR n 
1 48  ASP n 
1 49  GLY n 
1 50  SER n 
1 51  THR n 
1 52  ASP n 
1 53  TYR n 
1 54  GLY n 
1 55  ILE n 
1 56  PHE n 
1 57  GLN n 
1 58  ILE n 
1 59  ASN n 
1 60  SER n 
1 61  ARG n 
1 62  TYR n 
1 63  TRP n 
1 64  CYS n 
1 65  ASP n 
1 66  ASP n 
1 67  GLY n 
1 68  ARG n 
1 69  THR n 
1 70  PRO n 
1 71  GLY n 
1 72  ALA n 
1 73  LYS n 
1 74  ASN n 
1 75  VAL n 
1 76  CYS n 
1 77  GLY n 
1 78  ILE n 
1 79  ARG n 
1 80  CYS n 
1 81  SER n 
1 82  GLN n 
1 83  LEU n 
1 84  LEU n 
1 85  THR n 
1 86  ASP n 
1 87  ASP n 
1 88  LEU n 
1 89  THR n 
1 90  VAL n 
1 91  ALA n 
1 92  ILE n 
1 93  ARG n 
1 94  CYS n 
1 95  ALA n 
1 96  LYS n 
1 97  ARG n 
1 98  VAL n 
1 99  VAL n 
1 100 LEU n 
1 101 ASP n 
1 102 PRO n 
1 103 ASN n 
1 104 GLY n 
1 105 ILE n 
1 106 GLY n 
1 107 ALA n 
1 108 TRP n 
1 109 VAL n 
1 110 ALA n 
1 111 TRP n 
1 112 ARG n 
1 113 LEU n 
1 114 HIS n 
1 115 CYS n 
1 116 GLN n 
1 117 ASN n 
1 118 GLN n 
1 119 ASP n 
1 120 LEU n 
1 121 ARG n 
1 122 SER n 
1 123 TYR n 
1 124 VAL n 
1 125 ALA n 
1 126 GLY n 
1 127 CYS n 
1 128 GLY n 
1 129 VAL n 
# 
_entity_src_nat.entity_id                  1 
_entity_src_nat.pdbx_src_id                1 
_entity_src_nat.pdbx_alt_source_flag       sample 
_entity_src_nat.pdbx_beg_seq_num           ? 
_entity_src_nat.pdbx_end_seq_num           ? 
_entity_src_nat.common_name                'rainbow trout' 
_entity_src_nat.pdbx_organism_scientific   'Oncorhynchus mykiss' 
_entity_src_nat.pdbx_ncbi_taxonomy_id      8022 
_entity_src_nat.genus                      Oncorhynchus 
_entity_src_nat.species                    ? 
_entity_src_nat.strain                     ? 
_entity_src_nat.tissue                     ? 
_entity_src_nat.tissue_fraction            ? 
_entity_src_nat.pdbx_secretion             ? 
_entity_src_nat.pdbx_fragment              ? 
_entity_src_nat.pdbx_variant               ? 
_entity_src_nat.pdbx_cell_line             ? 
_entity_src_nat.pdbx_atcc                  ? 
_entity_src_nat.pdbx_cellular_location     ? 
_entity_src_nat.pdbx_organ                 KIDNEY 
_entity_src_nat.pdbx_organelle             ? 
_entity_src_nat.pdbx_cell                  ? 
_entity_src_nat.pdbx_plasmid_name          ? 
_entity_src_nat.pdbx_plasmid_details       ? 
_entity_src_nat.details                    ? 
# 
loop_
_chem_comp.id 
_chem_comp.type 
_chem_comp.mon_nstd_flag 
_chem_comp.name 
_chem_comp.pdbx_synonyms 
_chem_comp.formula 
_chem_comp.formula_weight 
ALA 'L-peptide linking' y ALANINE                                  ?                                'C3 H7 N O2'     89.093  
ARG 'L-peptide linking' y ARGININE                                 ?                                'C6 H15 N4 O2 1' 175.209 
ASN 'L-peptide linking' y ASPARAGINE                               ?                                'C4 H8 N2 O3'    132.118 
ASP 'L-peptide linking' y 'ASPARTIC ACID'                          ?                                'C4 H7 N O4'     133.103 
CYS 'L-peptide linking' y CYSTEINE                                 ?                                'C3 H7 N O2 S'   121.158 
GLN 'L-peptide linking' y GLUTAMINE                                ?                                'C5 H10 N2 O3'   146.144 
GLU 'L-peptide linking' y 'GLUTAMIC ACID'                          ?                                'C5 H9 N O4'     147.129 
GLY 'peptide linking'   y GLYCINE                                  ?                                'C2 H5 N O2'     75.067  
HIS 'L-peptide linking' y HISTIDINE                                ?                                'C6 H10 N3 O2 1' 156.162 
HOH non-polymer         . WATER                                    ?                                'H2 O'           18.015  
ILE 'L-peptide linking' y ISOLEUCINE                               ?                                'C6 H13 N O2'    131.173 
LEU 'L-peptide linking' y LEUCINE                                  ?                                'C6 H13 N O2'    131.173 
LYS 'L-peptide linking' y LYSINE                                   ?                                'C6 H15 N2 O2 1' 147.195 
MET 'L-peptide linking' y METHIONINE                               ?                                'C5 H11 N O2 S'  149.211 
PHE 'L-peptide linking' y PHENYLALANINE                            ?                                'C9 H11 N O2'    165.189 
PRO 'L-peptide linking' y PROLINE                                  ?                                'C5 H9 N O2'     115.130 
SER 'L-peptide linking' y SERINE                                   ?                                'C3 H7 N O3'     105.093 
THR 'L-peptide linking' y THREONINE                                ?                                'C4 H9 N O3'     119.119 
TRP 'L-peptide linking' y TRYPTOPHAN                               ?                                'C11 H12 N2 O2'  204.225 
TYR 'L-peptide linking' y TYROSINE                                 ?                                'C9 H11 N O3'    181.189 
UMG non-polymer         . METHYL-UMBELLIFERTL-N-ACETYL-CHITOTRIOSE 'METHYLUMBELLIFERYL CHITOTRIOSE' 'C34 H47 N3 O18' 785.746 
VAL 'L-peptide linking' y VALINE                                   ?                                'C5 H11 N O2'    117.146 
# 
loop_
_pdbx_poly_seq_scheme.asym_id 
_pdbx_poly_seq_scheme.entity_id 
_pdbx_poly_seq_scheme.seq_id 
_pdbx_poly_seq_scheme.mon_id 
_pdbx_poly_seq_scheme.ndb_seq_num 
_pdbx_poly_seq_scheme.pdb_seq_num 
_pdbx_poly_seq_scheme.auth_seq_num 
_pdbx_poly_seq_scheme.pdb_mon_id 
_pdbx_poly_seq_scheme.auth_mon_id 
_pdbx_poly_seq_scheme.pdb_strand_id 
_pdbx_poly_seq_scheme.pdb_ins_code 
_pdbx_poly_seq_scheme.hetero 
A 1 1   LYS 1   1   1   LYS LYS A . n 
A 1 2   VAL 2   2   2   VAL VAL A . n 
A 1 3   TYR 3   3   3   TYR TYR A . n 
A 1 4   ASP 4   4   4   ASP ASP A . n 
A 1 5   ARG 5   5   5   ARG ARG A . n 
A 1 6   CYS 6   6   6   CYS CYS A . n 
A 1 7   GLU 7   7   7   GLU GLU A . n 
A 1 8   LEU 8   8   8   LEU LEU A . n 
A 1 9   ALA 9   9   9   ALA ALA A . n 
A 1 10  ARG 10  10  10  ARG ARG A . n 
A 1 11  ALA 11  11  11  ALA ALA A . n 
A 1 12  LEU 12  12  12  LEU LEU A . n 
A 1 13  LYS 13  13  13  LYS LYS A . n 
A 1 14  ALA 14  14  14  ALA ALA A . n 
A 1 15  SER 15  15  15  SER SER A . n 
A 1 16  GLY 16  16  16  GLY GLY A . n 
A 1 17  MET 17  17  17  MET MET A . n 
A 1 18  ASP 18  18  18  ASP ASP A . n 
A 1 19  GLY 19  19  19  GLY GLY A . n 
A 1 20  TYR 20  20  20  TYR TYR A . n 
A 1 21  ALA 21  21  21  ALA ALA A . n 
A 1 22  GLY 22  22  22  GLY GLY A . n 
A 1 23  ASN 23  23  23  ASN ASN A . n 
A 1 24  SER 24  24  24  SER SER A . n 
A 1 25  LEU 25  25  25  LEU LEU A . n 
A 1 26  PRO 26  26  26  PRO PRO A . n 
A 1 27  ASN 27  27  27  ASN ASN A . n 
A 1 28  TRP 28  28  28  TRP TRP A . n 
A 1 29  VAL 29  29  29  VAL VAL A . n 
A 1 30  CYS 30  30  30  CYS CYS A . n 
A 1 31  LEU 31  31  31  LEU LEU A . n 
A 1 32  SER 32  32  32  SER SER A . n 
A 1 33  LYS 33  33  33  LYS LYS A . n 
A 1 34  TRP 34  34  34  TRP TRP A . n 
A 1 35  GLU 35  35  35  GLU GLU A . n 
A 1 36  SER 36  36  36  SER SER A . n 
A 1 37  SER 37  37  37  SER SER A . n 
A 1 38  TYR 38  38  38  TYR TYR A . n 
A 1 39  ASN 39  39  39  ASN ASN A . n 
A 1 40  THR 40  40  40  THR THR A . n 
A 1 41  GLN 41  41  41  GLN GLN A . n 
A 1 42  ALA 42  42  42  ALA ALA A . n 
A 1 43  THR 43  43  43  THR THR A . n 
A 1 44  ASN 44  44  44  ASN ASN A . n 
A 1 45  ARG 45  45  45  ARG ARG A . n 
A 1 46  ASN 46  46  46  ASN ASN A . n 
A 1 47  THR 47  47  47  THR THR A . n 
A 1 48  ASP 48  48  48  ASP ASP A . n 
A 1 49  GLY 49  49  49  GLY GLY A . n 
A 1 50  SER 50  50  50  SER SER A . n 
A 1 51  THR 51  51  51  THR THR A . n 
A 1 52  ASP 52  52  52  ASP ASP A . n 
A 1 53  TYR 53  53  53  TYR TYR A . n 
A 1 54  GLY 54  54  54  GLY GLY A . n 
A 1 55  ILE 55  55  55  ILE ILE A . n 
A 1 56  PHE 56  56  56  PHE PHE A . n 
A 1 57  GLN 57  57  57  GLN GLN A . n 
A 1 58  ILE 58  58  58  ILE ILE A . n 
A 1 59  ASN 59  59  59  ASN ASN A . n 
A 1 60  SER 60  60  60  SER SER A . n 
A 1 61  ARG 61  61  61  ARG ARG A . n 
A 1 62  TYR 62  62  62  TYR TYR A . n 
A 1 63  TRP 63  63  63  TRP TRP A . n 
A 1 64  CYS 64  64  64  CYS CYS A . n 
A 1 65  ASP 65  65  65  ASP ASP A . n 
A 1 66  ASP 66  66  66  ASP ASP A . n 
A 1 67  GLY 67  67  67  GLY GLY A . n 
A 1 68  ARG 68  68  68  ARG ARG A . n 
A 1 69  THR 69  69  69  THR THR A . n 
A 1 70  PRO 70  70  70  PRO PRO A . n 
A 1 71  GLY 71  71  71  GLY GLY A . n 
A 1 72  ALA 72  72  72  ALA ALA A . n 
A 1 73  LYS 73  73  73  LYS LYS A . n 
A 1 74  ASN 74  74  74  ASN ASN A . n 
A 1 75  VAL 75  75  75  VAL VAL A . n 
A 1 76  CYS 76  76  76  CYS CYS A . n 
A 1 77  GLY 77  77  77  GLY GLY A . n 
A 1 78  ILE 78  78  78  ILE ILE A . n 
A 1 79  ARG 79  79  79  ARG ARG A . n 
A 1 80  CYS 80  80  80  CYS CYS A . n 
A 1 81  SER 81  81  81  SER SER A . n 
A 1 82  GLN 82  82  82  GLN GLN A . n 
A 1 83  LEU 83  83  83  LEU LEU A . n 
A 1 84  LEU 84  84  84  LEU LEU A . n 
A 1 85  THR 85  85  85  THR THR A . n 
A 1 86  ASP 86  86  86  ASP ASP A . n 
A 1 87  ASP 87  87  87  ASP ASP A . n 
A 1 88  LEU 88  88  88  LEU LEU A . n 
A 1 89  THR 89  89  89  THR THR A . n 
A 1 90  VAL 90  90  90  VAL VAL A . n 
A 1 91  ALA 91  91  91  ALA ALA A . n 
A 1 92  ILE 92  92  92  ILE ILE A . n 
A 1 93  ARG 93  93  93  ARG ARG A . n 
A 1 94  CYS 94  94  94  CYS CYS A . n 
A 1 95  ALA 95  95  95  ALA ALA A . n 
A 1 96  LYS 96  96  96  LYS LYS A . n 
A 1 97  ARG 97  97  97  ARG ARG A . n 
A 1 98  VAL 98  98  98  VAL VAL A . n 
A 1 99  VAL 99  99  99  VAL VAL A . n 
A 1 100 LEU 100 100 100 LEU LEU A . n 
A 1 101 ASP 101 101 101 ASP ASP A . n 
A 1 102 PRO 102 102 102 PRO PRO A . n 
A 1 103 ASN 103 103 103 ASN ASN A . n 
A 1 104 GLY 104 104 104 GLY GLY A . n 
A 1 105 ILE 105 105 105 ILE ILE A . n 
A 1 106 GLY 106 106 106 GLY GLY A . n 
A 1 107 ALA 107 107 107 ALA ALA A . n 
A 1 108 TRP 108 108 108 TRP TRP A . n 
A 1 109 VAL 109 109 109 VAL VAL A . n 
A 1 110 ALA 110 110 110 ALA ALA A . n 
A 1 111 TRP 111 111 111 TRP TRP A . n 
A 1 112 ARG 112 112 112 ARG ARG A . n 
A 1 113 LEU 113 113 113 LEU LEU A . n 
A 1 114 HIS 114 114 114 HIS HIS A . n 
A 1 115 CYS 115 115 115 CYS CYS A . n 
A 1 116 GLN 116 116 116 GLN GLN A . n 
A 1 117 ASN 117 117 117 ASN ASN A . n 
A 1 118 GLN 118 118 118 GLN GLN A . n 
A 1 119 ASP 119 119 119 ASP ASP A . n 
A 1 120 LEU 120 120 120 LEU LEU A . n 
A 1 121 ARG 121 121 121 ARG ARG A . n 
A 1 122 SER 122 122 122 SER SER A . n 
A 1 123 TYR 123 123 123 TYR TYR A . n 
A 1 124 VAL 124 124 124 VAL VAL A . n 
A 1 125 ALA 125 125 125 ALA ALA A . n 
A 1 126 GLY 126 126 126 GLY GLY A . n 
A 1 127 CYS 127 127 127 CYS CYS A . n 
A 1 128 GLY 128 128 128 GLY GLY A . n 
A 1 129 VAL 129 129 129 VAL VAL A . n 
# 
loop_
_pdbx_nonpoly_scheme.asym_id 
_pdbx_nonpoly_scheme.entity_id 
_pdbx_nonpoly_scheme.mon_id 
_pdbx_nonpoly_scheme.ndb_seq_num 
_pdbx_nonpoly_scheme.pdb_seq_num 
_pdbx_nonpoly_scheme.auth_seq_num 
_pdbx_nonpoly_scheme.pdb_mon_id 
_pdbx_nonpoly_scheme.auth_mon_id 
_pdbx_nonpoly_scheme.pdb_strand_id 
_pdbx_nonpoly_scheme.pdb_ins_code 
B 2 UMG 1   130 130 UMG UMG A . 
C 3 HOH 1   134 134 HOH HOH A . 
C 3 HOH 2   135 135 HOH HOH A . 
C 3 HOH 3   136 136 HOH HOH A . 
C 3 HOH 4   137 137 HOH HOH A . 
C 3 HOH 5   138 138 HOH HOH A . 
C 3 HOH 6   139 139 HOH HOH A . 
C 3 HOH 7   140 140 HOH HOH A . 
C 3 HOH 8   141 141 HOH HOH A . 
C 3 HOH 9   142 142 HOH HOH A . 
C 3 HOH 10  143 143 HOH HOH A . 
C 3 HOH 11  144 144 HOH HOH A . 
C 3 HOH 12  145 145 HOH HOH A . 
C 3 HOH 13  146 146 HOH HOH A . 
C 3 HOH 14  147 147 HOH HOH A . 
C 3 HOH 15  148 148 HOH HOH A . 
C 3 HOH 16  149 149 HOH HOH A . 
C 3 HOH 17  150 150 HOH HOH A . 
C 3 HOH 18  151 151 HOH HOH A . 
C 3 HOH 19  152 152 HOH HOH A . 
C 3 HOH 20  153 153 HOH HOH A . 
C 3 HOH 21  154 154 HOH HOH A . 
C 3 HOH 22  155 155 HOH HOH A . 
C 3 HOH 23  156 156 HOH HOH A . 
C 3 HOH 24  157 157 HOH HOH A . 
C 3 HOH 25  158 158 HOH HOH A . 
C 3 HOH 26  159 159 HOH HOH A . 
C 3 HOH 27  160 160 HOH HOH A . 
C 3 HOH 28  161 161 HOH HOH A . 
C 3 HOH 29  162 162 HOH HOH A . 
C 3 HOH 30  163 163 HOH HOH A . 
C 3 HOH 31  164 164 HOH HOH A . 
C 3 HOH 32  165 165 HOH HOH A . 
C 3 HOH 33  166 166 HOH HOH A . 
C 3 HOH 34  167 167 HOH HOH A . 
C 3 HOH 35  168 168 HOH HOH A . 
C 3 HOH 36  169 169 HOH HOH A . 
C 3 HOH 37  170 170 HOH HOH A . 
C 3 HOH 38  171 171 HOH HOH A . 
C 3 HOH 39  172 172 HOH HOH A . 
C 3 HOH 40  173 173 HOH HOH A . 
C 3 HOH 41  174 174 HOH HOH A . 
C 3 HOH 42  175 175 HOH HOH A . 
C 3 HOH 43  176 176 HOH HOH A . 
C 3 HOH 44  177 177 HOH HOH A . 
C 3 HOH 45  178 178 HOH HOH A . 
C 3 HOH 46  179 179 HOH HOH A . 
C 3 HOH 47  180 180 HOH HOH A . 
C 3 HOH 48  181 181 HOH HOH A . 
C 3 HOH 49  182 182 HOH HOH A . 
C 3 HOH 50  183 183 HOH HOH A . 
C 3 HOH 51  184 184 HOH HOH A . 
C 3 HOH 52  185 185 HOH HOH A . 
C 3 HOH 53  186 186 HOH HOH A . 
C 3 HOH 54  187 187 HOH HOH A . 
C 3 HOH 55  188 188 HOH HOH A . 
C 3 HOH 56  189 189 HOH HOH A . 
C 3 HOH 57  190 190 HOH HOH A . 
C 3 HOH 58  191 191 HOH HOH A . 
C 3 HOH 59  192 192 HOH HOH A . 
C 3 HOH 60  193 193 HOH HOH A . 
C 3 HOH 61  194 194 HOH HOH A . 
C 3 HOH 62  195 195 HOH HOH A . 
C 3 HOH 63  196 196 HOH HOH A . 
C 3 HOH 64  197 197 HOH HOH A . 
C 3 HOH 65  198 198 HOH HOH A . 
C 3 HOH 66  199 199 HOH HOH A . 
C 3 HOH 67  200 200 HOH HOH A . 
C 3 HOH 68  201 201 HOH HOH A . 
C 3 HOH 69  202 202 HOH HOH A . 
C 3 HOH 70  203 203 HOH HOH A . 
C 3 HOH 71  204 204 HOH HOH A . 
C 3 HOH 72  205 205 HOH HOH A . 
C 3 HOH 73  206 206 HOH HOH A . 
C 3 HOH 74  207 207 HOH HOH A . 
C 3 HOH 75  208 208 HOH HOH A . 
C 3 HOH 76  209 209 HOH HOH A . 
C 3 HOH 77  210 210 HOH HOH A . 
C 3 HOH 78  211 211 HOH HOH A . 
C 3 HOH 79  212 212 HOH HOH A . 
C 3 HOH 80  213 213 HOH HOH A . 
C 3 HOH 81  214 214 HOH HOH A . 
C 3 HOH 82  215 215 HOH HOH A . 
C 3 HOH 83  216 216 HOH HOH A . 
C 3 HOH 84  217 217 HOH HOH A . 
C 3 HOH 85  218 218 HOH HOH A . 
C 3 HOH 86  219 219 HOH HOH A . 
C 3 HOH 87  220 220 HOH HOH A . 
C 3 HOH 88  221 221 HOH HOH A . 
C 3 HOH 89  222 222 HOH HOH A . 
C 3 HOH 90  223 223 HOH HOH A . 
C 3 HOH 91  224 224 HOH HOH A . 
C 3 HOH 92  225 225 HOH HOH A . 
C 3 HOH 93  226 226 HOH HOH A . 
C 3 HOH 94  227 227 HOH HOH A . 
C 3 HOH 95  228 228 HOH HOH A . 
C 3 HOH 96  229 229 HOH HOH A . 
C 3 HOH 97  230 230 HOH HOH A . 
C 3 HOH 98  231 231 HOH HOH A . 
C 3 HOH 99  232 232 HOH HOH A . 
C 3 HOH 100 233 233 HOH HOH A . 
C 3 HOH 101 234 234 HOH HOH A . 
C 3 HOH 102 235 235 HOH HOH A . 
C 3 HOH 103 236 236 HOH HOH A . 
C 3 HOH 104 237 237 HOH HOH A . 
C 3 HOH 105 238 238 HOH HOH A . 
C 3 HOH 106 239 239 HOH HOH A . 
C 3 HOH 107 240 240 HOH HOH A . 
C 3 HOH 108 241 241 HOH HOH A . 
C 3 HOH 109 242 242 HOH HOH A . 
C 3 HOH 110 243 243 HOH HOH A . 
C 3 HOH 111 244 244 HOH HOH A . 
C 3 HOH 112 245 245 HOH HOH A . 
C 3 HOH 113 246 246 HOH HOH A . 
C 3 HOH 114 247 247 HOH HOH A . 
C 3 HOH 115 248 248 HOH HOH A . 
C 3 HOH 116 249 249 HOH HOH A . 
C 3 HOH 117 250 250 HOH HOH A . 
C 3 HOH 118 251 251 HOH HOH A . 
C 3 HOH 119 252 252 HOH HOH A . 
C 3 HOH 120 253 253 HOH HOH A . 
C 3 HOH 121 254 254 HOH HOH A . 
C 3 HOH 122 255 255 HOH HOH A . 
C 3 HOH 123 256 256 HOH HOH A . 
C 3 HOH 124 257 257 HOH HOH A . 
C 3 HOH 125 258 258 HOH HOH A . 
C 3 HOH 126 259 259 HOH HOH A . 
C 3 HOH 127 260 260 HOH HOH A . 
C 3 HOH 128 261 261 HOH HOH A . 
C 3 HOH 129 262 262 HOH HOH A . 
C 3 HOH 130 263 263 HOH HOH A . 
C 3 HOH 131 264 264 HOH HOH A . 
C 3 HOH 132 265 265 HOH HOH A . 
C 3 HOH 133 266 266 HOH HOH A . 
C 3 HOH 134 267 267 HOH HOH A . 
C 3 HOH 135 268 268 HOH HOH A . 
C 3 HOH 136 269 269 HOH HOH A . 
C 3 HOH 137 270 270 HOH HOH A . 
C 3 HOH 138 271 271 HOH HOH A . 
C 3 HOH 139 272 272 HOH HOH A . 
C 3 HOH 140 273 273 HOH HOH A . 
C 3 HOH 141 274 274 HOH HOH A . 
C 3 HOH 142 275 275 HOH HOH A . 
# 
loop_
_software.name 
_software.classification 
_software.version 
_software.citation_id 
_software.pdbx_ordinal 
MADNES 'data collection' .         ? 1 
SCALA  'data scaling'    .         ? 2 
CCP4   'model building'  .         ? 3 
PROLSQ refinement        .         ? 4 
MADNES 'data reduction'  .         ? 5 
CCP4   'data scaling'    '(SCALA)' ? 6 
CCP4   phasing           .         ? 7 
# 
_cell.entry_id           1BB6 
_cell.length_a           76.690 
_cell.length_b           76.690 
_cell.length_c           54.710 
_cell.angle_alpha        90.00 
_cell.angle_beta         90.00 
_cell.angle_gamma        120.00 
_cell.Z_PDB              6 
_cell.pdbx_unique_axis   ? 
# 
_symmetry.entry_id                         1BB6 
_symmetry.space_group_name_H-M             'P 31 2 1' 
_symmetry.pdbx_full_space_group_name_H-M   ? 
_symmetry.cell_setting                     ? 
_symmetry.Int_Tables_number                152 
# 
_exptl.entry_id          1BB6 
_exptl.method            'X-RAY DIFFRACTION' 
_exptl.crystals_number   1 
# 
_exptl_crystal.id                    1 
_exptl_crystal.density_meas          ? 
_exptl_crystal.density_Matthews      3.25 
_exptl_crystal.density_percent_sol   62.0 
_exptl_crystal.description           ? 
# 
_exptl_crystal_grow.crystal_id      1 
_exptl_crystal_grow.method          ? 
_exptl_crystal_grow.temp            ? 
_exptl_crystal_grow.temp_details    ? 
_exptl_crystal_grow.pH              10.0 
_exptl_crystal_grow.pdbx_pH_range   ? 
_exptl_crystal_grow.pdbx_details    'pH 10.0' 
# 
_diffrn.id                     1 
_diffrn.ambient_temp           298 
_diffrn.ambient_temp_details   ? 
_diffrn.crystal_id             1 
# 
_diffrn_detector.diffrn_id              1 
_diffrn_detector.detector               DIFFRACTOMETER 
_diffrn_detector.type                   'ENRAF-NONIUS FAST' 
_diffrn_detector.pdbx_collection_date   1996-03 
_diffrn_detector.details                ? 
# 
_diffrn_radiation.diffrn_id                        1 
_diffrn_radiation.wavelength_id                    1 
_diffrn_radiation.pdbx_monochromatic_or_laue_m_l   M 
_diffrn_radiation.monochromator                    'GRAPHITE(002)' 
_diffrn_radiation.pdbx_diffrn_protocol             ? 
_diffrn_radiation.pdbx_scattering_type             x-ray 
# 
_diffrn_radiation_wavelength.id           1 
_diffrn_radiation_wavelength.wavelength   1.5418 
_diffrn_radiation_wavelength.wt           1.0 
# 
_diffrn_source.diffrn_id                   1 
_diffrn_source.source                      'ROTATING ANODE' 
_diffrn_source.type                        'ENRAF-NONIUS FR571' 
_diffrn_source.pdbx_synchrotron_site       ? 
_diffrn_source.pdbx_synchrotron_beamline   ? 
_diffrn_source.pdbx_wavelength             1.5418 
_diffrn_source.pdbx_wavelength_list        ? 
# 
_reflns.entry_id                     1BB6 
_reflns.observed_criterion_sigma_I   1 
_reflns.observed_criterion_sigma_F   ? 
_reflns.d_resolution_low             28.0 
_reflns.d_resolution_high            2.0 
_reflns.number_obs                   11445 
_reflns.number_all                   ? 
_reflns.percent_possible_obs         89.5 
_reflns.pdbx_Rmerge_I_obs            0.01 
_reflns.pdbx_Rsym_value              ? 
_reflns.pdbx_netI_over_sigmaI        5.9 
_reflns.B_iso_Wilson_estimate        ? 
_reflns.pdbx_redundancy              1.8 
_reflns.pdbx_diffrn_id               1 
_reflns.pdbx_ordinal                 1 
# 
_reflns_shell.d_res_high             2.0 
_reflns_shell.d_res_low              2.1 
_reflns_shell.percent_possible_all   42.7 
_reflns_shell.Rmerge_I_obs           ? 
_reflns_shell.pdbx_Rsym_value        ? 
_reflns_shell.meanI_over_sigI_obs    1.8 
_reflns_shell.pdbx_redundancy        1.2 
_reflns_shell.pdbx_diffrn_id         ? 
_reflns_shell.pdbx_ordinal           1 
# 
_refine.entry_id                                 1BB6 
_refine.ls_number_reflns_obs                     11404 
_refine.ls_number_reflns_all                     ? 
_refine.pdbx_ls_sigma_I                          ? 
_refine.pdbx_ls_sigma_F                          1 
_refine.pdbx_data_cutoff_high_absF               ? 
_refine.pdbx_data_cutoff_low_absF                ? 
_refine.pdbx_data_cutoff_high_rms_absF           ? 
_refine.ls_d_res_low                             8.0 
_refine.ls_d_res_high                            2.0 
_refine.ls_percent_reflns_obs                    ? 
_refine.ls_R_factor_obs                          ? 
_refine.ls_R_factor_all                          ? 
_refine.ls_R_factor_R_work                       0.211 
_refine.ls_R_factor_R_free                       0.271 
_refine.ls_R_factor_R_free_error                 ? 
_refine.ls_R_factor_R_free_error_details         ? 
_refine.ls_percent_reflns_R_free                 5 
_refine.ls_number_reflns_R_free                  ? 
_refine.ls_number_parameters                     ? 
_refine.ls_number_restraints                     ? 
_refine.occupancy_min                            ? 
_refine.occupancy_max                            ? 
_refine.B_iso_mean                               18.87 
_refine.aniso_B[1][1]                            ? 
_refine.aniso_B[2][2]                            ? 
_refine.aniso_B[3][3]                            ? 
_refine.aniso_B[1][2]                            ? 
_refine.aniso_B[1][3]                            ? 
_refine.aniso_B[2][3]                            ? 
_refine.solvent_model_details                    ? 
_refine.solvent_model_param_ksol                 ? 
_refine.solvent_model_param_bsol                 ? 
_refine.pdbx_ls_cross_valid_method               THROUGHOUT 
_refine.details                                  ? 
_refine.pdbx_starting_model                      ? 
_refine.pdbx_method_to_determine_struct          'PHASES FOR NATIVE STRUCTURE' 
_refine.pdbx_isotropic_thermal_model             ? 
_refine.pdbx_stereochemistry_target_values       ? 
_refine.pdbx_stereochem_target_val_spec_case     ? 
_refine.pdbx_R_Free_selection_details            RANDOM 
_refine.pdbx_overall_ESU_R                       ? 
_refine.pdbx_overall_ESU_R_Free                  ? 
_refine.overall_SU_ML                            ? 
_refine.overall_SU_B                             ? 
_refine.pdbx_refine_id                           'X-RAY DIFFRACTION' 
_refine.pdbx_diffrn_id                           1 
_refine.pdbx_TLS_residual_ADP_flag               ? 
_refine.correlation_coeff_Fo_to_Fc               ? 
_refine.correlation_coeff_Fo_to_Fc_free          ? 
_refine.pdbx_solvent_vdw_probe_radii             ? 
_refine.pdbx_solvent_ion_probe_radii             ? 
_refine.pdbx_solvent_shrinkage_radii             ? 
_refine.pdbx_overall_phase_error                 ? 
_refine.overall_SU_R_Cruickshank_DPI             ? 
_refine.pdbx_overall_SU_R_free_Cruickshank_DPI   ? 
_refine.pdbx_overall_SU_R_Blow_DPI               ? 
_refine.pdbx_overall_SU_R_free_Blow_DPI          ? 
# 
_refine_analyze.entry_id                        1BB6 
_refine_analyze.Luzzati_coordinate_error_obs    0.25 
_refine_analyze.Luzzati_sigma_a_obs             ? 
_refine_analyze.Luzzati_d_res_low_obs           ? 
_refine_analyze.Luzzati_coordinate_error_free   ? 
_refine_analyze.Luzzati_sigma_a_free            ? 
_refine_analyze.Luzzati_d_res_low_free          ? 
_refine_analyze.number_disordered_residues      ? 
_refine_analyze.occupancy_sum_hydrogen          ? 
_refine_analyze.occupancy_sum_non_hydrogen      ? 
_refine_analyze.pdbx_refine_id                  'X-RAY DIFFRACTION' 
# 
_refine_hist.pdbx_refine_id                   'X-RAY DIFFRACTION' 
_refine_hist.cycle_id                         LAST 
_refine_hist.pdbx_number_atoms_protein        999 
_refine_hist.pdbx_number_atoms_nucleic_acid   0 
_refine_hist.pdbx_number_atoms_ligand         55 
_refine_hist.number_atoms_solvent             142 
_refine_hist.number_atoms_total               1196 
_refine_hist.d_res_high                       2.0 
_refine_hist.d_res_low                        8.0 
# 
loop_
_refine_ls_restr.type 
_refine_ls_restr.dev_ideal 
_refine_ls_restr.dev_ideal_target 
_refine_ls_restr.weight 
_refine_ls_restr.number 
_refine_ls_restr.pdbx_refine_id 
_refine_ls_restr.pdbx_restraint_function 
p_bond_d            0.015 0.020 ? ? 'X-RAY DIFFRACTION' ? 
p_angle_d           0.040 0.040 ? ? 'X-RAY DIFFRACTION' ? 
p_angle_deg         ?     ?     ? ? 'X-RAY DIFFRACTION' ? 
p_planar_d          0.038 0.050 ? ? 'X-RAY DIFFRACTION' ? 
p_hb_or_metal_coord ?     ?     ? ? 'X-RAY DIFFRACTION' ? 
p_mcbond_it         ?     ?     ? ? 'X-RAY DIFFRACTION' ? 
p_mcangle_it        ?     ?     ? ? 'X-RAY DIFFRACTION' ? 
p_scbond_it         ?     ?     ? ? 'X-RAY DIFFRACTION' ? 
p_scangle_it        ?     ?     ? ? 'X-RAY DIFFRACTION' ? 
p_plane_restr       0.009 ?     ? ? 'X-RAY DIFFRACTION' ? 
p_chiral_restr      0.028 0.060 ? ? 'X-RAY DIFFRACTION' ? 
p_singtor_nbd       0.160 0.3   ? ? 'X-RAY DIFFRACTION' ? 
p_multtor_nbd       0.188 0.3   ? ? 'X-RAY DIFFRACTION' ? 
p_xhyhbond_nbd      ?     ?     ? ? 'X-RAY DIFFRACTION' ? 
p_xyhbond_nbd       ?     ?     ? ? 'X-RAY DIFFRACTION' ? 
p_planar_tor        ?     ?     ? ? 'X-RAY DIFFRACTION' ? 
p_staggered_tor     ?     ?     ? ? 'X-RAY DIFFRACTION' ? 
p_orthonormal_tor   ?     ?     ? ? 'X-RAY DIFFRACTION' ? 
p_transverse_tor    ?     ?     ? ? 'X-RAY DIFFRACTION' ? 
p_special_tor       ?     ?     ? ? 'X-RAY DIFFRACTION' ? 
# 
_struct.entry_id                  1BB6 
_struct.title                     'LYSOZYME COMPLEX WITH 4-METHYL-UMBELLIFERYL CHITOTRIOSE' 
_struct.pdbx_model_details        ? 
_struct.pdbx_CASP_flag            ? 
_struct.pdbx_model_type_details   ? 
# 
_struct_keywords.entry_id        1BB6 
_struct_keywords.pdbx_keywords   HYDROLASE 
_struct_keywords.text            'HYDROLASE, N-ACETYL-MURAMIDASE, UMBELLIFERONE GLYCOSIDES' 
# 
loop_
_struct_asym.id 
_struct_asym.pdbx_blank_PDB_chainid_flag 
_struct_asym.pdbx_modified 
_struct_asym.entity_id 
_struct_asym.details 
A N N 1 ? 
B N N 2 ? 
C N N 3 ? 
# 
_struct_ref.id                         1 
_struct_ref.db_name                    UNP 
_struct_ref.db_code                    LYSC2_ONCMY 
_struct_ref.entity_id                  1 
_struct_ref.pdbx_db_accession          P11941 
_struct_ref.pdbx_align_begin           1 
_struct_ref.pdbx_seq_one_letter_code   
;MRAVVVLLLVAVASAKVYDRCELARALKASGMDGYAGNSLPNWVCLSKWESSYNTQATNRNTDGSTDYGIFQINSRYWCD
DGRTPGAKNVCGIRCSQLLTADLTVAIRCAKRVVLDPNGIGAWVAWRLHCQNQDLRSYVAGCGV
;
_struct_ref.pdbx_db_isoform            ? 
# 
_struct_ref_seq.align_id                      1 
_struct_ref_seq.ref_id                        1 
_struct_ref_seq.pdbx_PDB_id_code              1BB6 
_struct_ref_seq.pdbx_strand_id                A 
_struct_ref_seq.seq_align_beg                 1 
_struct_ref_seq.pdbx_seq_align_beg_ins_code   ? 
_struct_ref_seq.seq_align_end                 129 
_struct_ref_seq.pdbx_seq_align_end_ins_code   ? 
_struct_ref_seq.pdbx_db_accession             P11941 
_struct_ref_seq.db_align_beg                  16 
_struct_ref_seq.pdbx_db_align_beg_ins_code    ? 
_struct_ref_seq.db_align_end                  144 
_struct_ref_seq.pdbx_db_align_end_ins_code    ? 
_struct_ref_seq.pdbx_auth_seq_align_beg       1 
_struct_ref_seq.pdbx_auth_seq_align_end       129 
# 
_struct_ref_seq_dif.align_id                     1 
_struct_ref_seq_dif.pdbx_pdb_id_code             1BB6 
_struct_ref_seq_dif.mon_id                       ASP 
_struct_ref_seq_dif.pdbx_pdb_strand_id           A 
_struct_ref_seq_dif.seq_num                      86 
_struct_ref_seq_dif.pdbx_pdb_ins_code            ? 
_struct_ref_seq_dif.pdbx_seq_db_name             UNP 
_struct_ref_seq_dif.pdbx_seq_db_accession_code   P11941 
_struct_ref_seq_dif.db_mon_id                    ALA 
_struct_ref_seq_dif.pdbx_seq_db_seq_num          101 
_struct_ref_seq_dif.details                      conflict 
_struct_ref_seq_dif.pdbx_auth_seq_num            86 
_struct_ref_seq_dif.pdbx_ordinal                 1 
# 
_pdbx_struct_assembly.id                   1 
_pdbx_struct_assembly.details              author_defined_assembly 
_pdbx_struct_assembly.method_details       ? 
_pdbx_struct_assembly.oligomeric_details   monomeric 
_pdbx_struct_assembly.oligomeric_count     1 
# 
_pdbx_struct_assembly_gen.assembly_id       1 
_pdbx_struct_assembly_gen.oper_expression   1 
_pdbx_struct_assembly_gen.asym_id_list      A,B,C 
# 
_pdbx_struct_oper_list.id                   1 
_pdbx_struct_oper_list.type                 'identity operation' 
_pdbx_struct_oper_list.name                 1_555 
_pdbx_struct_oper_list.symmetry_operation   x,y,z 
_pdbx_struct_oper_list.matrix[1][1]         1.0000000000 
_pdbx_struct_oper_list.matrix[1][2]         0.0000000000 
_pdbx_struct_oper_list.matrix[1][3]         0.0000000000 
_pdbx_struct_oper_list.vector[1]            0.0000000000 
_pdbx_struct_oper_list.matrix[2][1]         0.0000000000 
_pdbx_struct_oper_list.matrix[2][2]         1.0000000000 
_pdbx_struct_oper_list.matrix[2][3]         0.0000000000 
_pdbx_struct_oper_list.vector[2]            0.0000000000 
_pdbx_struct_oper_list.matrix[3][1]         0.0000000000 
_pdbx_struct_oper_list.matrix[3][2]         0.0000000000 
_pdbx_struct_oper_list.matrix[3][3]         1.0000000000 
_pdbx_struct_oper_list.vector[3]            0.0000000000 
# 
_struct_biol.id   1 
# 
loop_
_struct_conf.conf_type_id 
_struct_conf.id 
_struct_conf.pdbx_PDB_helix_id 
_struct_conf.beg_label_comp_id 
_struct_conf.beg_label_asym_id 
_struct_conf.beg_label_seq_id 
_struct_conf.pdbx_beg_PDB_ins_code 
_struct_conf.end_label_comp_id 
_struct_conf.end_label_asym_id 
_struct_conf.end_label_seq_id 
_struct_conf.pdbx_end_PDB_ins_code 
_struct_conf.beg_auth_comp_id 
_struct_conf.beg_auth_asym_id 
_struct_conf.beg_auth_seq_id 
_struct_conf.end_auth_comp_id 
_struct_conf.end_auth_asym_id 
_struct_conf.end_auth_seq_id 
_struct_conf.pdbx_PDB_helix_class 
_struct_conf.details 
_struct_conf.pdbx_PDB_helix_length 
HELX_P HELX_P1 1 ARG A 5   ? ALA A 14  ? ARG A 5   ALA A 14  1 ? 10 
HELX_P HELX_P2 2 TYR A 20  ? GLY A 22  ? TYR A 20  GLY A 22  5 ? 3  
HELX_P HELX_P3 3 LEU A 25  ? SER A 36  ? LEU A 25  SER A 36  1 ? 12 
HELX_P HELX_P4 4 CYS A 80  ? LEU A 83  ? CYS A 80  LEU A 83  5 ? 4  
HELX_P HELX_P5 5 THR A 89  ? LEU A 100 ? THR A 89  LEU A 100 1 ? 12 
HELX_P HELX_P6 6 GLY A 104 ? ALA A 107 ? GLY A 104 ALA A 107 5 ? 4  
HELX_P HELX_P7 7 VAL A 109 ? HIS A 114 ? VAL A 109 HIS A 114 1 ? 6  
HELX_P HELX_P8 8 ARG A 121 ? VAL A 124 ? ARG A 121 VAL A 124 1 ? 4  
# 
_struct_conf_type.id          HELX_P 
_struct_conf_type.criteria    ? 
_struct_conf_type.reference   ? 
# 
loop_
_struct_conn.id 
_struct_conn.conn_type_id 
_struct_conn.pdbx_leaving_atom_flag 
_struct_conn.pdbx_PDB_id 
_struct_conn.ptnr1_label_asym_id 
_struct_conn.ptnr1_label_comp_id 
_struct_conn.ptnr1_label_seq_id 
_struct_conn.ptnr1_label_atom_id 
_struct_conn.pdbx_ptnr1_label_alt_id 
_struct_conn.pdbx_ptnr1_PDB_ins_code 
_struct_conn.pdbx_ptnr1_standard_comp_id 
_struct_conn.ptnr1_symmetry 
_struct_conn.ptnr2_label_asym_id 
_struct_conn.ptnr2_label_comp_id 
_struct_conn.ptnr2_label_seq_id 
_struct_conn.ptnr2_label_atom_id 
_struct_conn.pdbx_ptnr2_label_alt_id 
_struct_conn.pdbx_ptnr2_PDB_ins_code 
_struct_conn.ptnr1_auth_asym_id 
_struct_conn.ptnr1_auth_comp_id 
_struct_conn.ptnr1_auth_seq_id 
_struct_conn.ptnr2_auth_asym_id 
_struct_conn.ptnr2_auth_comp_id 
_struct_conn.ptnr2_auth_seq_id 
_struct_conn.ptnr2_symmetry 
_struct_conn.pdbx_ptnr3_label_atom_id 
_struct_conn.pdbx_ptnr3_label_seq_id 
_struct_conn.pdbx_ptnr3_label_comp_id 
_struct_conn.pdbx_ptnr3_label_asym_id 
_struct_conn.pdbx_ptnr3_label_alt_id 
_struct_conn.pdbx_ptnr3_PDB_ins_code 
_struct_conn.details 
_struct_conn.pdbx_dist_value 
_struct_conn.pdbx_value_order 
_struct_conn.pdbx_role 
disulf1 disulf ? ? A CYS 6  SG ? ? ? 1_555 A CYS 127 SG ? ? A CYS 6  A CYS 127 1_555 ? ? ? ? ? ? ? 2.022 ? ? 
disulf2 disulf ? ? A CYS 30 SG ? ? ? 1_555 A CYS 115 SG ? ? A CYS 30 A CYS 115 1_555 ? ? ? ? ? ? ? 2.013 ? ? 
disulf3 disulf ? ? A CYS 64 SG ? ? ? 1_555 A CYS 80  SG ? ? A CYS 64 A CYS 80  1_555 ? ? ? ? ? ? ? 2.021 ? ? 
disulf4 disulf ? ? A CYS 76 SG ? ? ? 1_555 A CYS 94  SG ? ? A CYS 76 A CYS 94  1_555 ? ? ? ? ? ? ? 2.028 ? ? 
# 
_struct_conn_type.id          disulf 
_struct_conn_type.criteria    ? 
_struct_conn_type.reference   ? 
# 
loop_
_pdbx_modification_feature.ordinal 
_pdbx_modification_feature.label_comp_id 
_pdbx_modification_feature.label_asym_id 
_pdbx_modification_feature.label_seq_id 
_pdbx_modification_feature.label_alt_id 
_pdbx_modification_feature.modified_residue_label_comp_id 
_pdbx_modification_feature.modified_residue_label_asym_id 
_pdbx_modification_feature.modified_residue_label_seq_id 
_pdbx_modification_feature.modified_residue_label_alt_id 
_pdbx_modification_feature.auth_comp_id 
_pdbx_modification_feature.auth_asym_id 
_pdbx_modification_feature.auth_seq_id 
_pdbx_modification_feature.PDB_ins_code 
_pdbx_modification_feature.symmetry 
_pdbx_modification_feature.modified_residue_auth_comp_id 
_pdbx_modification_feature.modified_residue_auth_asym_id 
_pdbx_modification_feature.modified_residue_auth_seq_id 
_pdbx_modification_feature.modified_residue_PDB_ins_code 
_pdbx_modification_feature.modified_residue_symmetry 
_pdbx_modification_feature.comp_id_linking_atom 
_pdbx_modification_feature.modified_residue_id_linking_atom 
_pdbx_modification_feature.modified_residue_id 
_pdbx_modification_feature.ref_pcm_id 
_pdbx_modification_feature.ref_comp_id 
_pdbx_modification_feature.type 
_pdbx_modification_feature.category 
1 CYS A 6  ? CYS A 127 ? CYS A 6  ? 1_555 CYS A 127 ? 1_555 SG SG . . . None 'Disulfide bridge' 
2 CYS A 30 ? CYS A 115 ? CYS A 30 ? 1_555 CYS A 115 ? 1_555 SG SG . . . None 'Disulfide bridge' 
3 CYS A 64 ? CYS A 80  ? CYS A 64 ? 1_555 CYS A 80  ? 1_555 SG SG . . . None 'Disulfide bridge' 
4 CYS A 76 ? CYS A 94  ? CYS A 76 ? 1_555 CYS A 94  ? 1_555 SG SG . . . None 'Disulfide bridge' 
# 
_struct_sheet.id               A 
_struct_sheet.type             ? 
_struct_sheet.number_strands   2 
_struct_sheet.details          ? 
# 
_struct_sheet_order.sheet_id     A 
_struct_sheet_order.range_id_1   1 
_struct_sheet_order.range_id_2   2 
_struct_sheet_order.offset       ? 
_struct_sheet_order.sense        anti-parallel 
# 
loop_
_struct_sheet_range.sheet_id 
_struct_sheet_range.id 
_struct_sheet_range.beg_label_comp_id 
_struct_sheet_range.beg_label_asym_id 
_struct_sheet_range.beg_label_seq_id 
_struct_sheet_range.pdbx_beg_PDB_ins_code 
_struct_sheet_range.end_label_comp_id 
_struct_sheet_range.end_label_asym_id 
_struct_sheet_range.end_label_seq_id 
_struct_sheet_range.pdbx_end_PDB_ins_code 
_struct_sheet_range.beg_auth_comp_id 
_struct_sheet_range.beg_auth_asym_id 
_struct_sheet_range.beg_auth_seq_id 
_struct_sheet_range.end_auth_comp_id 
_struct_sheet_range.end_auth_asym_id 
_struct_sheet_range.end_auth_seq_id 
A 1 THR A 43 ? ARG A 45 ? THR A 43 ARG A 45 
A 2 THR A 51 ? TYR A 53 ? THR A 51 TYR A 53 
# 
_pdbx_struct_sheet_hbond.sheet_id                A 
_pdbx_struct_sheet_hbond.range_id_1              1 
_pdbx_struct_sheet_hbond.range_id_2              2 
_pdbx_struct_sheet_hbond.range_1_label_atom_id   O 
_pdbx_struct_sheet_hbond.range_1_label_comp_id   ASN 
_pdbx_struct_sheet_hbond.range_1_label_asym_id   A 
_pdbx_struct_sheet_hbond.range_1_label_seq_id    44 
_pdbx_struct_sheet_hbond.range_1_PDB_ins_code    ? 
_pdbx_struct_sheet_hbond.range_1_auth_atom_id    O 
_pdbx_struct_sheet_hbond.range_1_auth_comp_id    ASN 
_pdbx_struct_sheet_hbond.range_1_auth_asym_id    A 
_pdbx_struct_sheet_hbond.range_1_auth_seq_id     44 
_pdbx_struct_sheet_hbond.range_2_label_atom_id   N 
_pdbx_struct_sheet_hbond.range_2_label_comp_id   ASP 
_pdbx_struct_sheet_hbond.range_2_label_asym_id   A 
_pdbx_struct_sheet_hbond.range_2_label_seq_id    52 
_pdbx_struct_sheet_hbond.range_2_PDB_ins_code    ? 
_pdbx_struct_sheet_hbond.range_2_auth_atom_id    N 
_pdbx_struct_sheet_hbond.range_2_auth_comp_id    ASP 
_pdbx_struct_sheet_hbond.range_2_auth_asym_id    A 
_pdbx_struct_sheet_hbond.range_2_auth_seq_id     52 
# 
loop_
_struct_site.id 
_struct_site.pdbx_evidence_code 
_struct_site.pdbx_auth_asym_id 
_struct_site.pdbx_auth_comp_id 
_struct_site.pdbx_auth_seq_id 
_struct_site.pdbx_auth_ins_code 
_struct_site.pdbx_num_residues 
_struct_site.details 
NUL Unknown  ? ?   ?   ? 2  'CATALYTICALLY ACTIVE RESIDUES.'     
AC1 Software A UMG 130 ? 20 'BINDING SITE FOR RESIDUE UMG A 130' 
# 
loop_
_struct_site_gen.id 
_struct_site_gen.site_id 
_struct_site_gen.pdbx_num_res 
_struct_site_gen.label_comp_id 
_struct_site_gen.label_asym_id 
_struct_site_gen.label_seq_id 
_struct_site_gen.pdbx_auth_ins_code 
_struct_site_gen.auth_comp_id 
_struct_site_gen.auth_asym_id 
_struct_site_gen.auth_seq_id 
_struct_site_gen.label_atom_id 
_struct_site_gen.label_alt_id 
_struct_site_gen.symmetry 
_struct_site_gen.details 
1  NUL 2  GLU A 35  ? GLU A 35  . ? 1_555 ? 
2  NUL 2  ASP A 52  ? ASP A 52  . ? 1_555 ? 
3  AC1 20 ASN A 46  ? ASN A 46  . ? 1_555 ? 
4  AC1 20 ASP A 52  ? ASP A 52  . ? 1_555 ? 
5  AC1 20 ILE A 58  ? ILE A 58  . ? 1_555 ? 
6  AC1 20 ASN A 59  ? ASN A 59  . ? 1_555 ? 
7  AC1 20 TYR A 62  ? TYR A 62  . ? 1_555 ? 
8  AC1 20 TRP A 63  ? TRP A 63  . ? 1_555 ? 
9  AC1 20 VAL A 75  ? VAL A 75  . ? 1_555 ? 
10 AC1 20 ARG A 97  ? ARG A 97  . ? 1_555 ? 
11 AC1 20 ASP A 101 ? ASP A 101 . ? 1_555 ? 
12 AC1 20 PRO A 102 ? PRO A 102 . ? 1_555 ? 
13 AC1 20 ASN A 103 ? ASN A 103 . ? 1_555 ? 
14 AC1 20 ALA A 107 ? ALA A 107 . ? 1_555 ? 
15 AC1 20 TRP A 108 ? TRP A 108 . ? 1_555 ? 
16 AC1 20 HOH C .   ? HOH A 149 . ? 1_555 ? 
17 AC1 20 HOH C .   ? HOH A 151 . ? 1_555 ? 
18 AC1 20 HOH C .   ? HOH A 219 . ? 1_555 ? 
19 AC1 20 HOH C .   ? HOH A 237 . ? 1_555 ? 
20 AC1 20 HOH C .   ? HOH A 259 . ? 1_555 ? 
21 AC1 20 HOH C .   ? HOH A 261 . ? 1_555 ? 
22 AC1 20 HOH C .   ? HOH A 273 . ? 1_555 ? 
# 
_pdbx_entry_details.entry_id                   1BB6 
_pdbx_entry_details.compound_details           ? 
_pdbx_entry_details.source_details             ? 
_pdbx_entry_details.nonpolymer_details         ? 
_pdbx_entry_details.sequence_details           ? 
_pdbx_entry_details.has_ligand_of_interest     ? 
_pdbx_entry_details.has_protein_modification   Y 
# 
loop_
_pdbx_validate_symm_contact.id 
_pdbx_validate_symm_contact.PDB_model_num 
_pdbx_validate_symm_contact.auth_atom_id_1 
_pdbx_validate_symm_contact.auth_asym_id_1 
_pdbx_validate_symm_contact.auth_comp_id_1 
_pdbx_validate_symm_contact.auth_seq_id_1 
_pdbx_validate_symm_contact.PDB_ins_code_1 
_pdbx_validate_symm_contact.label_alt_id_1 
_pdbx_validate_symm_contact.site_symmetry_1 
_pdbx_validate_symm_contact.auth_atom_id_2 
_pdbx_validate_symm_contact.auth_asym_id_2 
_pdbx_validate_symm_contact.auth_comp_id_2 
_pdbx_validate_symm_contact.auth_seq_id_2 
_pdbx_validate_symm_contact.PDB_ins_code_2 
_pdbx_validate_symm_contact.label_alt_id_2 
_pdbx_validate_symm_contact.site_symmetry_2 
_pdbx_validate_symm_contact.dist 
1  1 N   A SER 81  ? ? 1_555 O   A HOH 197 ? ? 2_655 0.56 
2  1 CG2 A VAL 2   ? ? 1_555 OE1 A GLN 82  ? ? 3_664 1.09 
3  1 CG2 A VAL 2   ? ? 1_555 CD  A GLN 82  ? ? 3_664 1.25 
4  1 CA  A SER 81  ? ? 1_555 O   A HOH 197 ? ? 2_655 1.34 
5  1 CB  A ASN 39  ? ? 1_555 O   A HOH 241 ? ? 3_664 1.37 
6  1 O   A HOH 231 ? ? 1_555 O   A HOH 231 ? ? 4_556 1.44 
7  1 OE1 A GLN 41  ? ? 1_555 NE  A ARG 79  ? ? 3_664 1.60 
8  1 CG  A ASN 39  ? ? 1_555 O   A HOH 241 ? ? 3_664 1.65 
9  1 CB  A VAL 2   ? ? 1_555 CD  A GLN 82  ? ? 3_664 1.66 
10 1 C   A CYS 80  ? ? 1_555 O   A HOH 197 ? ? 2_655 1.79 
11 1 CG2 A VAL 2   ? ? 1_555 NE2 A GLN 82  ? ? 3_664 1.80 
12 1 O   A VAL 2   ? ? 1_555 O   A HOH 201 ? ? 3_664 1.84 
13 1 OE1 A GLN 41  ? ? 1_555 CZ  A ARG 79  ? ? 3_664 1.85 
14 1 CB  A VAL 2   ? ? 1_555 NE2 A GLN 82  ? ? 3_664 1.89 
15 1 CG1 A VAL 2   ? ? 1_555 NE2 A GLN 82  ? ? 3_664 1.90 
16 1 CD  A GLN 41  ? ? 1_555 CZ  A ARG 79  ? ? 3_664 1.91 
17 1 O   A HOH 170 ? ? 1_555 O   A HOH 229 ? ? 4_556 1.92 
18 1 O   A HOH 154 ? ? 1_555 O   A HOH 238 ? ? 3_665 1.93 
19 1 O   A HOH 139 ? ? 1_555 O   A HOH 176 ? ? 2_655 1.95 
20 1 O   A HOH 249 ? ? 1_555 O   A HOH 249 ? ? 4_556 1.96 
21 1 O   A HOH 137 ? ? 1_555 O   A HOH 214 ? ? 3_664 1.97 
22 1 O   A PRO 102 ? ? 1_555 O   A HOH 248 ? ? 4_556 1.97 
23 1 O   A ASP 48  ? ? 1_555 O   A HOH 184 ? ? 6_766 2.00 
24 1 CG2 A VAL 90  ? ? 1_555 O   A HOH 181 ? ? 2_655 2.03 
25 1 CB  A SER 81  ? ? 1_555 O   A HOH 197 ? ? 2_655 2.05 
26 1 CD  A GLN 41  ? ? 1_555 NH2 A ARG 79  ? ? 3_664 2.08 
27 1 CB  A VAL 2   ? ? 1_555 CG  A GLN 82  ? ? 3_664 2.10 
28 1 CG  A GLN 41  ? ? 1_555 NH2 A ARG 79  ? ? 3_664 2.12 
29 1 OE1 A GLN 41  ? ? 1_555 CD  A ARG 79  ? ? 3_664 2.14 
30 1 CA  A ASN 39  ? ? 1_555 O   A HOH 241 ? ? 3_664 2.15 
31 1 O   A HOH 161 ? ? 1_555 O   A HOH 227 ? ? 3_665 2.17 
# 
loop_
_pdbx_validate_rmsd_angle.id 
_pdbx_validate_rmsd_angle.PDB_model_num 
_pdbx_validate_rmsd_angle.auth_atom_id_1 
_pdbx_validate_rmsd_angle.auth_asym_id_1 
_pdbx_validate_rmsd_angle.auth_comp_id_1 
_pdbx_validate_rmsd_angle.auth_seq_id_1 
_pdbx_validate_rmsd_angle.PDB_ins_code_1 
_pdbx_validate_rmsd_angle.label_alt_id_1 
_pdbx_validate_rmsd_angle.auth_atom_id_2 
_pdbx_validate_rmsd_angle.auth_asym_id_2 
_pdbx_validate_rmsd_angle.auth_comp_id_2 
_pdbx_validate_rmsd_angle.auth_seq_id_2 
_pdbx_validate_rmsd_angle.PDB_ins_code_2 
_pdbx_validate_rmsd_angle.label_alt_id_2 
_pdbx_validate_rmsd_angle.auth_atom_id_3 
_pdbx_validate_rmsd_angle.auth_asym_id_3 
_pdbx_validate_rmsd_angle.auth_comp_id_3 
_pdbx_validate_rmsd_angle.auth_seq_id_3 
_pdbx_validate_rmsd_angle.PDB_ins_code_3 
_pdbx_validate_rmsd_angle.label_alt_id_3 
_pdbx_validate_rmsd_angle.angle_value 
_pdbx_validate_rmsd_angle.angle_target_value 
_pdbx_validate_rmsd_angle.angle_deviation 
_pdbx_validate_rmsd_angle.angle_standard_deviation 
_pdbx_validate_rmsd_angle.linker_flag 
1  1 CB A ASP 18  ? ? CG A ASP 18  ? ? OD1 A ASP 18  ? ? 124.87 118.30 6.57  0.90 N 
2  1 NE A ARG 45  ? ? CZ A ARG 45  ? ? NH1 A ARG 45  ? ? 125.75 120.30 5.45  0.50 N 
3  1 CB A ASP 48  ? ? CG A ASP 48  ? ? OD1 A ASP 48  ? ? 123.86 118.30 5.56  0.90 N 
4  1 NE A ARG 61  ? ? CZ A ARG 61  ? ? NH2 A ARG 61  ? ? 116.78 120.30 -3.52 0.50 N 
5  1 CD A ARG 68  ? ? NE A ARG 68  ? ? CZ  A ARG 68  ? ? 138.99 123.60 15.39 1.40 N 
6  1 NE A ARG 68  ? ? CZ A ARG 68  ? ? NH1 A ARG 68  ? ? 124.29 120.30 3.99  0.50 N 
7  1 NE A ARG 93  ? ? CZ A ARG 93  ? ? NH2 A ARG 93  ? ? 117.16 120.30 -3.14 0.50 N 
8  1 NE A ARG 97  ? ? CZ A ARG 97  ? ? NH1 A ARG 97  ? ? 126.37 120.30 6.07  0.50 N 
9  1 NE A ARG 97  ? ? CZ A ARG 97  ? ? NH2 A ARG 97  ? ? 116.50 120.30 -3.80 0.50 N 
10 1 NE A ARG 112 ? ? CZ A ARG 112 ? ? NH1 A ARG 112 ? ? 123.71 120.30 3.41  0.50 N 
11 1 CD A ARG 121 ? ? NE A ARG 121 ? ? CZ  A ARG 121 ? ? 132.99 123.60 9.39  1.40 N 
# 
loop_
_chem_comp_atom.comp_id 
_chem_comp_atom.atom_id 
_chem_comp_atom.type_symbol 
_chem_comp_atom.pdbx_aromatic_flag 
_chem_comp_atom.pdbx_stereo_config 
_chem_comp_atom.pdbx_ordinal 
ALA N    N N N 1   
ALA CA   C N S 2   
ALA C    C N N 3   
ALA O    O N N 4   
ALA CB   C N N 5   
ALA OXT  O N N 6   
ALA H    H N N 7   
ALA H2   H N N 8   
ALA HA   H N N 9   
ALA HB1  H N N 10  
ALA HB2  H N N 11  
ALA HB3  H N N 12  
ALA HXT  H N N 13  
ARG N    N N N 14  
ARG CA   C N S 15  
ARG C    C N N 16  
ARG O    O N N 17  
ARG CB   C N N 18  
ARG CG   C N N 19  
ARG CD   C N N 20  
ARG NE   N N N 21  
ARG CZ   C N N 22  
ARG NH1  N N N 23  
ARG NH2  N N N 24  
ARG OXT  O N N 25  
ARG H    H N N 26  
ARG H2   H N N 27  
ARG HA   H N N 28  
ARG HB2  H N N 29  
ARG HB3  H N N 30  
ARG HG2  H N N 31  
ARG HG3  H N N 32  
ARG HD2  H N N 33  
ARG HD3  H N N 34  
ARG HE   H N N 35  
ARG HH11 H N N 36  
ARG HH12 H N N 37  
ARG HH21 H N N 38  
ARG HH22 H N N 39  
ARG HXT  H N N 40  
ASN N    N N N 41  
ASN CA   C N S 42  
ASN C    C N N 43  
ASN O    O N N 44  
ASN CB   C N N 45  
ASN CG   C N N 46  
ASN OD1  O N N 47  
ASN ND2  N N N 48  
ASN OXT  O N N 49  
ASN H    H N N 50  
ASN H2   H N N 51  
ASN HA   H N N 52  
ASN HB2  H N N 53  
ASN HB3  H N N 54  
ASN HD21 H N N 55  
ASN HD22 H N N 56  
ASN HXT  H N N 57  
ASP N    N N N 58  
ASP CA   C N S 59  
ASP C    C N N 60  
ASP O    O N N 61  
ASP CB   C N N 62  
ASP CG   C N N 63  
ASP OD1  O N N 64  
ASP OD2  O N N 65  
ASP OXT  O N N 66  
ASP H    H N N 67  
ASP H2   H N N 68  
ASP HA   H N N 69  
ASP HB2  H N N 70  
ASP HB3  H N N 71  
ASP HD2  H N N 72  
ASP HXT  H N N 73  
CYS N    N N N 74  
CYS CA   C N R 75  
CYS C    C N N 76  
CYS O    O N N 77  
CYS CB   C N N 78  
CYS SG   S N N 79  
CYS OXT  O N N 80  
CYS H    H N N 81  
CYS H2   H N N 82  
CYS HA   H N N 83  
CYS HB2  H N N 84  
CYS HB3  H N N 85  
CYS HG   H N N 86  
CYS HXT  H N N 87  
GLN N    N N N 88  
GLN CA   C N S 89  
GLN C    C N N 90  
GLN O    O N N 91  
GLN CB   C N N 92  
GLN CG   C N N 93  
GLN CD   C N N 94  
GLN OE1  O N N 95  
GLN NE2  N N N 96  
GLN OXT  O N N 97  
GLN H    H N N 98  
GLN H2   H N N 99  
GLN HA   H N N 100 
GLN HB2  H N N 101 
GLN HB3  H N N 102 
GLN HG2  H N N 103 
GLN HG3  H N N 104 
GLN HE21 H N N 105 
GLN HE22 H N N 106 
GLN HXT  H N N 107 
GLU N    N N N 108 
GLU CA   C N S 109 
GLU C    C N N 110 
GLU O    O N N 111 
GLU CB   C N N 112 
GLU CG   C N N 113 
GLU CD   C N N 114 
GLU OE1  O N N 115 
GLU OE2  O N N 116 
GLU OXT  O N N 117 
GLU H    H N N 118 
GLU H2   H N N 119 
GLU HA   H N N 120 
GLU HB2  H N N 121 
GLU HB3  H N N 122 
GLU HG2  H N N 123 
GLU HG3  H N N 124 
GLU HE2  H N N 125 
GLU HXT  H N N 126 
GLY N    N N N 127 
GLY CA   C N N 128 
GLY C    C N N 129 
GLY O    O N N 130 
GLY OXT  O N N 131 
GLY H    H N N 132 
GLY H2   H N N 133 
GLY HA2  H N N 134 
GLY HA3  H N N 135 
GLY HXT  H N N 136 
HIS N    N N N 137 
HIS CA   C N S 138 
HIS C    C N N 139 
HIS O    O N N 140 
HIS CB   C N N 141 
HIS CG   C Y N 142 
HIS ND1  N Y N 143 
HIS CD2  C Y N 144 
HIS CE1  C Y N 145 
HIS NE2  N Y N 146 
HIS OXT  O N N 147 
HIS H    H N N 148 
HIS H2   H N N 149 
HIS HA   H N N 150 
HIS HB2  H N N 151 
HIS HB3  H N N 152 
HIS HD1  H N N 153 
HIS HD2  H N N 154 
HIS HE1  H N N 155 
HIS HE2  H N N 156 
HIS HXT  H N N 157 
HOH O    O N N 158 
HOH H1   H N N 159 
HOH H2   H N N 160 
ILE N    N N N 161 
ILE CA   C N S 162 
ILE C    C N N 163 
ILE O    O N N 164 
ILE CB   C N S 165 
ILE CG1  C N N 166 
ILE CG2  C N N 167 
ILE CD1  C N N 168 
ILE OXT  O N N 169 
ILE H    H N N 170 
ILE H2   H N N 171 
ILE HA   H N N 172 
ILE HB   H N N 173 
ILE HG12 H N N 174 
ILE HG13 H N N 175 
ILE HG21 H N N 176 
ILE HG22 H N N 177 
ILE HG23 H N N 178 
ILE HD11 H N N 179 
ILE HD12 H N N 180 
ILE HD13 H N N 181 
ILE HXT  H N N 182 
LEU N    N N N 183 
LEU CA   C N S 184 
LEU C    C N N 185 
LEU O    O N N 186 
LEU CB   C N N 187 
LEU CG   C N N 188 
LEU CD1  C N N 189 
LEU CD2  C N N 190 
LEU OXT  O N N 191 
LEU H    H N N 192 
LEU H2   H N N 193 
LEU HA   H N N 194 
LEU HB2  H N N 195 
LEU HB3  H N N 196 
LEU HG   H N N 197 
LEU HD11 H N N 198 
LEU HD12 H N N 199 
LEU HD13 H N N 200 
LEU HD21 H N N 201 
LEU HD22 H N N 202 
LEU HD23 H N N 203 
LEU HXT  H N N 204 
LYS N    N N N 205 
LYS CA   C N S 206 
LYS C    C N N 207 
LYS O    O N N 208 
LYS CB   C N N 209 
LYS CG   C N N 210 
LYS CD   C N N 211 
LYS CE   C N N 212 
LYS NZ   N N N 213 
LYS OXT  O N N 214 
LYS H    H N N 215 
LYS H2   H N N 216 
LYS HA   H N N 217 
LYS HB2  H N N 218 
LYS HB3  H N N 219 
LYS HG2  H N N 220 
LYS HG3  H N N 221 
LYS HD2  H N N 222 
LYS HD3  H N N 223 
LYS HE2  H N N 224 
LYS HE3  H N N 225 
LYS HZ1  H N N 226 
LYS HZ2  H N N 227 
LYS HZ3  H N N 228 
LYS HXT  H N N 229 
MET N    N N N 230 
MET CA   C N S 231 
MET C    C N N 232 
MET O    O N N 233 
MET CB   C N N 234 
MET CG   C N N 235 
MET SD   S N N 236 
MET CE   C N N 237 
MET OXT  O N N 238 
MET H    H N N 239 
MET H2   H N N 240 
MET HA   H N N 241 
MET HB2  H N N 242 
MET HB3  H N N 243 
MET HG2  H N N 244 
MET HG3  H N N 245 
MET HE1  H N N 246 
MET HE2  H N N 247 
MET HE3  H N N 248 
MET HXT  H N N 249 
PHE N    N N N 250 
PHE CA   C N S 251 
PHE C    C N N 252 
PHE O    O N N 253 
PHE CB   C N N 254 
PHE CG   C Y N 255 
PHE CD1  C Y N 256 
PHE CD2  C Y N 257 
PHE CE1  C Y N 258 
PHE CE2  C Y N 259 
PHE CZ   C Y N 260 
PHE OXT  O N N 261 
PHE H    H N N 262 
PHE H2   H N N 263 
PHE HA   H N N 264 
PHE HB2  H N N 265 
PHE HB3  H N N 266 
PHE HD1  H N N 267 
PHE HD2  H N N 268 
PHE HE1  H N N 269 
PHE HE2  H N N 270 
PHE HZ   H N N 271 
PHE HXT  H N N 272 
PRO N    N N N 273 
PRO CA   C N S 274 
PRO C    C N N 275 
PRO O    O N N 276 
PRO CB   C N N 277 
PRO CG   C N N 278 
PRO CD   C N N 279 
PRO OXT  O N N 280 
PRO H    H N N 281 
PRO HA   H N N 282 
PRO HB2  H N N 283 
PRO HB3  H N N 284 
PRO HG2  H N N 285 
PRO HG3  H N N 286 
PRO HD2  H N N 287 
PRO HD3  H N N 288 
PRO HXT  H N N 289 
SER N    N N N 290 
SER CA   C N S 291 
SER C    C N N 292 
SER O    O N N 293 
SER CB   C N N 294 
SER OG   O N N 295 
SER OXT  O N N 296 
SER H    H N N 297 
SER H2   H N N 298 
SER HA   H N N 299 
SER HB2  H N N 300 
SER HB3  H N N 301 
SER HG   H N N 302 
SER HXT  H N N 303 
THR N    N N N 304 
THR CA   C N S 305 
THR C    C N N 306 
THR O    O N N 307 
THR CB   C N R 308 
THR OG1  O N N 309 
THR CG2  C N N 310 
THR OXT  O N N 311 
THR H    H N N 312 
THR H2   H N N 313 
THR HA   H N N 314 
THR HB   H N N 315 
THR HG1  H N N 316 
THR HG21 H N N 317 
THR HG22 H N N 318 
THR HG23 H N N 319 
THR HXT  H N N 320 
TRP N    N N N 321 
TRP CA   C N S 322 
TRP C    C N N 323 
TRP O    O N N 324 
TRP CB   C N N 325 
TRP CG   C Y N 326 
TRP CD1  C Y N 327 
TRP CD2  C Y N 328 
TRP NE1  N Y N 329 
TRP CE2  C Y N 330 
TRP CE3  C Y N 331 
TRP CZ2  C Y N 332 
TRP CZ3  C Y N 333 
TRP CH2  C Y N 334 
TRP OXT  O N N 335 
TRP H    H N N 336 
TRP H2   H N N 337 
TRP HA   H N N 338 
TRP HB2  H N N 339 
TRP HB3  H N N 340 
TRP HD1  H N N 341 
TRP HE1  H N N 342 
TRP HE3  H N N 343 
TRP HZ2  H N N 344 
TRP HZ3  H N N 345 
TRP HH2  H N N 346 
TRP HXT  H N N 347 
TYR N    N N N 348 
TYR CA   C N S 349 
TYR C    C N N 350 
TYR O    O N N 351 
TYR CB   C N N 352 
TYR CG   C Y N 353 
TYR CD1  C Y N 354 
TYR CD2  C Y N 355 
TYR CE1  C Y N 356 
TYR CE2  C Y N 357 
TYR CZ   C Y N 358 
TYR OH   O N N 359 
TYR OXT  O N N 360 
TYR H    H N N 361 
TYR H2   H N N 362 
TYR HA   H N N 363 
TYR HB2  H N N 364 
TYR HB3  H N N 365 
TYR HD1  H N N 366 
TYR HD2  H N N 367 
TYR HE1  H N N 368 
TYR HE2  H N N 369 
TYR HH   H N N 370 
TYR HXT  H N N 371 
UMG O1   O Y N 372 
UMG C2   C Y N 373 
UMG O2   O N N 374 
UMG C3   C Y N 375 
UMG C4   C Y N 376 
UMG C5   C Y N 377 
UMG C6   C Y N 378 
UMG C7   C Y N 379 
UMG C8   C Y N 380 
UMG C1   C Y N 381 
UMG C9   C Y N 382 
UMG C10  C N N 383 
UMG O3   O N N 384 
UMG C11  C N R 385 
UMG C12  C N R 386 
UMG C13  C N R 387 
UMG C14  C N S 388 
UMG C15  C N R 389 
UMG O4   O N N 390 
UMG N1   N N N 391 
UMG C16  C N N 392 
UMG O5   O N N 393 
UMG C17  C N N 394 
UMG O6   O N N 395 
UMG C18  C N N 396 
UMG O7   O N N 397 
UMG O8   O N N 398 
UMG C19  C N S 399 
UMG C20  C N R 400 
UMG C21  C N R 401 
UMG C22  C N S 402 
UMG C23  C N R 403 
UMG O9   O N N 404 
UMG N2   N N N 405 
UMG O10  O N N 406 
UMG C24  C N N 407 
UMG O11  O N N 408 
UMG C25  C N N 409 
UMG O12  O N N 410 
UMG C26  C N N 411 
UMG O13  O N N 412 
UMG C27  C N S 413 
UMG C28  C N R 414 
UMG C29  C N R 415 
UMG C30  C N S 416 
UMG C31  C N R 417 
UMG O14  O N N 418 
UMG N3   N N N 419 
UMG O15  O N N 420 
UMG C32  C N N 421 
UMG O16  O N N 422 
UMG O17  O N N 423 
UMG C33  C N N 424 
UMG O18  O N N 425 
UMG C34  C N N 426 
UMG H2   H N N 427 
UMG H3   H N N 428 
UMG H5   H N N 429 
UMG H7   H N N 430 
UMG H101 H N N 431 
UMG H102 H N N 432 
UMG H103 H N N 433 
UMG H11  H N N 434 
UMG H12  H N N 435 
UMG H13  H N N 436 
UMG H14  H N N 437 
UMG H15  H N N 438 
UMG HN1  H N N 439 
UMG H161 H N N 440 
UMG H162 H N N 441 
UMG HO5  H N N 442 
UMG H181 H N N 443 
UMG H182 H N N 444 
UMG H183 H N N 445 
UMG HO8  H N N 446 
UMG H19  H N N 447 
UMG H20  H N N 448 
UMG H21  H N N 449 
UMG H22  H N N 450 
UMG H23  H N N 451 
UMG HN2  H N N 452 
UMG H241 H N N 453 
UMG H242 H N N 454 
UMG HOB  H N N 455 
UMG H261 H N N 456 
UMG H262 H N N 457 
UMG H263 H N N 458 
UMG HOD  H N N 459 
UMG H27  H N N 460 
UMG H28  H N N 461 
UMG H29  H N N 462 
UMG H30  H N N 463 
UMG H31  H N N 464 
UMG HN3  H N N 465 
UMG HOF  H N N 466 
UMG H321 H N N 467 
UMG H322 H N N 468 
UMG HOG  H N N 469 
UMG HOH  H N N 470 
UMG H341 H N N 471 
UMG H342 H N N 472 
UMG H343 H N N 473 
VAL N    N N N 474 
VAL CA   C N S 475 
VAL C    C N N 476 
VAL O    O N N 477 
VAL CB   C N N 478 
VAL CG1  C N N 479 
VAL CG2  C N N 480 
VAL OXT  O N N 481 
VAL H    H N N 482 
VAL H2   H N N 483 
VAL HA   H N N 484 
VAL HB   H N N 485 
VAL HG11 H N N 486 
VAL HG12 H N N 487 
VAL HG13 H N N 488 
VAL HG21 H N N 489 
VAL HG22 H N N 490 
VAL HG23 H N N 491 
VAL HXT  H N N 492 
# 
loop_
_chem_comp_bond.comp_id 
_chem_comp_bond.atom_id_1 
_chem_comp_bond.atom_id_2 
_chem_comp_bond.value_order 
_chem_comp_bond.pdbx_aromatic_flag 
_chem_comp_bond.pdbx_stereo_config 
_chem_comp_bond.pdbx_ordinal 
ALA N   CA   sing N N 1   
ALA N   H    sing N N 2   
ALA N   H2   sing N N 3   
ALA CA  C    sing N N 4   
ALA CA  CB   sing N N 5   
ALA CA  HA   sing N N 6   
ALA C   O    doub N N 7   
ALA C   OXT  sing N N 8   
ALA CB  HB1  sing N N 9   
ALA CB  HB2  sing N N 10  
ALA CB  HB3  sing N N 11  
ALA OXT HXT  sing N N 12  
ARG N   CA   sing N N 13  
ARG N   H    sing N N 14  
ARG N   H2   sing N N 15  
ARG CA  C    sing N N 16  
ARG CA  CB   sing N N 17  
ARG CA  HA   sing N N 18  
ARG C   O    doub N N 19  
ARG C   OXT  sing N N 20  
ARG CB  CG   sing N N 21  
ARG CB  HB2  sing N N 22  
ARG CB  HB3  sing N N 23  
ARG CG  CD   sing N N 24  
ARG CG  HG2  sing N N 25  
ARG CG  HG3  sing N N 26  
ARG CD  NE   sing N N 27  
ARG CD  HD2  sing N N 28  
ARG CD  HD3  sing N N 29  
ARG NE  CZ   sing N N 30  
ARG NE  HE   sing N N 31  
ARG CZ  NH1  sing N N 32  
ARG CZ  NH2  doub N N 33  
ARG NH1 HH11 sing N N 34  
ARG NH1 HH12 sing N N 35  
ARG NH2 HH21 sing N N 36  
ARG NH2 HH22 sing N N 37  
ARG OXT HXT  sing N N 38  
ASN N   CA   sing N N 39  
ASN N   H    sing N N 40  
ASN N   H2   sing N N 41  
ASN CA  C    sing N N 42  
ASN CA  CB   sing N N 43  
ASN CA  HA   sing N N 44  
ASN C   O    doub N N 45  
ASN C   OXT  sing N N 46  
ASN CB  CG   sing N N 47  
ASN CB  HB2  sing N N 48  
ASN CB  HB3  sing N N 49  
ASN CG  OD1  doub N N 50  
ASN CG  ND2  sing N N 51  
ASN ND2 HD21 sing N N 52  
ASN ND2 HD22 sing N N 53  
ASN OXT HXT  sing N N 54  
ASP N   CA   sing N N 55  
ASP N   H    sing N N 56  
ASP N   H2   sing N N 57  
ASP CA  C    sing N N 58  
ASP CA  CB   sing N N 59  
ASP CA  HA   sing N N 60  
ASP C   O    doub N N 61  
ASP C   OXT  sing N N 62  
ASP CB  CG   sing N N 63  
ASP CB  HB2  sing N N 64  
ASP CB  HB3  sing N N 65  
ASP CG  OD1  doub N N 66  
ASP CG  OD2  sing N N 67  
ASP OD2 HD2  sing N N 68  
ASP OXT HXT  sing N N 69  
CYS N   CA   sing N N 70  
CYS N   H    sing N N 71  
CYS N   H2   sing N N 72  
CYS CA  C    sing N N 73  
CYS CA  CB   sing N N 74  
CYS CA  HA   sing N N 75  
CYS C   O    doub N N 76  
CYS C   OXT  sing N N 77  
CYS CB  SG   sing N N 78  
CYS CB  HB2  sing N N 79  
CYS CB  HB3  sing N N 80  
CYS SG  HG   sing N N 81  
CYS OXT HXT  sing N N 82  
GLN N   CA   sing N N 83  
GLN N   H    sing N N 84  
GLN N   H2   sing N N 85  
GLN CA  C    sing N N 86  
GLN CA  CB   sing N N 87  
GLN CA  HA   sing N N 88  
GLN C   O    doub N N 89  
GLN C   OXT  sing N N 90  
GLN CB  CG   sing N N 91  
GLN CB  HB2  sing N N 92  
GLN CB  HB3  sing N N 93  
GLN CG  CD   sing N N 94  
GLN CG  HG2  sing N N 95  
GLN CG  HG3  sing N N 96  
GLN CD  OE1  doub N N 97  
GLN CD  NE2  sing N N 98  
GLN NE2 HE21 sing N N 99  
GLN NE2 HE22 sing N N 100 
GLN OXT HXT  sing N N 101 
GLU N   CA   sing N N 102 
GLU N   H    sing N N 103 
GLU N   H2   sing N N 104 
GLU CA  C    sing N N 105 
GLU CA  CB   sing N N 106 
GLU CA  HA   sing N N 107 
GLU C   O    doub N N 108 
GLU C   OXT  sing N N 109 
GLU CB  CG   sing N N 110 
GLU CB  HB2  sing N N 111 
GLU CB  HB3  sing N N 112 
GLU CG  CD   sing N N 113 
GLU CG  HG2  sing N N 114 
GLU CG  HG3  sing N N 115 
GLU CD  OE1  doub N N 116 
GLU CD  OE2  sing N N 117 
GLU OE2 HE2  sing N N 118 
GLU OXT HXT  sing N N 119 
GLY N   CA   sing N N 120 
GLY N   H    sing N N 121 
GLY N   H2   sing N N 122 
GLY CA  C    sing N N 123 
GLY CA  HA2  sing N N 124 
GLY CA  HA3  sing N N 125 
GLY C   O    doub N N 126 
GLY C   OXT  sing N N 127 
GLY OXT HXT  sing N N 128 
HIS N   CA   sing N N 129 
HIS N   H    sing N N 130 
HIS N   H2   sing N N 131 
HIS CA  C    sing N N 132 
HIS CA  CB   sing N N 133 
HIS CA  HA   sing N N 134 
HIS C   O    doub N N 135 
HIS C   OXT  sing N N 136 
HIS CB  CG   sing N N 137 
HIS CB  HB2  sing N N 138 
HIS CB  HB3  sing N N 139 
HIS CG  ND1  sing Y N 140 
HIS CG  CD2  doub Y N 141 
HIS ND1 CE1  doub Y N 142 
HIS ND1 HD1  sing N N 143 
HIS CD2 NE2  sing Y N 144 
HIS CD2 HD2  sing N N 145 
HIS CE1 NE2  sing Y N 146 
HIS CE1 HE1  sing N N 147 
HIS NE2 HE2  sing N N 148 
HIS OXT HXT  sing N N 149 
HOH O   H1   sing N N 150 
HOH O   H2   sing N N 151 
ILE N   CA   sing N N 152 
ILE N   H    sing N N 153 
ILE N   H2   sing N N 154 
ILE CA  C    sing N N 155 
ILE CA  CB   sing N N 156 
ILE CA  HA   sing N N 157 
ILE C   O    doub N N 158 
ILE C   OXT  sing N N 159 
ILE CB  CG1  sing N N 160 
ILE CB  CG2  sing N N 161 
ILE CB  HB   sing N N 162 
ILE CG1 CD1  sing N N 163 
ILE CG1 HG12 sing N N 164 
ILE CG1 HG13 sing N N 165 
ILE CG2 HG21 sing N N 166 
ILE CG2 HG22 sing N N 167 
ILE CG2 HG23 sing N N 168 
ILE CD1 HD11 sing N N 169 
ILE CD1 HD12 sing N N 170 
ILE CD1 HD13 sing N N 171 
ILE OXT HXT  sing N N 172 
LEU N   CA   sing N N 173 
LEU N   H    sing N N 174 
LEU N   H2   sing N N 175 
LEU CA  C    sing N N 176 
LEU CA  CB   sing N N 177 
LEU CA  HA   sing N N 178 
LEU C   O    doub N N 179 
LEU C   OXT  sing N N 180 
LEU CB  CG   sing N N 181 
LEU CB  HB2  sing N N 182 
LEU CB  HB3  sing N N 183 
LEU CG  CD1  sing N N 184 
LEU CG  CD2  sing N N 185 
LEU CG  HG   sing N N 186 
LEU CD1 HD11 sing N N 187 
LEU CD1 HD12 sing N N 188 
LEU CD1 HD13 sing N N 189 
LEU CD2 HD21 sing N N 190 
LEU CD2 HD22 sing N N 191 
LEU CD2 HD23 sing N N 192 
LEU OXT HXT  sing N N 193 
LYS N   CA   sing N N 194 
LYS N   H    sing N N 195 
LYS N   H2   sing N N 196 
LYS CA  C    sing N N 197 
LYS CA  CB   sing N N 198 
LYS CA  HA   sing N N 199 
LYS C   O    doub N N 200 
LYS C   OXT  sing N N 201 
LYS CB  CG   sing N N 202 
LYS CB  HB2  sing N N 203 
LYS CB  HB3  sing N N 204 
LYS CG  CD   sing N N 205 
LYS CG  HG2  sing N N 206 
LYS CG  HG3  sing N N 207 
LYS CD  CE   sing N N 208 
LYS CD  HD2  sing N N 209 
LYS CD  HD3  sing N N 210 
LYS CE  NZ   sing N N 211 
LYS CE  HE2  sing N N 212 
LYS CE  HE3  sing N N 213 
LYS NZ  HZ1  sing N N 214 
LYS NZ  HZ2  sing N N 215 
LYS NZ  HZ3  sing N N 216 
LYS OXT HXT  sing N N 217 
MET N   CA   sing N N 218 
MET N   H    sing N N 219 
MET N   H2   sing N N 220 
MET CA  C    sing N N 221 
MET CA  CB   sing N N 222 
MET CA  HA   sing N N 223 
MET C   O    doub N N 224 
MET C   OXT  sing N N 225 
MET CB  CG   sing N N 226 
MET CB  HB2  sing N N 227 
MET CB  HB3  sing N N 228 
MET CG  SD   sing N N 229 
MET CG  HG2  sing N N 230 
MET CG  HG3  sing N N 231 
MET SD  CE   sing N N 232 
MET CE  HE1  sing N N 233 
MET CE  HE2  sing N N 234 
MET CE  HE3  sing N N 235 
MET OXT HXT  sing N N 236 
PHE N   CA   sing N N 237 
PHE N   H    sing N N 238 
PHE N   H2   sing N N 239 
PHE CA  C    sing N N 240 
PHE CA  CB   sing N N 241 
PHE CA  HA   sing N N 242 
PHE C   O    doub N N 243 
PHE C   OXT  sing N N 244 
PHE CB  CG   sing N N 245 
PHE CB  HB2  sing N N 246 
PHE CB  HB3  sing N N 247 
PHE CG  CD1  doub Y N 248 
PHE CG  CD2  sing Y N 249 
PHE CD1 CE1  sing Y N 250 
PHE CD1 HD1  sing N N 251 
PHE CD2 CE2  doub Y N 252 
PHE CD2 HD2  sing N N 253 
PHE CE1 CZ   doub Y N 254 
PHE CE1 HE1  sing N N 255 
PHE CE2 CZ   sing Y N 256 
PHE CE2 HE2  sing N N 257 
PHE CZ  HZ   sing N N 258 
PHE OXT HXT  sing N N 259 
PRO N   CA   sing N N 260 
PRO N   CD   sing N N 261 
PRO N   H    sing N N 262 
PRO CA  C    sing N N 263 
PRO CA  CB   sing N N 264 
PRO CA  HA   sing N N 265 
PRO C   O    doub N N 266 
PRO C   OXT  sing N N 267 
PRO CB  CG   sing N N 268 
PRO CB  HB2  sing N N 269 
PRO CB  HB3  sing N N 270 
PRO CG  CD   sing N N 271 
PRO CG  HG2  sing N N 272 
PRO CG  HG3  sing N N 273 
PRO CD  HD2  sing N N 274 
PRO CD  HD3  sing N N 275 
PRO OXT HXT  sing N N 276 
SER N   CA   sing N N 277 
SER N   H    sing N N 278 
SER N   H2   sing N N 279 
SER CA  C    sing N N 280 
SER CA  CB   sing N N 281 
SER CA  HA   sing N N 282 
SER C   O    doub N N 283 
SER C   OXT  sing N N 284 
SER CB  OG   sing N N 285 
SER CB  HB2  sing N N 286 
SER CB  HB3  sing N N 287 
SER OG  HG   sing N N 288 
SER OXT HXT  sing N N 289 
THR N   CA   sing N N 290 
THR N   H    sing N N 291 
THR N   H2   sing N N 292 
THR CA  C    sing N N 293 
THR CA  CB   sing N N 294 
THR CA  HA   sing N N 295 
THR C   O    doub N N 296 
THR C   OXT  sing N N 297 
THR CB  OG1  sing N N 298 
THR CB  CG2  sing N N 299 
THR CB  HB   sing N N 300 
THR OG1 HG1  sing N N 301 
THR CG2 HG21 sing N N 302 
THR CG2 HG22 sing N N 303 
THR CG2 HG23 sing N N 304 
THR OXT HXT  sing N N 305 
TRP N   CA   sing N N 306 
TRP N   H    sing N N 307 
TRP N   H2   sing N N 308 
TRP CA  C    sing N N 309 
TRP CA  CB   sing N N 310 
TRP CA  HA   sing N N 311 
TRP C   O    doub N N 312 
TRP C   OXT  sing N N 313 
TRP CB  CG   sing N N 314 
TRP CB  HB2  sing N N 315 
TRP CB  HB3  sing N N 316 
TRP CG  CD1  doub Y N 317 
TRP CG  CD2  sing Y N 318 
TRP CD1 NE1  sing Y N 319 
TRP CD1 HD1  sing N N 320 
TRP CD2 CE2  doub Y N 321 
TRP CD2 CE3  sing Y N 322 
TRP NE1 CE2  sing Y N 323 
TRP NE1 HE1  sing N N 324 
TRP CE2 CZ2  sing Y N 325 
TRP CE3 CZ3  doub Y N 326 
TRP CE3 HE3  sing N N 327 
TRP CZ2 CH2  doub Y N 328 
TRP CZ2 HZ2  sing N N 329 
TRP CZ3 CH2  sing Y N 330 
TRP CZ3 HZ3  sing N N 331 
TRP CH2 HH2  sing N N 332 
TRP OXT HXT  sing N N 333 
TYR N   CA   sing N N 334 
TYR N   H    sing N N 335 
TYR N   H2   sing N N 336 
TYR CA  C    sing N N 337 
TYR CA  CB   sing N N 338 
TYR CA  HA   sing N N 339 
TYR C   O    doub N N 340 
TYR C   OXT  sing N N 341 
TYR CB  CG   sing N N 342 
TYR CB  HB2  sing N N 343 
TYR CB  HB3  sing N N 344 
TYR CG  CD1  doub Y N 345 
TYR CG  CD2  sing Y N 346 
TYR CD1 CE1  sing Y N 347 
TYR CD1 HD1  sing N N 348 
TYR CD2 CE2  doub Y N 349 
TYR CD2 HD2  sing N N 350 
TYR CE1 CZ   doub Y N 351 
TYR CE1 HE1  sing N N 352 
TYR CE2 CZ   sing Y N 353 
TYR CE2 HE2  sing N N 354 
TYR CZ  OH   sing N N 355 
TYR OH  HH   sing N N 356 
TYR OXT HXT  sing N N 357 
UMG O1  C6   sing Y N 358 
UMG O1  C9   sing Y N 359 
UMG C2  C3   doub Y N 360 
UMG C2  C1   sing Y N 361 
UMG C2  H2   sing N N 362 
UMG O2  C9   doub N N 363 
UMG C3  C4   sing Y N 364 
UMG C3  H3   sing N N 365 
UMG C4  C5   doub Y N 366 
UMG C4  O3   sing N N 367 
UMG C5  C6   sing Y N 368 
UMG C5  H5   sing N N 369 
UMG C6  C1   doub Y N 370 
UMG C7  C8   doub Y N 371 
UMG C7  C9   sing Y N 372 
UMG C7  H7   sing N N 373 
UMG C8  C1   sing Y N 374 
UMG C8  C10  sing N N 375 
UMG C10 H101 sing N N 376 
UMG C10 H102 sing N N 377 
UMG C10 H103 sing N N 378 
UMG O3  C11  sing N N 379 
UMG C11 C12  sing N N 380 
UMG C11 O4   sing N N 381 
UMG C11 H11  sing N N 382 
UMG C12 C13  sing N N 383 
UMG C12 N1   sing N N 384 
UMG C12 H12  sing N N 385 
UMG C13 C14  sing N N 386 
UMG C13 O8   sing N N 387 
UMG C13 H13  sing N N 388 
UMG C14 C15  sing N N 389 
UMG C14 O7   sing N N 390 
UMG C14 H14  sing N N 391 
UMG C15 O4   sing N N 392 
UMG C15 C16  sing N N 393 
UMG C15 H15  sing N N 394 
UMG N1  C17  sing N N 395 
UMG N1  HN1  sing N N 396 
UMG C16 O5   sing N N 397 
UMG C16 H161 sing N N 398 
UMG C16 H162 sing N N 399 
UMG O5  HO5  sing N N 400 
UMG C17 O6   doub N N 401 
UMG C17 C18  sing N N 402 
UMG C18 H181 sing N N 403 
UMG C18 H182 sing N N 404 
UMG C18 H183 sing N N 405 
UMG O7  C19  sing N N 406 
UMG O8  HO8  sing N N 407 
UMG C19 C20  sing N N 408 
UMG C19 O9   sing N N 409 
UMG C19 H19  sing N N 410 
UMG C20 C21  sing N N 411 
UMG C20 N2   sing N N 412 
UMG C20 H20  sing N N 413 
UMG C21 C22  sing N N 414 
UMG C21 O13  sing N N 415 
UMG C21 H21  sing N N 416 
UMG C22 C23  sing N N 417 
UMG C22 O10  sing N N 418 
UMG C22 H22  sing N N 419 
UMG C23 O9   sing N N 420 
UMG C23 C24  sing N N 421 
UMG C23 H23  sing N N 422 
UMG N2  C25  sing N N 423 
UMG N2  HN2  sing N N 424 
UMG O10 C27  sing N N 425 
UMG C24 O11  sing N N 426 
UMG C24 H241 sing N N 427 
UMG C24 H242 sing N N 428 
UMG O11 HOB  sing N N 429 
UMG C25 O12  doub N N 430 
UMG C25 C26  sing N N 431 
UMG C26 H261 sing N N 432 
UMG C26 H262 sing N N 433 
UMG C26 H263 sing N N 434 
UMG O13 HOD  sing N N 435 
UMG C27 C28  sing N N 436 
UMG C27 O14  sing N N 437 
UMG C27 H27  sing N N 438 
UMG C28 C29  sing N N 439 
UMG C28 N3   sing N N 440 
UMG C28 H28  sing N N 441 
UMG C29 C30  sing N N 442 
UMG C29 O17  sing N N 443 
UMG C29 H29  sing N N 444 
UMG C30 C31  sing N N 445 
UMG C30 O15  sing N N 446 
UMG C30 H30  sing N N 447 
UMG C31 O14  sing N N 448 
UMG C31 C32  sing N N 449 
UMG C31 H31  sing N N 450 
UMG N3  C33  sing N N 451 
UMG N3  HN3  sing N N 452 
UMG O15 HOF  sing N N 453 
UMG C32 O16  sing N N 454 
UMG C32 H321 sing N N 455 
UMG C32 H322 sing N N 456 
UMG O16 HOG  sing N N 457 
UMG O17 HOH  sing N N 458 
UMG C33 O18  doub N N 459 
UMG C33 C34  sing N N 460 
UMG C34 H341 sing N N 461 
UMG C34 H342 sing N N 462 
UMG C34 H343 sing N N 463 
VAL N   CA   sing N N 464 
VAL N   H    sing N N 465 
VAL N   H2   sing N N 466 
VAL CA  C    sing N N 467 
VAL CA  CB   sing N N 468 
VAL CA  HA   sing N N 469 
VAL C   O    doub N N 470 
VAL C   OXT  sing N N 471 
VAL CB  CG1  sing N N 472 
VAL CB  CG2  sing N N 473 
VAL CB  HB   sing N N 474 
VAL CG1 HG11 sing N N 475 
VAL CG1 HG12 sing N N 476 
VAL CG1 HG13 sing N N 477 
VAL CG2 HG21 sing N N 478 
VAL CG2 HG22 sing N N 479 
VAL CG2 HG23 sing N N 480 
VAL OXT HXT  sing N N 481 
# 
_atom_sites.entry_id                    1BB6 
_atom_sites.fract_transf_matrix[1][1]   -0.00489707 
_atom_sites.fract_transf_matrix[1][2]   0.01397462 
_atom_sites.fract_transf_matrix[1][3]   0.00272782 
_atom_sites.fract_transf_matrix[2][1]   -0.01041593 
_atom_sites.fract_transf_matrix[2][2]   0.00620403 
_atom_sites.fract_transf_matrix[2][3]   -0.00892926 
_atom_sites.fract_transf_matrix[3][1]   -0.01319175 
_atom_sites.fract_transf_matrix[3][2]   -0.00671566 
_atom_sites.fract_transf_matrix[3][3]   0.01072208 
_atom_sites.fract_transf_vector[1]      0.766306 
_atom_sites.fract_transf_vector[2]      0.554008 
_atom_sites.fract_transf_vector[3]      0.376722 
# 
loop_
_atom_type.symbol 
C 
N 
O 
S 
# 
loop_
_atom_site.group_PDB 
_atom_site.id 
_atom_site.type_symbol 
_atom_site.label_atom_id 
_atom_site.label_alt_id 
_atom_site.label_comp_id 
_atom_site.label_asym_id 
_atom_site.label_entity_id 
_atom_site.label_seq_id 
_atom_site.pdbx_PDB_ins_code 
_atom_site.Cartn_x 
_atom_site.Cartn_y 
_atom_site.Cartn_z 
_atom_site.occupancy 
_atom_site.B_iso_or_equiv 
_atom_site.pdbx_formal_charge 
_atom_site.auth_seq_id 
_atom_site.auth_comp_id 
_atom_site.auth_asym_id 
_atom_site.auth_atom_id 
_atom_site.pdbx_PDB_model_num 
ATOM   1    N N   . LYS A 1 1   ? 11.715  -1.924  7.565   1.00 13.23 ? 1   LYS A N   1 
ATOM   2    C CA  . LYS A 1 1   ? 12.732  -1.622  6.543   1.00 12.71 ? 1   LYS A CA  1 
ATOM   3    C C   . LYS A 1 1   ? 12.332  -0.454  5.663   1.00 12.52 ? 1   LYS A C   1 
ATOM   4    O O   . LYS A 1 1   ? 11.184  -0.402  5.210   1.00 12.82 ? 1   LYS A O   1 
ATOM   5    C CB  . LYS A 1 1   ? 12.966  -2.848  5.683   1.00 12.23 ? 1   LYS A CB  1 
ATOM   6    C CG  . LYS A 1 1   ? 13.761  -2.698  4.389   1.00 13.85 ? 1   LYS A CG  1 
ATOM   7    C CD  . LYS A 1 1   ? 13.853  -4.039  3.693   1.00 14.68 ? 1   LYS A CD  1 
ATOM   8    C CE  . LYS A 1 1   ? 14.518  -4.115  2.360   1.00 16.97 ? 1   LYS A CE  1 
ATOM   9    N NZ  . LYS A 1 1   ? 15.987  -4.184  2.345   1.00 17.77 ? 1   LYS A NZ  1 
ATOM   10   N N   . VAL A 1 2   ? 13.271  0.449   5.421   1.00 13.02 ? 2   VAL A N   1 
ATOM   11   C CA  . VAL A 1 2   ? 13.005  1.605   4.544   1.00 13.30 ? 2   VAL A CA  1 
ATOM   12   C C   . VAL A 1 2   ? 13.571  1.178   3.179   1.00 14.41 ? 2   VAL A C   1 
ATOM   13   O O   . VAL A 1 2   ? 14.794  1.056   2.995   1.00 15.37 ? 2   VAL A O   1 
ATOM   14   C CB  . VAL A 1 2   ? 13.558  2.932   5.066   1.00 13.14 ? 2   VAL A CB  1 
ATOM   15   C CG1 . VAL A 1 2   ? 13.185  4.087   4.133   1.00 11.60 ? 2   VAL A CG1 1 
ATOM   16   C CG2 . VAL A 1 2   ? 13.156  3.210   6.507   1.00 10.19 ? 2   VAL A CG2 1 
ATOM   17   N N   . TYR A 1 3   ? 12.652  0.915   2.263   1.00 14.87 ? 3   TYR A N   1 
ATOM   18   C CA  . TYR A 1 3   ? 12.995  0.479   0.914   1.00 14.44 ? 3   TYR A CA  1 
ATOM   19   C C   . TYR A 1 3   ? 13.529  1.599   0.039   1.00 15.17 ? 3   TYR A C   1 
ATOM   20   O O   . TYR A 1 3   ? 13.119  2.758   0.137   1.00 15.39 ? 3   TYR A O   1 
ATOM   21   C CB  . TYR A 1 3   ? 11.770  -0.140  0.199   1.00 13.34 ? 3   TYR A CB  1 
ATOM   22   C CG  . TYR A 1 3   ? 11.598  -1.608  0.500   1.00 12.69 ? 3   TYR A CG  1 
ATOM   23   C CD1 . TYR A 1 3   ? 11.080  -2.014  1.724   1.00 13.36 ? 3   TYR A CD1 1 
ATOM   24   C CD2 . TYR A 1 3   ? 11.985  -2.589  -0.414  1.00 13.50 ? 3   TYR A CD2 1 
ATOM   25   C CE1 . TYR A 1 3   ? 10.931  -3.365  2.032   1.00 13.87 ? 3   TYR A CE1 1 
ATOM   26   C CE2 . TYR A 1 3   ? 11.843  -3.947  -0.133  1.00 13.32 ? 3   TYR A CE2 1 
ATOM   27   C CZ  . TYR A 1 3   ? 11.311  -4.318  1.100   1.00 13.89 ? 3   TYR A CZ  1 
ATOM   28   O OH  . TYR A 1 3   ? 11.135  -5.629  1.453   1.00 14.75 ? 3   TYR A OH  1 
ATOM   29   N N   . ASP A 1 4   ? 14.427  1.185   -0.825  1.00 16.04 ? 4   ASP A N   1 
ATOM   30   C CA  . ASP A 1 4   ? 15.049  2.061   -1.833  1.00 16.31 ? 4   ASP A CA  1 
ATOM   31   C C   . ASP A 1 4   ? 14.014  2.049   -2.955  1.00 15.90 ? 4   ASP A C   1 
ATOM   32   O O   . ASP A 1 4   ? 13.486  0.937   -3.194  1.00 16.30 ? 4   ASP A O   1 
ATOM   33   C CB  . ASP A 1 4   ? 16.437  1.563   -2.183  1.00 19.21 ? 4   ASP A CB  1 
ATOM   34   C CG  . ASP A 1 4   ? 16.909  2.113   -3.512  1.00 22.06 ? 4   ASP A CG  1 
ATOM   35   O OD1 . ASP A 1 4   ? 17.287  3.310   -3.502  1.00 25.21 ? 4   ASP A OD1 1 
ATOM   36   O OD2 . ASP A 1 4   ? 16.890  1.402   -4.526  1.00 24.68 ? 4   ASP A OD2 1 
ATOM   37   N N   . ARG A 1 5   ? 13.717  3.153   -3.601  1.00 15.45 ? 5   ARG A N   1 
ATOM   38   C CA  . ARG A 1 5   ? 12.723  3.182   -4.674  1.00 14.80 ? 5   ARG A CA  1 
ATOM   39   C C   . ARG A 1 5   ? 12.806  2.053   -5.699  1.00 15.25 ? 5   ARG A C   1 
ATOM   40   O O   . ARG A 1 5   ? 11.735  1.498   -6.027  1.00 15.05 ? 5   ARG A O   1 
ATOM   41   C CB  . ARG A 1 5   ? 12.810  4.490   -5.475  1.00 15.87 ? 5   ARG A CB  1 
ATOM   42   C CG  . ARG A 1 5   ? 11.871  4.555   -6.681  1.00 17.24 ? 5   ARG A CG  1 
ATOM   43   C CD  . ARG A 1 5   ? 11.961  5.916   -7.290  1.00 18.57 ? 5   ARG A CD  1 
ATOM   44   N NE  . ARG A 1 5   ? 13.297  6.252   -7.739  1.00 18.09 ? 5   ARG A NE  1 
ATOM   45   C CZ  . ARG A 1 5   ? 13.786  6.032   -8.946  1.00 17.52 ? 5   ARG A CZ  1 
ATOM   46   N NH1 . ARG A 1 5   ? 13.075  5.473   -9.911  1.00 19.10 ? 5   ARG A NH1 1 
ATOM   47   N NH2 . ARG A 1 5   ? 15.037  6.396   -9.217  1.00 19.46 ? 5   ARG A NH2 1 
ATOM   48   N N   . CYS A 1 6   ? 13.978  1.771   -6.225  1.00 15.34 ? 6   CYS A N   1 
ATOM   49   C CA  . CYS A 1 6   ? 14.146  0.713   -7.233  1.00 14.94 ? 6   CYS A CA  1 
ATOM   50   C C   . CYS A 1 6   ? 14.104  -0.667  -6.590  1.00 14.38 ? 6   CYS A C   1 
ATOM   51   O O   . CYS A 1 6   ? 13.694  -1.620  -7.277  1.00 14.54 ? 6   CYS A O   1 
ATOM   52   C CB  . CYS A 1 6   ? 15.434  0.896   -8.042  1.00 16.23 ? 6   CYS A CB  1 
ATOM   53   S SG  . CYS A 1 6   ? 15.314  2.199   -9.282  1.00 18.10 ? 6   CYS A SG  1 
ATOM   54   N N   . GLU A 1 7   ? 14.488  -0.752  -5.331  1.00 13.92 ? 7   GLU A N   1 
ATOM   55   C CA  . GLU A 1 7   ? 14.473  -2.016  -4.585  1.00 13.32 ? 7   GLU A CA  1 
ATOM   56   C C   . GLU A 1 7   ? 13.023  -2.460  -4.416  1.00 13.01 ? 7   GLU A C   1 
ATOM   57   O O   . GLU A 1 7   ? 12.680  -3.652  -4.524  1.00 13.15 ? 7   GLU A O   1 
ATOM   58   C CB  . GLU A 1 7   ? 15.173  -1.887  -3.248  1.00 13.50 ? 7   GLU A CB  1 
ATOM   59   C CG  . GLU A 1 7   ? 15.213  -3.095  -2.337  1.00 15.62 ? 7   GLU A CG  1 
ATOM   60   C CD  . GLU A 1 7   ? 15.700  -2.843  -0.945  1.00 17.03 ? 7   GLU A CD  1 
ATOM   61   O OE1 . GLU A 1 7   ? 15.758  -1.745  -0.435  1.00 17.51 ? 7   GLU A OE1 1 
ATOM   62   O OE2 . GLU A 1 7   ? 16.030  -3.910  -0.373  1.00 19.00 ? 7   GLU A OE2 1 
ATOM   63   N N   . LEU A 1 8   ? 12.167  -1.465  -4.172  1.00 12.31 ? 8   LEU A N   1 
ATOM   64   C CA  . LEU A 1 8   ? 10.734  -1.684  -4.015  1.00 10.94 ? 8   LEU A CA  1 
ATOM   65   C C   . LEU A 1 8   ? 10.114  -2.078  -5.354  1.00 11.05 ? 8   LEU A C   1 
ATOM   66   O O   . LEU A 1 8   ? 9.361   -3.061  -5.460  1.00 11.53 ? 8   LEU A O   1 
ATOM   67   C CB  . LEU A 1 8   ? 10.082  -0.431  -3.410  1.00 10.77 ? 8   LEU A CB  1 
ATOM   68   C CG  . LEU A 1 8   ? 8.571   -0.576  -3.215  1.00 10.13 ? 8   LEU A CG  1 
ATOM   69   C CD1 . LEU A 1 8   ? 8.308   -1.625  -2.137  1.00 10.67 ? 8   LEU A CD1 1 
ATOM   70   C CD2 . LEU A 1 8   ? 7.990   0.789   -2.859  1.00 12.29 ? 8   LEU A CD2 1 
ATOM   71   N N   . ALA A 1 9   ? 10.448  -1.329  -6.383  1.00 11.33 ? 9   ALA A N   1 
ATOM   72   C CA  . ALA A 1 9   ? 9.975   -1.536  -7.751  1.00 11.30 ? 9   ALA A CA  1 
ATOM   73   C C   . ALA A 1 9   ? 10.213  -2.977  -8.184  1.00 11.98 ? 9   ALA A C   1 
ATOM   74   O O   . ALA A 1 9   ? 9.279   -3.586  -8.747  1.00 13.42 ? 9   ALA A O   1 
ATOM   75   C CB  . ALA A 1 9   ? 10.652  -0.558  -8.706  1.00 11.52 ? 9   ALA A CB  1 
ATOM   76   N N   . ARG A 1 10  ? 11.396  -3.512  -7.939  1.00 10.88 ? 10  ARG A N   1 
ATOM   77   C CA  . ARG A 1 10  ? 11.772  -4.875  -8.289  1.00 10.62 ? 10  ARG A CA  1 
ATOM   78   C C   . ARG A 1 10  ? 10.964  -5.896  -7.494  1.00 10.47 ? 10  ARG A C   1 
ATOM   79   O O   . ARG A 1 10  ? 10.572  -6.944  -8.053  1.00 10.87 ? 10  ARG A O   1 
ATOM   80   C CB  . ARG A 1 10  ? 13.273  -5.086  -8.085  1.00 12.14 ? 10  ARG A CB  1 
ATOM   81   C CG  . ARG A 1 10  ? 14.161  -4.219  -8.983  1.00 15.76 ? 10  ARG A CG  1 
ATOM   82   C CD  . ARG A 1 10  ? 15.544  -4.778  -9.083  1.00 16.62 ? 10  ARG A CD  1 
ATOM   83   N NE  . ARG A 1 10  ? 16.151  -4.956  -7.774  1.00 19.71 ? 10  ARG A NE  1 
ATOM   84   C CZ  . ARG A 1 10  ? 16.887  -4.023  -7.154  1.00 20.07 ? 10  ARG A CZ  1 
ATOM   85   N NH1 . ARG A 1 10  ? 17.191  -2.862  -7.725  1.00 19.71 ? 10  ARG A NH1 1 
ATOM   86   N NH2 . ARG A 1 10  ? 17.289  -4.248  -5.901  1.00 19.22 ? 10  ARG A NH2 1 
ATOM   87   N N   . ALA A 1 11  ? 10.709  -5.600  -6.235  1.00 11.45 ? 11  ALA A N   1 
ATOM   88   C CA  . ALA A 1 11  ? 9.925   -6.465  -5.323  1.00 11.20 ? 11  ALA A CA  1 
ATOM   89   C C   . ALA A 1 11  ? 8.450   -6.482  -5.729  1.00 11.25 ? 11  ALA A C   1 
ATOM   90   O O   . ALA A 1 11  ? 7.825   -7.563  -5.682  1.00 11.92 ? 11  ALA A O   1 
ATOM   91   C CB  . ALA A 1 11  ? 10.146  -6.030  -3.882  1.00 10.17 ? 11  ALA A CB  1 
ATOM   92   N N   . LEU A 1 12  ? 7.882   -5.386  -6.161  1.00 11.34 ? 12  LEU A N   1 
ATOM   93   C CA  . LEU A 1 12  ? 6.486   -5.303  -6.606  1.00 11.89 ? 12  LEU A CA  1 
ATOM   94   C C   . LEU A 1 12  ? 6.337   -5.975  -7.964  1.00 11.75 ? 12  LEU A C   1 
ATOM   95   O O   . LEU A 1 12  ? 5.339   -6.669  -8.186  1.00 12.58 ? 12  LEU A O   1 
ATOM   96   C CB  . LEU A 1 12  ? 6.011   -3.854  -6.642  1.00 10.99 ? 12  LEU A CB  1 
ATOM   97   C CG  . LEU A 1 12  ? 6.021   -3.079  -5.343  1.00 11.58 ? 12  LEU A CG  1 
ATOM   98   C CD1 . LEU A 1 12  ? 5.489   -1.669  -5.596  1.00 12.23 ? 12  LEU A CD1 1 
ATOM   99   C CD2 . LEU A 1 12  ? 5.157   -3.785  -4.303  1.00 11.03 ? 12  LEU A CD2 1 
ATOM   100  N N   . LYS A 1 13  ? 7.307   -5.748  -8.836  1.00 12.50 ? 13  LYS A N   1 
ATOM   101  C CA  . LYS A 1 13  ? 7.251   -6.376  -10.183 1.00 13.49 ? 13  LYS A CA  1 
ATOM   102  C C   . LYS A 1 13  ? 7.235   -7.889  -10.016 1.00 13.68 ? 13  LYS A C   1 
ATOM   103  O O   . LYS A 1 13  ? 6.443   -8.612  -10.648 1.00 14.30 ? 13  LYS A O   1 
ATOM   104  C CB  . LYS A 1 13  ? 8.386   -5.880  -11.046 1.00 12.72 ? 13  LYS A CB  1 
ATOM   105  C CG  . LYS A 1 13  ? 8.488   -6.418  -12.454 1.00 13.71 ? 13  LYS A CG  1 
ATOM   106  C CD  . LYS A 1 13  ? 7.322   -6.124  -13.354 1.00 15.86 ? 13  LYS A CD  1 
ATOM   107  C CE  . LYS A 1 13  ? 7.543   -6.503  -14.809 1.00 15.59 ? 13  LYS A CE  1 
ATOM   108  N NZ  . LYS A 1 13  ? 8.737   -5.783  -15.321 1.00 20.90 ? 13  LYS A NZ  1 
ATOM   109  N N   . ALA A 1 14  ? 8.070   -8.409  -9.137  1.00 14.50 ? 14  ALA A N   1 
ATOM   110  C CA  . ALA A 1 14  ? 8.219   -9.816  -8.802  1.00 14.43 ? 14  ALA A CA  1 
ATOM   111  C C   . ALA A 1 14  ? 6.983   -10.406 -8.143  1.00 15.11 ? 14  ALA A C   1 
ATOM   112  O O   . ALA A 1 14  ? 6.798   -11.632 -8.240  1.00 16.75 ? 14  ALA A O   1 
ATOM   113  C CB  . ALA A 1 14  ? 9.420   -10.025 -7.869  1.00 11.74 ? 14  ALA A CB  1 
ATOM   114  N N   . SER A 1 15  ? 6.155   -9.625  -7.497  1.00 15.88 ? 15  SER A N   1 
ATOM   115  C CA  . SER A 1 15  ? 4.937   -10.077 -6.813  1.00 15.55 ? 15  SER A CA  1 
ATOM   116  C C   . SER A 1 15  ? 3.675   -10.009 -7.655  1.00 15.30 ? 15  SER A C   1 
ATOM   117  O O   . SER A 1 15  ? 2.598   -10.351 -7.141  1.00 15.57 ? 15  SER A O   1 
ATOM   118  C CB  . SER A 1 15  ? 4.750   -9.246  -5.532  1.00 17.78 ? 15  SER A CB  1 
ATOM   119  O OG  . SER A 1 15  ? 5.882   -9.532  -4.705  1.00 20.38 ? 15  SER A OG  1 
ATOM   120  N N   . GLY A 1 16  ? 3.795   -9.582  -8.889  1.00 14.85 ? 16  GLY A N   1 
ATOM   121  C CA  . GLY A 1 16  ? 2.700   -9.482  -9.838  1.00 14.77 ? 16  GLY A CA  1 
ATOM   122  C C   . GLY A 1 16  ? 1.848   -8.244  -9.710  1.00 15.28 ? 16  GLY A C   1 
ATOM   123  O O   . GLY A 1 16  ? 0.688   -8.244  -10.159 1.00 15.62 ? 16  GLY A O   1 
ATOM   124  N N   . MET A 1 17  ? 2.429   -7.201  -9.140  1.00 15.80 ? 17  MET A N   1 
ATOM   125  C CA  . MET A 1 17  ? 1.741   -5.912  -8.938  1.00 15.83 ? 17  MET A CA  1 
ATOM   126  C C   . MET A 1 17  ? 1.704   -5.096  -10.225 1.00 16.15 ? 17  MET A C   1 
ATOM   127  O O   . MET A 1 17  ? 0.865   -4.171  -10.243 1.00 17.39 ? 17  MET A O   1 
ATOM   128  C CB  . MET A 1 17  ? 2.372   -5.106  -7.792  1.00 15.55 ? 17  MET A CB  1 
ATOM   129  C CG  . MET A 1 17  ? 2.201   -5.909  -6.509  1.00 16.93 ? 17  MET A CG  1 
ATOM   130  S SD  . MET A 1 17  ? 0.444   -5.721  -6.019  1.00 21.84 ? 17  MET A SD  1 
ATOM   131  C CE  . MET A 1 17  ? 0.561   -4.248  -5.002  1.00 17.48 ? 17  MET A CE  1 
ATOM   132  N N   . ASP A 1 18  ? 2.511   -5.382  -11.220 1.00 16.08 ? 18  ASP A N   1 
ATOM   133  C CA  . ASP A 1 18  ? 2.506   -4.618  -12.481 1.00 15.79 ? 18  ASP A CA  1 
ATOM   134  C C   . ASP A 1 18  ? 1.341   -5.068  -13.366 1.00 16.32 ? 18  ASP A C   1 
ATOM   135  O O   . ASP A 1 18  ? 1.384   -6.096  -14.052 1.00 17.59 ? 18  ASP A O   1 
ATOM   136  C CB  . ASP A 1 18  ? 3.854   -4.733  -13.176 1.00 15.52 ? 18  ASP A CB  1 
ATOM   137  C CG  . ASP A 1 18  ? 3.984   -3.866  -14.409 1.00 16.45 ? 18  ASP A CG  1 
ATOM   138  O OD1 . ASP A 1 18  ? 3.243   -2.913  -14.686 1.00 16.48 ? 18  ASP A OD1 1 
ATOM   139  O OD2 . ASP A 1 18  ? 4.942   -4.180  -15.154 1.00 19.01 ? 18  ASP A OD2 1 
ATOM   140  N N   . GLY A 1 19  ? 0.302   -4.250  -13.347 1.00 16.26 ? 19  GLY A N   1 
ATOM   141  C CA  . GLY A 1 19  ? -0.921  -4.492  -14.115 1.00 15.15 ? 19  GLY A CA  1 
ATOM   142  C C   . GLY A 1 19  ? -1.971  -5.146  -13.222 1.00 14.97 ? 19  GLY A C   1 
ATOM   143  O O   . GLY A 1 19  ? -3.042  -5.522  -13.743 1.00 15.53 ? 19  GLY A O   1 
ATOM   144  N N   . TYR A 1 20  ? -1.674  -5.267  -11.932 1.00 14.07 ? 20  TYR A N   1 
ATOM   145  C CA  . TYR A 1 20  ? -2.658  -5.897  -11.038 1.00 14.09 ? 20  TYR A CA  1 
ATOM   146  C C   . TYR A 1 20  ? -3.934  -5.067  -11.062 1.00 14.67 ? 20  TYR A C   1 
ATOM   147  O O   . TYR A 1 20  ? -3.905  -3.917  -10.616 1.00 15.42 ? 20  TYR A O   1 
ATOM   148  C CB  . TYR A 1 20  ? -2.166  -6.095  -9.586  1.00 11.74 ? 20  TYR A CB  1 
ATOM   149  C CG  . TYR A 1 20  ? -3.120  -7.095  -8.945  1.00 10.16 ? 20  TYR A CG  1 
ATOM   150  C CD1 . TYR A 1 20  ? -2.883  -8.457  -9.081  1.00 10.97 ? 20  TYR A CD1 1 
ATOM   151  C CD2 . TYR A 1 20  ? -4.261  -6.690  -8.264  1.00 9.39  ? 20  TYR A CD2 1 
ATOM   152  C CE1 . TYR A 1 20  ? -3.757  -9.394  -8.533  1.00 9.83  ? 20  TYR A CE1 1 
ATOM   153  C CE2 . TYR A 1 20  ? -5.138  -7.611  -7.718  1.00 8.22  ? 20  TYR A CE2 1 
ATOM   154  C CZ  . TYR A 1 20  ? -4.885  -8.961  -7.848  1.00 9.89  ? 20  TYR A CZ  1 
ATOM   155  O OH  . TYR A 1 20  ? -5.749  -9.869  -7.299  1.00 11.25 ? 20  TYR A OH  1 
ATOM   156  N N   . ALA A 1 21  ? -5.011  -5.621  -11.591 1.00 15.59 ? 21  ALA A N   1 
ATOM   157  C CA  . ALA A 1 21  ? -6.322  -4.986  -11.701 1.00 15.26 ? 21  ALA A CA  1 
ATOM   158  C C   . ALA A 1 21  ? -6.309  -3.748  -12.591 1.00 15.95 ? 21  ALA A C   1 
ATOM   159  O O   . ALA A 1 21  ? -7.122  -2.812  -12.366 1.00 16.48 ? 21  ALA A O   1 
ATOM   160  C CB  . ALA A 1 21  ? -6.844  -4.613  -10.308 1.00 15.61 ? 21  ALA A CB  1 
ATOM   161  N N   . GLY A 1 22  ? -5.401  -3.741  -13.551 1.00 15.73 ? 22  GLY A N   1 
ATOM   162  C CA  . GLY A 1 22  ? -5.202  -2.655  -14.500 1.00 15.43 ? 22  GLY A CA  1 
ATOM   163  C C   . GLY A 1 22  ? -4.368  -1.502  -13.976 1.00 16.10 ? 22  GLY A C   1 
ATOM   164  O O   . GLY A 1 22  ? -4.423  -0.397  -14.575 1.00 17.45 ? 22  GLY A O   1 
ATOM   165  N N   . ASN A 1 23  ? -3.616  -1.713  -12.902 1.00 15.34 ? 23  ASN A N   1 
ATOM   166  C CA  . ASN A 1 23  ? -2.771  -0.668  -12.298 1.00 14.89 ? 23  ASN A CA  1 
ATOM   167  C C   . ASN A 1 23  ? -1.286  -0.951  -12.541 1.00 14.47 ? 23  ASN A C   1 
ATOM   168  O O   . ASN A 1 23  ? -0.737  -1.817  -11.835 1.00 15.05 ? 23  ASN A O   1 
ATOM   169  C CB  . ASN A 1 23  ? -3.046  -0.514  -10.801 1.00 13.91 ? 23  ASN A CB  1 
ATOM   170  C CG  . ASN A 1 23  ? -4.482  -0.197  -10.453 1.00 14.46 ? 23  ASN A CG  1 
ATOM   171  O OD1 . ASN A 1 23  ? -5.189  -0.927  -9.741  1.00 14.90 ? 23  ASN A OD1 1 
ATOM   172  N ND2 . ASN A 1 23  ? -4.937  0.931   -10.976 1.00 14.73 ? 23  ASN A ND2 1 
ATOM   173  N N   . SER A 1 24  ? -0.683  -0.224  -13.456 1.00 14.30 ? 24  SER A N   1 
ATOM   174  C CA  . SER A 1 24  ? 0.749   -0.401  -13.787 1.00 14.82 ? 24  SER A CA  1 
ATOM   175  C C   . SER A 1 24  ? 1.607   -0.133  -12.550 1.00 14.43 ? 24  SER A C   1 
ATOM   176  O O   . SER A 1 24  ? 1.182   0.536   -11.601 1.00 15.54 ? 24  SER A O   1 
ATOM   177  C CB  . SER A 1 24  ? 1.180   0.467   -14.956 1.00 15.62 ? 24  SER A CB  1 
ATOM   178  O OG  . SER A 1 24  ? 1.062   1.856   -14.654 1.00 18.30 ? 24  SER A OG  1 
ATOM   179  N N   . LEU A 1 25  ? 2.836   -0.619  -12.620 1.00 13.76 ? 25  LEU A N   1 
ATOM   180  C CA  . LEU A 1 25  ? 3.864   -0.547  -11.580 1.00 13.43 ? 25  LEU A CA  1 
ATOM   181  C C   . LEU A 1 25  ? 4.119   0.832   -10.994 1.00 13.06 ? 25  LEU A C   1 
ATOM   182  O O   . LEU A 1 25  ? 4.115   0.922   -9.751  1.00 13.07 ? 25  LEU A O   1 
ATOM   183  C CB  . LEU A 1 25  ? 5.176   -1.150  -12.144 1.00 13.37 ? 25  LEU A CB  1 
ATOM   184  C CG  . LEU A 1 25  ? 6.247   -1.425  -11.090 1.00 12.96 ? 25  LEU A CG  1 
ATOM   185  C CD1 . LEU A 1 25  ? 5.783   -2.408  -10.022 1.00 13.45 ? 25  LEU A CD1 1 
ATOM   186  C CD2 . LEU A 1 25  ? 7.476   -2.006  -11.789 1.00 12.85 ? 25  LEU A CD2 1 
ATOM   187  N N   . PRO A 1 26  ? 4.314   1.848   -11.807 1.00 13.29 ? 26  PRO A N   1 
ATOM   188  C CA  . PRO A 1 26  ? 4.543   3.215   -11.331 1.00 13.55 ? 26  PRO A CA  1 
ATOM   189  C C   . PRO A 1 26  ? 3.493   3.812   -10.395 1.00 13.82 ? 26  PRO A C   1 
ATOM   190  O O   . PRO A 1 26  ? 3.757   4.756   -9.612  1.00 14.92 ? 26  PRO A O   1 
ATOM   191  C CB  . PRO A 1 26  ? 4.639   4.058   -12.601 1.00 13.68 ? 26  PRO A CB  1 
ATOM   192  C CG  . PRO A 1 26  ? 4.828   3.126   -13.743 1.00 12.82 ? 26  PRO A CG  1 
ATOM   193  C CD  . PRO A 1 26  ? 4.333   1.774   -13.276 1.00 13.42 ? 26  PRO A CD  1 
ATOM   194  N N   . ASN A 1 27  ? 2.271   3.318   -10.453 1.00 13.33 ? 27  ASN A N   1 
ATOM   195  C CA  . ASN A 1 27  ? 1.119   3.718   -9.646  1.00 12.33 ? 27  ASN A CA  1 
ATOM   196  C C   . ASN A 1 27  ? 1.371   3.279   -8.204  1.00 12.22 ? 27  ASN A C   1 
ATOM   197  O O   . ASN A 1 27  ? 1.204   4.075   -7.263  1.00 12.66 ? 27  ASN A O   1 
ATOM   198  C CB  . ASN A 1 27  ? -0.188  3.168   -10.229 1.00 12.98 ? 27  ASN A CB  1 
ATOM   199  C CG  . ASN A 1 27  ? -0.753  4.032   -11.342 1.00 13.79 ? 27  ASN A CG  1 
ATOM   200  O OD1 . ASN A 1 27  ? -1.253  5.160   -11.141 1.00 15.60 ? 27  ASN A OD1 1 
ATOM   201  N ND2 . ASN A 1 27  ? -0.707  3.546   -12.576 1.00 14.73 ? 27  ASN A ND2 1 
ATOM   202  N N   . TRP A 1 28  ? 1.810   2.030   -8.077  1.00 12.13 ? 28  TRP A N   1 
ATOM   203  C CA  . TRP A 1 28  ? 2.120   1.442   -6.756  1.00 11.36 ? 28  TRP A CA  1 
ATOM   204  C C   . TRP A 1 28  ? 3.358   2.063   -6.111  1.00 11.30 ? 28  TRP A C   1 
ATOM   205  O O   . TRP A 1 28  ? 3.359   2.174   -4.873  1.00 11.57 ? 28  TRP A O   1 
ATOM   206  C CB  . TRP A 1 28  ? 2.298   -0.061  -6.839  1.00 10.84 ? 28  TRP A CB  1 
ATOM   207  C CG  . TRP A 1 28  ? 1.128   -0.808  -7.373  1.00 12.52 ? 28  TRP A CG  1 
ATOM   208  C CD1 . TRP A 1 28  ? 0.990   -1.346  -8.622  1.00 11.92 ? 28  TRP A CD1 1 
ATOM   209  C CD2 . TRP A 1 28  ? -0.085  -1.122  -6.665  1.00 12.29 ? 28  TRP A CD2 1 
ATOM   210  N NE1 . TRP A 1 28  ? -0.221  -1.976  -8.740  1.00 13.01 ? 28  TRP A NE1 1 
ATOM   211  C CE2 . TRP A 1 28  ? -0.901  -1.844  -7.559  1.00 13.13 ? 28  TRP A CE2 1 
ATOM   212  C CE3 . TRP A 1 28  ? -0.541  -0.839  -5.384  1.00 11.54 ? 28  TRP A CE3 1 
ATOM   213  C CZ2 . TRP A 1 28  ? -2.165  -2.301  -7.202  1.00 13.03 ? 28  TRP A CZ2 1 
ATOM   214  C CZ3 . TRP A 1 28  ? -1.792  -1.311  -5.024  1.00 11.59 ? 28  TRP A CZ3 1 
ATOM   215  C CH2 . TRP A 1 28  ? -2.584  -2.030  -5.911  1.00 12.19 ? 28  TRP A CH2 1 
ATOM   216  N N   . VAL A 1 29  ? 4.363   2.429   -6.886  1.00 12.36 ? 29  VAL A N   1 
ATOM   217  C CA  . VAL A 1 29  ? 5.585   3.055   -6.353  1.00 12.22 ? 29  VAL A CA  1 
ATOM   218  C C   . VAL A 1 29  ? 5.213   4.469   -5.903  1.00 12.78 ? 29  VAL A C   1 
ATOM   219  O O   . VAL A 1 29  ? 5.606   4.933   -4.820  1.00 13.91 ? 29  VAL A O   1 
ATOM   220  C CB  . VAL A 1 29  ? 6.753   3.052   -7.342  1.00 12.84 ? 29  VAL A CB  1 
ATOM   221  C CG1 . VAL A 1 29  ? 7.992   3.796   -6.830  1.00 12.12 ? 29  VAL A CG1 1 
ATOM   222  C CG2 . VAL A 1 29  ? 7.124   1.636   -7.768  1.00 12.63 ? 29  VAL A CG2 1 
ATOM   223  N N   . CYS A 1 30  ? 4.451   5.145   -6.754  1.00 13.03 ? 30  CYS A N   1 
ATOM   224  C CA  . CYS A 1 30  ? 4.008   6.525   -6.431  1.00 12.71 ? 30  CYS A CA  1 
ATOM   225  C C   . CYS A 1 30  ? 3.212   6.529   -5.129  1.00 12.91 ? 30  CYS A C   1 
ATOM   226  O O   . CYS A 1 30  ? 3.477   7.421   -4.294  1.00 13.65 ? 30  CYS A O   1 
ATOM   227  C CB  . CYS A 1 30  ? 3.247   7.114   -7.609  1.00 12.06 ? 30  CYS A CB  1 
ATOM   228  S SG  . CYS A 1 30  ? 2.641   8.793   -7.328  1.00 14.02 ? 30  CYS A SG  1 
ATOM   229  N N   . LEU A 1 31  ? 2.268   5.624   -4.930  1.00 13.41 ? 31  LEU A N   1 
ATOM   230  C CA  . LEU A 1 31  ? 1.470   5.603   -3.683  1.00 14.33 ? 31  LEU A CA  1 
ATOM   231  C C   . LEU A 1 31  ? 2.320   5.178   -2.484  1.00 13.92 ? 31  LEU A C   1 
ATOM   232  O O   . LEU A 1 31  ? 2.018   5.703   -1.386  1.00 15.14 ? 31  LEU A O   1 
ATOM   233  C CB  . LEU A 1 31  ? 0.227   4.742   -3.890  1.00 15.36 ? 31  LEU A CB  1 
ATOM   234  C CG  . LEU A 1 31  ? 0.078   3.311   -3.447  1.00 14.30 ? 31  LEU A CG  1 
ATOM   235  C CD1 . LEU A 1 31  ? 0.016   3.126   -1.941  1.00 14.85 ? 31  LEU A CD1 1 
ATOM   236  C CD2 . LEU A 1 31  ? -1.250  2.811   -4.025  1.00 14.62 ? 31  LEU A CD2 1 
ATOM   237  N N   . SER A 1 32  ? 3.295   4.303   -2.602  1.00 13.88 ? 32  SER A N   1 
ATOM   238  C CA  . SER A 1 32  ? 4.144   3.893   -1.473  1.00 13.43 ? 32  SER A CA  1 
ATOM   239  C C   . SER A 1 32  ? 5.029   5.068   -1.035  1.00 14.03 ? 32  SER A C   1 
ATOM   240  O O   . SER A 1 32  ? 5.284   5.267   0.165   1.00 14.69 ? 32  SER A O   1 
ATOM   241  C CB  . SER A 1 32  ? 5.029   2.705   -1.785  1.00 12.62 ? 32  SER A CB  1 
ATOM   242  O OG  . SER A 1 32  ? 4.292   1.630   -2.315  1.00 13.97 ? 32  SER A OG  1 
ATOM   243  N N   . LYS A 1 33  ? 5.507   5.831   -2.014  1.00 14.22 ? 33  LYS A N   1 
ATOM   244  C CA  . LYS A 1 33  ? 6.351   6.992   -1.761  1.00 15.08 ? 33  LYS A CA  1 
ATOM   245  C C   . LYS A 1 33  ? 5.642   8.025   -0.875  1.00 15.00 ? 33  LYS A C   1 
ATOM   246  O O   . LYS A 1 33  ? 6.177   8.426   0.164   1.00 16.00 ? 33  LYS A O   1 
ATOM   247  C CB  . LYS A 1 33  ? 6.800   7.742   -3.027  1.00 16.71 ? 33  LYS A CB  1 
ATOM   248  C CG  . LYS A 1 33  ? 7.799   8.845   -2.661  1.00 17.83 ? 33  LYS A CG  1 
ATOM   249  C CD  . LYS A 1 33  ? 7.822   9.994   -3.647  1.00 20.41 ? 33  LYS A CD  1 
ATOM   250  C CE  . LYS A 1 33  ? 8.738   11.116  -3.176  1.00 23.06 ? 33  LYS A CE  1 
ATOM   251  N NZ  . LYS A 1 33  ? 8.397   11.524  -1.783  1.00 23.48 ? 33  LYS A NZ  1 
ATOM   252  N N   . TRP A 1 34  ? 4.469   8.457   -1.292  1.00 14.72 ? 34  TRP A N   1 
ATOM   253  C CA  . TRP A 1 34  ? 3.638   9.443   -0.625  1.00 14.76 ? 34  TRP A CA  1 
ATOM   254  C C   . TRP A 1 34  ? 2.857   8.908   0.569   1.00 14.97 ? 34  TRP A C   1 
ATOM   255  O O   . TRP A 1 34  ? 2.455   9.752   1.401   1.00 16.40 ? 34  TRP A O   1 
ATOM   256  C CB  . TRP A 1 34  ? 2.639   10.062  -1.633  1.00 14.09 ? 34  TRP A CB  1 
ATOM   257  C CG  . TRP A 1 34  ? 3.361   10.785  -2.712  1.00 14.78 ? 34  TRP A CG  1 
ATOM   258  C CD1 . TRP A 1 34  ? 3.602   10.396  -3.998  1.00 15.47 ? 34  TRP A CD1 1 
ATOM   259  C CD2 . TRP A 1 34  ? 4.002   12.064  -2.563  1.00 16.11 ? 34  TRP A CD2 1 
ATOM   260  N NE1 . TRP A 1 34  ? 4.324   11.356  -4.668  1.00 15.20 ? 34  TRP A NE1 1 
ATOM   261  C CE2 . TRP A 1 34  ? 4.580   12.386  -3.807  1.00 16.08 ? 34  TRP A CE2 1 
ATOM   262  C CE3 . TRP A 1 34  ? 4.116   12.955  -1.500  1.00 16.30 ? 34  TRP A CE3 1 
ATOM   263  C CZ2 . TRP A 1 34  ? 5.273   13.569  -4.013  1.00 18.21 ? 34  TRP A CZ2 1 
ATOM   264  C CZ3 . TRP A 1 34  ? 4.802   14.132  -1.703  1.00 17.12 ? 34  TRP A CZ3 1 
ATOM   265  C CH2 . TRP A 1 34  ? 5.370   14.442  -2.930  1.00 18.29 ? 34  TRP A CH2 1 
ATOM   266  N N   . GLU A 1 35  ? 2.615   7.614   0.643   1.00 14.29 ? 35  GLU A N   1 
ATOM   267  C CA  . GLU A 1 35  ? 1.862   7.080   1.781   1.00 13.62 ? 35  GLU A CA  1 
ATOM   268  C C   . GLU A 1 35  ? 2.797   6.870   2.968   1.00 13.54 ? 35  GLU A C   1 
ATOM   269  O O   . GLU A 1 35  ? 2.427   7.265   4.078   1.00 14.29 ? 35  GLU A O   1 
ATOM   270  C CB  . GLU A 1 35  ? 1.141   5.769   1.503   1.00 12.97 ? 35  GLU A CB  1 
ATOM   271  C CG  . GLU A 1 35  ? -0.212  5.805   0.810   1.00 12.95 ? 35  GLU A CG  1 
ATOM   272  C CD  . GLU A 1 35  ? -1.337  6.475   1.528   1.00 14.50 ? 35  GLU A CD  1 
ATOM   273  O OE1 . GLU A 1 35  ? -1.292  7.051   2.606   1.00 15.07 ? 35  GLU A OE1 1 
ATOM   274  O OE2 . GLU A 1 35  ? -2.421  6.403   0.900   1.00 16.49 ? 35  GLU A OE2 1 
ATOM   275  N N   . SER A 1 36  ? 3.963   6.291   2.728   1.00 14.35 ? 36  SER A N   1 
ATOM   276  C CA  . SER A 1 36  ? 4.904   6.024   3.810   1.00 13.93 ? 36  SER A CA  1 
ATOM   277  C C   . SER A 1 36  ? 6.355   6.388   3.659   1.00 14.46 ? 36  SER A C   1 
ATOM   278  O O   . SER A 1 36  ? 7.095   6.167   4.637   1.00 14.55 ? 36  SER A O   1 
ATOM   279  C CB  . SER A 1 36  ? 4.896   4.480   3.969   1.00 12.81 ? 36  SER A CB  1 
ATOM   280  O OG  . SER A 1 36  ? 5.326   4.019   2.688   1.00 12.56 ? 36  SER A OG  1 
ATOM   281  N N   . SER A 1 37  ? 6.750   6.857   2.487   1.00 15.07 ? 37  SER A N   1 
ATOM   282  C CA  . SER A 1 37  ? 8.165   7.177   2.226   1.00 15.10 ? 37  SER A CA  1 
ATOM   283  C C   . SER A 1 37  ? 8.960   5.876   2.251   1.00 14.94 ? 37  SER A C   1 
ATOM   284  O O   . SER A 1 37  ? 10.072  5.765   2.780   1.00 16.05 ? 37  SER A O   1 
ATOM   285  C CB  . SER A 1 37  ? 8.718   8.182   3.213   1.00 17.50 ? 37  SER A CB  1 
ATOM   286  O OG  . SER A 1 37  ? 8.209   9.491   3.011   1.00 21.21 ? 37  SER A OG  1 
ATOM   287  N N   . TYR A 1 38  ? 8.415   4.824   1.672   1.00 14.52 ? 38  TYR A N   1 
ATOM   288  C CA  . TYR A 1 38  ? 8.931   3.467   1.534   1.00 13.49 ? 38  TYR A CA  1 
ATOM   289  C C   . TYR A 1 38  ? 9.267   2.727   2.823   1.00 13.41 ? 38  TYR A C   1 
ATOM   290  O O   . TYR A 1 38  ? 10.070  1.770   2.823   1.00 13.88 ? 38  TYR A O   1 
ATOM   291  C CB  . TYR A 1 38  ? 10.206  3.527   0.650   1.00 13.26 ? 38  TYR A CB  1 
ATOM   292  C CG  . TYR A 1 38  ? 10.000  4.208   -0.681  1.00 12.32 ? 38  TYR A CG  1 
ATOM   293  C CD1 . TYR A 1 38  ? 9.101   3.722   -1.624  1.00 13.43 ? 38  TYR A CD1 1 
ATOM   294  C CD2 . TYR A 1 38  ? 10.729  5.354   -0.998  1.00 12.65 ? 38  TYR A CD2 1 
ATOM   295  C CE1 . TYR A 1 38  ? 8.911   4.378   -2.844  1.00 13.70 ? 38  TYR A CE1 1 
ATOM   296  C CE2 . TYR A 1 38  ? 10.559  6.014   -2.213  1.00 13.53 ? 38  TYR A CE2 1 
ATOM   297  C CZ  . TYR A 1 38  ? 9.653   5.514   -3.140  1.00 12.61 ? 38  TYR A CZ  1 
ATOM   298  O OH  . TYR A 1 38  ? 9.498   6.165   -4.334  1.00 13.75 ? 38  TYR A OH  1 
ATOM   299  N N   . ASN A 1 39  ? 8.676   3.104   3.932   1.00 13.03 ? 39  ASN A N   1 
ATOM   300  C CA  . ASN A 1 39  ? 8.935   2.496   5.244   1.00 11.79 ? 39  ASN A CA  1 
ATOM   301  C C   . ASN A 1 39  ? 7.788   1.572   5.614   1.00 11.49 ? 39  ASN A C   1 
ATOM   302  O O   . ASN A 1 39  ? 6.656   2.027   5.818   1.00 10.57 ? 39  ASN A O   1 
ATOM   303  C CB  . ASN A 1 39  ? 9.197   3.605   6.261   1.00 12.59 ? 39  ASN A CB  1 
ATOM   304  C CG  . ASN A 1 39  ? 9.547   3.172   7.671   1.00 12.32 ? 39  ASN A CG  1 
ATOM   305  O OD1 . ASN A 1 39  ? 9.921   2.020   7.945   1.00 13.32 ? 39  ASN A OD1 1 
ATOM   306  N ND2 . ASN A 1 39  ? 9.423   4.124   8.600   1.00 11.16 ? 39  ASN A ND2 1 
ATOM   307  N N   . THR A 1 40  ? 8.142   0.299   5.733   1.00 11.96 ? 40  THR A N   1 
ATOM   308  C CA  . THR A 1 40  ? 7.194   -0.758  6.112   1.00 11.59 ? 40  THR A CA  1 
ATOM   309  C C   . THR A 1 40  ? 6.668   -0.592  7.535   1.00 12.35 ? 40  THR A C   1 
ATOM   310  O O   . THR A 1 40  ? 5.585   -1.139  7.817   1.00 13.00 ? 40  THR A O   1 
ATOM   311  C CB  . THR A 1 40  ? 7.796   -2.211  5.922   1.00 10.89 ? 40  THR A CB  1 
ATOM   312  O OG1 . THR A 1 40  ? 8.850   -2.379  6.923   1.00 9.85  ? 40  THR A OG1 1 
ATOM   313  C CG2 . THR A 1 40  ? 8.316   -2.479  4.510   1.00 9.65  ? 40  THR A CG2 1 
ATOM   314  N N   . GLN A 1 41  ? 7.354   0.107   8.419   1.00 12.68 ? 41  GLN A N   1 
ATOM   315  C CA  . GLN A 1 41  ? 6.987   0.331   9.811   1.00 12.63 ? 41  GLN A CA  1 
ATOM   316  C C   . GLN A 1 41  ? 6.248   1.641   10.067  1.00 13.18 ? 41  GLN A C   1 
ATOM   317  O O   . GLN A 1 41  ? 6.172   2.041   11.245  1.00 14.61 ? 41  GLN A O   1 
ATOM   318  C CB  . GLN A 1 41  ? 8.225   0.337   10.726  1.00 11.77 ? 41  GLN A CB  1 
ATOM   319  C CG  . GLN A 1 41  ? 8.921   -1.021  10.730  1.00 10.55 ? 41  GLN A CG  1 
ATOM   320  C CD  . GLN A 1 41  ? 10.025  -1.046  11.760  1.00 11.38 ? 41  GLN A CD  1 
ATOM   321  O OE1 . GLN A 1 41  ? 11.187  -0.752  11.444  1.00 13.30 ? 41  GLN A OE1 1 
ATOM   322  N NE2 . GLN A 1 41  ? 9.645   -1.386  12.985  1.00 9.35  ? 41  GLN A NE2 1 
ATOM   323  N N   . ALA A 1 42  ? 5.746   2.256   9.022   1.00 12.60 ? 42  ALA A N   1 
ATOM   324  C CA  . ALA A 1 42  ? 5.017   3.512   9.169   1.00 13.05 ? 42  ALA A CA  1 
ATOM   325  C C   . ALA A 1 42  ? 3.622   3.206   9.695   1.00 13.47 ? 42  ALA A C   1 
ATOM   326  O O   . ALA A 1 42  ? 2.994   2.249   9.236   1.00 14.44 ? 42  ALA A O   1 
ATOM   327  C CB  . ALA A 1 42  ? 4.961   4.274   7.855   1.00 13.01 ? 42  ALA A CB  1 
ATOM   328  N N   . THR A 1 43  ? 3.185   3.997   10.649  1.00 14.13 ? 43  THR A N   1 
ATOM   329  C CA  . THR A 1 43  ? 1.876   3.951   11.291  1.00 14.64 ? 43  THR A CA  1 
ATOM   330  C C   . THR A 1 43  ? 1.358   5.398   11.421  1.00 15.66 ? 43  THR A C   1 
ATOM   331  O O   . THR A 1 43  ? 2.124   6.356   11.599  1.00 15.55 ? 43  THR A O   1 
ATOM   332  C CB  . THR A 1 43  ? 1.775   3.233   12.688  1.00 12.49 ? 43  THR A CB  1 
ATOM   333  O OG1 . THR A 1 43  ? 2.667   3.952   13.597  1.00 13.75 ? 43  THR A OG1 1 
ATOM   334  C CG2 . THR A 1 43  ? 2.104   1.743   12.633  1.00 10.82 ? 43  THR A CG2 1 
ATOM   335  N N   . ASN A 1 44  ? 0.041   5.508   11.326  1.00 17.10 ? 44  ASN A N   1 
ATOM   336  C CA  . ASN A 1 44  ? -0.645  6.801   11.415  1.00 19.14 ? 44  ASN A CA  1 
ATOM   337  C C   . ASN A 1 44  ? -2.060  6.608   11.961  1.00 19.96 ? 44  ASN A C   1 
ATOM   338  O O   . ASN A 1 44  ? -2.880  5.934   11.334  1.00 20.03 ? 44  ASN A O   1 
ATOM   339  C CB  . ASN A 1 44  ? -0.662  7.524   10.064  1.00 20.88 ? 44  ASN A CB  1 
ATOM   340  C CG  . ASN A 1 44  ? -1.176  8.951   10.225  1.00 23.18 ? 44  ASN A CG  1 
ATOM   341  O OD1 . ASN A 1 44  ? -0.383  9.811   10.663  1.00 24.95 ? 44  ASN A OD1 1 
ATOM   342  N ND2 . ASN A 1 44  ? -2.446  9.192   9.897   1.00 22.64 ? 44  ASN A ND2 1 
ATOM   343  N N   . ARG A 1 45  ? -2.290  7.217   13.102  1.00 21.38 ? 45  ARG A N   1 
ATOM   344  C CA  . ARG A 1 45  ? -3.576  7.166   13.789  1.00 23.67 ? 45  ARG A CA  1 
ATOM   345  C C   . ARG A 1 45  ? -4.533  8.201   13.203  1.00 24.69 ? 45  ARG A C   1 
ATOM   346  O O   . ARG A 1 45  ? -4.081  9.313   12.886  1.00 24.91 ? 45  ARG A O   1 
ATOM   347  C CB  . ARG A 1 45  ? -3.461  7.448   15.281  1.00 24.83 ? 45  ARG A CB  1 
ATOM   348  C CG  . ARG A 1 45  ? -4.751  7.299   16.069  1.00 28.15 ? 45  ARG A CG  1 
ATOM   349  C CD  . ARG A 1 45  ? -4.811  6.076   16.914  1.00 30.61 ? 45  ARG A CD  1 
ATOM   350  N NE  . ARG A 1 45  ? -4.167  6.283   18.199  1.00 34.62 ? 45  ARG A NE  1 
ATOM   351  C CZ  . ARG A 1 45  ? -2.906  6.546   18.508  1.00 35.97 ? 45  ARG A CZ  1 
ATOM   352  N NH1 . ARG A 1 45  ? -1.897  6.653   17.641  1.00 36.83 ? 45  ARG A NH1 1 
ATOM   353  N NH2 . ARG A 1 45  ? -2.597  6.760   19.796  1.00 37.56 ? 45  ARG A NH2 1 
ATOM   354  N N   . ASN A 1 46  ? -5.797  7.834   13.106  1.00 25.91 ? 46  ASN A N   1 
ATOM   355  C CA  . ASN A 1 46  ? -6.850  8.722   12.582  1.00 27.24 ? 46  ASN A CA  1 
ATOM   356  C C   . ASN A 1 46  ? -7.759  9.164   13.736  1.00 27.78 ? 46  ASN A C   1 
ATOM   357  O O   . ASN A 1 46  ? -7.744  8.578   14.825  1.00 27.61 ? 46  ASN A O   1 
ATOM   358  C CB  . ASN A 1 46  ? -7.605  8.044   11.435  1.00 28.02 ? 46  ASN A CB  1 
ATOM   359  C CG  . ASN A 1 46  ? -6.671  7.720   10.281  1.00 28.99 ? 46  ASN A CG  1 
ATOM   360  O OD1 . ASN A 1 46  ? -6.443  6.536   9.989   1.00 31.12 ? 46  ASN A OD1 1 
ATOM   361  N ND2 . ASN A 1 46  ? -6.111  8.738   9.636   1.00 29.29 ? 46  ASN A ND2 1 
ATOM   362  N N   . THR A 1 47  ? -8.547  10.196  13.467  1.00 28.64 ? 47  THR A N   1 
ATOM   363  C CA  . THR A 1 47  ? -9.498  10.794  14.399  1.00 29.02 ? 47  THR A CA  1 
ATOM   364  C C   . THR A 1 47  ? -10.483 9.774   14.957  1.00 29.04 ? 47  THR A C   1 
ATOM   365  O O   . THR A 1 47  ? -10.708 9.649   16.178  1.00 29.97 ? 47  THR A O   1 
ATOM   366  C CB  . THR A 1 47  ? -10.342 11.985  13.784  1.00 30.37 ? 47  THR A CB  1 
ATOM   367  O OG1 . THR A 1 47  ? -11.006 11.413  12.603  1.00 31.39 ? 47  THR A OG1 1 
ATOM   368  C CG2 . THR A 1 47  ? -9.551  13.252  13.442  1.00 30.38 ? 47  THR A CG2 1 
ATOM   369  N N   . ASP A 1 48  ? -11.053 9.013   14.038  1.00 28.35 ? 48  ASP A N   1 
ATOM   370  C CA  . ASP A 1 48  ? -12.044 7.966   14.305  1.00 27.16 ? 48  ASP A CA  1 
ATOM   371  C C   . ASP A 1 48  ? -11.527 6.707   14.993  1.00 26.22 ? 48  ASP A C   1 
ATOM   372  O O   . ASP A 1 48  ? -12.282 5.698   14.965  1.00 27.52 ? 48  ASP A O   1 
ATOM   373  C CB  . ASP A 1 48  ? -12.700 7.604   12.954  1.00 28.27 ? 48  ASP A CB  1 
ATOM   374  C CG  . ASP A 1 48  ? -11.777 6.823   12.037  1.00 30.52 ? 48  ASP A CG  1 
ATOM   375  O OD1 . ASP A 1 48  ? -10.542 6.973   12.004  1.00 31.13 ? 48  ASP A OD1 1 
ATOM   376  O OD2 . ASP A 1 48  ? -12.369 5.986   11.312  1.00 30.89 ? 48  ASP A OD2 1 
ATOM   377  N N   . GLY A 1 49  ? -10.341 6.674   15.555  1.00 24.75 ? 49  GLY A N   1 
ATOM   378  C CA  . GLY A 1 49  ? -9.776  5.524   16.243  1.00 22.73 ? 49  GLY A CA  1 
ATOM   379  C C   . GLY A 1 49  ? -9.036  4.505   15.409  1.00 21.13 ? 49  GLY A C   1 
ATOM   380  O O   . GLY A 1 49  ? -8.422  3.587   16.001  1.00 21.93 ? 49  GLY A O   1 
ATOM   381  N N   . SER A 1 50  ? -9.077  4.625   14.097  1.00 19.78 ? 50  SER A N   1 
ATOM   382  C CA  . SER A 1 50  ? -8.382  3.658   13.230  1.00 18.52 ? 50  SER A CA  1 
ATOM   383  C C   . SER A 1 50  ? -6.944  4.139   13.001  1.00 17.57 ? 50  SER A C   1 
ATOM   384  O O   . SER A 1 50  ? -6.603  5.305   13.243  1.00 16.69 ? 50  SER A O   1 
ATOM   385  C CB  . SER A 1 50  ? -9.092  3.427   11.911  1.00 18.19 ? 50  SER A CB  1 
ATOM   386  O OG  . SER A 1 50  ? -8.860  4.528   11.053  1.00 20.29 ? 50  SER A OG  1 
ATOM   387  N N   . THR A 1 51  ? -6.142  3.179   12.550  1.00 16.35 ? 51  THR A N   1 
ATOM   388  C CA  . THR A 1 51  ? -4.724  3.436   12.271  1.00 14.87 ? 51  THR A CA  1 
ATOM   389  C C   . THR A 1 51  ? -4.354  2.922   10.892  1.00 13.55 ? 51  THR A C   1 
ATOM   390  O O   . THR A 1 51  ? -4.960  1.901   10.526  1.00 13.19 ? 51  THR A O   1 
ATOM   391  C CB  . THR A 1 51  ? -3.814  2.820   13.406  1.00 15.51 ? 51  THR A CB  1 
ATOM   392  O OG1 . THR A 1 51  ? -4.238  3.420   14.671  1.00 16.05 ? 51  THR A OG1 1 
ATOM   393  C CG2 . THR A 1 51  ? -2.307  3.005   13.151  1.00 14.51 ? 51  THR A CG2 1 
ATOM   394  N N   . ASP A 1 52  ? -3.436  3.574   10.216  1.00 12.41 ? 52  ASP A N   1 
ATOM   395  C CA  . ASP A 1 52  ? -2.968  3.172   8.877   1.00 12.34 ? 52  ASP A CA  1 
ATOM   396  C C   . ASP A 1 52  ? -1.654  2.423   9.123   1.00 12.19 ? 52  ASP A C   1 
ATOM   397  O O   . ASP A 1 52  ? -0.874  2.886   9.966   1.00 12.31 ? 52  ASP A O   1 
ATOM   398  C CB  . ASP A 1 52  ? -2.847  4.344   7.926   1.00 12.55 ? 52  ASP A CB  1 
ATOM   399  C CG  . ASP A 1 52  ? -4.140  5.095   7.700   1.00 13.70 ? 52  ASP A CG  1 
ATOM   400  O OD1 . ASP A 1 52  ? -5.240  4.544   7.618   1.00 15.19 ? 52  ASP A OD1 1 
ATOM   401  O OD2 . ASP A 1 52  ? -4.007  6.333   7.589   1.00 15.83 ? 52  ASP A OD2 1 
ATOM   402  N N   . TYR A 1 53  ? -1.479  1.296   8.457   1.00 12.05 ? 53  TYR A N   1 
ATOM   403  C CA  . TYR A 1 53  ? -0.315  0.431   8.641   1.00 12.34 ? 53  TYR A CA  1 
ATOM   404  C C   . TYR A 1 53  ? 0.484   0.035   7.409   1.00 12.32 ? 53  TYR A C   1 
ATOM   405  O O   . TYR A 1 53  ? 0.001   -0.448  6.376   1.00 12.80 ? 53  TYR A O   1 
ATOM   406  C CB  . TYR A 1 53  ? -0.813  -0.882  9.325   1.00 12.13 ? 53  TYR A CB  1 
ATOM   407  C CG  . TYR A 1 53  ? -1.375  -0.757  10.725  1.00 12.55 ? 53  TYR A CG  1 
ATOM   408  C CD1 . TYR A 1 53  ? -2.724  -0.473  10.949  1.00 11.23 ? 53  TYR A CD1 1 
ATOM   409  C CD2 . TYR A 1 53  ? -0.564  -0.940  11.853  1.00 13.17 ? 53  TYR A CD2 1 
ATOM   410  C CE1 . TYR A 1 53  ? -3.245  -0.372  12.229  1.00 10.29 ? 53  TYR A CE1 1 
ATOM   411  C CE2 . TYR A 1 53  ? -1.074  -0.843  13.145  1.00 11.09 ? 53  TYR A CE2 1 
ATOM   412  C CZ  . TYR A 1 53  ? -2.420  -0.540  13.326  1.00 11.58 ? 53  TYR A CZ  1 
ATOM   413  O OH  . TYR A 1 53  ? -2.962  -0.426  14.582  1.00 12.24 ? 53  TYR A OH  1 
ATOM   414  N N   . GLY A 1 54  ? 1.791   0.245   7.536   1.00 12.40 ? 54  GLY A N   1 
ATOM   415  C CA  . GLY A 1 54  ? 2.798   -0.070  6.556   1.00 11.84 ? 54  GLY A CA  1 
ATOM   416  C C   . GLY A 1 54  ? 3.059   0.831   5.383   1.00 12.06 ? 54  GLY A C   1 
ATOM   417  O O   . GLY A 1 54  ? 2.761   2.018   5.355   1.00 11.77 ? 54  GLY A O   1 
ATOM   418  N N   . ILE A 1 55  ? 3.651   0.206   4.369   1.00 12.38 ? 55  ILE A N   1 
ATOM   419  C CA  . ILE A 1 55  ? 4.084   0.819   3.093   1.00 12.64 ? 55  ILE A CA  1 
ATOM   420  C C   . ILE A 1 55  ? 2.951   1.350   2.233   1.00 13.06 ? 55  ILE A C   1 
ATOM   421  O O   . ILE A 1 55  ? 3.106   2.379   1.545   1.00 12.84 ? 55  ILE A O   1 
ATOM   422  C CB  . ILE A 1 55  ? 5.042   -0.249  2.393   1.00 11.57 ? 55  ILE A CB  1 
ATOM   423  C CG1 . ILE A 1 55  ? 6.123   0.542   1.627   1.00 9.78  ? 55  ILE A CG1 1 
ATOM   424  C CG2 . ILE A 1 55  ? 4.339   -1.292  1.487   1.00 10.29 ? 55  ILE A CG2 1 
ATOM   425  C CD1 . ILE A 1 55  ? 7.287   -0.241  0.980   1.00 11.43 ? 55  ILE A CD1 1 
ATOM   426  N N   . PHE A 1 56  ? 1.792   0.724   2.281   1.00 13.75 ? 56  PHE A N   1 
ATOM   427  C CA  . PHE A 1 56  ? 0.582   1.088   1.542   1.00 13.86 ? 56  PHE A CA  1 
ATOM   428  C C   . PHE A 1 56  ? -0.437  1.787   2.452   1.00 14.70 ? 56  PHE A C   1 
ATOM   429  O O   . PHE A 1 56  ? -1.531  2.181   2.004   1.00 15.94 ? 56  PHE A O   1 
ATOM   430  C CB  . PHE A 1 56  ? -0.066  -0.128  0.872   1.00 13.17 ? 56  PHE A CB  1 
ATOM   431  C CG  . PHE A 1 56  ? 0.813   -0.924  -0.042  1.00 13.15 ? 56  PHE A CG  1 
ATOM   432  C CD1 . PHE A 1 56  ? 1.331   -0.350  -1.205  1.00 14.00 ? 56  PHE A CD1 1 
ATOM   433  C CD2 . PHE A 1 56  ? 1.128   -2.243  0.267   1.00 12.77 ? 56  PHE A CD2 1 
ATOM   434  C CE1 . PHE A 1 56  ? 2.159   -1.100  -2.055  1.00 13.76 ? 56  PHE A CE1 1 
ATOM   435  C CE2 . PHE A 1 56  ? 1.942   -3.010  -0.564  1.00 12.94 ? 56  PHE A CE2 1 
ATOM   436  C CZ  . PHE A 1 56  ? 2.459   -2.434  -1.727  1.00 12.62 ? 56  PHE A CZ  1 
ATOM   437  N N   . GLN A 1 57  ? -0.112  1.917   3.719   1.00 14.54 ? 57  GLN A N   1 
ATOM   438  C CA  . GLN A 1 57  ? -0.945  2.558   4.738   1.00 14.02 ? 57  GLN A CA  1 
ATOM   439  C C   . GLN A 1 57  ? -2.405  2.099   4.695   1.00 14.25 ? 57  GLN A C   1 
ATOM   440  O O   . GLN A 1 57  ? -3.350  2.865   4.448   1.00 14.44 ? 57  GLN A O   1 
ATOM   441  C CB  . GLN A 1 57  ? -0.860  4.084   4.605   1.00 14.38 ? 57  GLN A CB  1 
ATOM   442  C CG  . GLN A 1 57  ? 0.465   4.661   5.057   1.00 13.07 ? 57  GLN A CG  1 
ATOM   443  C CD  . GLN A 1 57  ? 0.553   4.869   6.540   1.00 13.72 ? 57  GLN A CD  1 
ATOM   444  O OE1 . GLN A 1 57  ? -0.003  5.817   7.089   1.00 15.91 ? 57  GLN A OE1 1 
ATOM   445  N NE2 . GLN A 1 57  ? 1.266   3.996   7.239   1.00 14.17 ? 57  GLN A NE2 1 
ATOM   446  N N   . ILE A 1 58  ? -2.556  0.824   4.988   1.00 13.64 ? 58  ILE A N   1 
ATOM   447  C CA  . ILE A 1 58  ? -3.828  0.109   5.062   1.00 12.90 ? 58  ILE A CA  1 
ATOM   448  C C   . ILE A 1 58  ? -4.516  0.368   6.395   1.00 13.18 ? 58  ILE A C   1 
ATOM   449  O O   . ILE A 1 58  ? -3.937  0.180   7.477   1.00 12.69 ? 58  ILE A O   1 
ATOM   450  C CB  . ILE A 1 58  ? -3.601  -1.424  4.776   1.00 11.52 ? 58  ILE A CB  1 
ATOM   451  C CG1 . ILE A 1 58  ? -2.981  -1.533  3.365   1.00 11.05 ? 58  ILE A CG1 1 
ATOM   452  C CG2 . ILE A 1 58  ? -4.896  -2.225  4.977   1.00 10.80 ? 58  ILE A CG2 1 
ATOM   453  C CD1 . ILE A 1 58  ? -2.635  -2.938  2.849   1.00 10.82 ? 58  ILE A CD1 1 
ATOM   454  N N   . ASN A 1 59  ? -5.758  0.795   6.289   1.00 13.50 ? 59  ASN A N   1 
ATOM   455  C CA  . ASN A 1 59  ? -6.628  1.145   7.419   1.00 14.21 ? 59  ASN A CA  1 
ATOM   456  C C   . ASN A 1 59  ? -7.170  -0.059  8.175   1.00 15.27 ? 59  ASN A C   1 
ATOM   457  O O   . ASN A 1 59  ? -7.632  -1.060  7.610   1.00 15.91 ? 59  ASN A O   1 
ATOM   458  C CB  . ASN A 1 59  ? -7.726  2.049   6.834   1.00 14.56 ? 59  ASN A CB  1 
ATOM   459  C CG  . ASN A 1 59  ? -8.441  2.834   7.922   1.00 15.36 ? 59  ASN A CG  1 
ATOM   460  O OD1 . ASN A 1 59  ? -9.546  2.447   8.325   1.00 16.60 ? 59  ASN A OD1 1 
ATOM   461  N ND2 . ASN A 1 59  ? -7.806  3.907   8.377   1.00 15.47 ? 59  ASN A ND2 1 
ATOM   462  N N   . SER A 1 60  ? -7.141  0.070   9.500   1.00 15.97 ? 60  SER A N   1 
ATOM   463  C CA  . SER A 1 60  ? -7.602  -0.949  10.449  1.00 16.90 ? 60  SER A CA  1 
ATOM   464  C C   . SER A 1 60  ? -9.121  -1.019  10.605  1.00 18.17 ? 60  SER A C   1 
ATOM   465  O O   . SER A 1 60  ? -9.609  -1.957  11.272  1.00 18.52 ? 60  SER A O   1 
ATOM   466  C CB  . SER A 1 60  ? -6.956  -0.731  11.822  1.00 14.98 ? 60  SER A CB  1 
ATOM   467  O OG  . SER A 1 60  ? -7.338  0.523   12.353  1.00 15.78 ? 60  SER A OG  1 
ATOM   468  N N   . ARG A 1 61  ? -9.872  -0.100  10.028  1.00 19.30 ? 61  ARG A N   1 
ATOM   469  C CA  . ARG A 1 61  ? -11.338 -0.141  10.128  1.00 19.78 ? 61  ARG A CA  1 
ATOM   470  C C   . ARG A 1 61  ? -11.899 -1.223  9.209   1.00 19.53 ? 61  ARG A C   1 
ATOM   471  O O   . ARG A 1 61  ? -12.868 -1.887  9.635   1.00 19.63 ? 61  ARG A O   1 
ATOM   472  C CB  . ARG A 1 61  ? -11.936 1.228   9.834   1.00 23.13 ? 61  ARG A CB  1 
ATOM   473  C CG  . ARG A 1 61  ? -13.425 1.252   9.508   1.00 27.71 ? 61  ARG A CG  1 
ATOM   474  C CD  . ARG A 1 61  ? -13.975 2.597   9.920   1.00 31.38 ? 61  ARG A CD  1 
ATOM   475  N NE  . ARG A 1 61  ? -13.969 2.600   11.370  1.00 36.32 ? 61  ARG A NE  1 
ATOM   476  C CZ  . ARG A 1 61  ? -14.281 3.546   12.245  1.00 38.20 ? 61  ARG A CZ  1 
ATOM   477  N NH1 . ARG A 1 61  ? -14.672 4.763   11.885  1.00 38.37 ? 61  ARG A NH1 1 
ATOM   478  N NH2 . ARG A 1 61  ? -14.195 3.220   13.547  1.00 39.03 ? 61  ARG A NH2 1 
ATOM   479  N N   . TYR A 1 62  ? -11.344 -1.422  8.016   1.00 19.13 ? 62  TYR A N   1 
ATOM   480  C CA  . TYR A 1 62  ? -11.908 -2.450  7.141   1.00 18.78 ? 62  TYR A CA  1 
ATOM   481  C C   . TYR A 1 62  ? -11.051 -3.662  6.833   1.00 17.58 ? 62  TYR A C   1 
ATOM   482  O O   . TYR A 1 62  ? -11.608 -4.760  6.637   1.00 17.78 ? 62  TYR A O   1 
ATOM   483  C CB  . TYR A 1 62  ? -12.237 -1.897  5.719   1.00 20.49 ? 62  TYR A CB  1 
ATOM   484  C CG  . TYR A 1 62  ? -12.894 -0.551  5.762   1.00 23.12 ? 62  TYR A CG  1 
ATOM   485  C CD1 . TYR A 1 62  ? -14.274 -0.448  5.854   1.00 24.38 ? 62  TYR A CD1 1 
ATOM   486  C CD2 . TYR A 1 62  ? -12.121 0.619   5.740   1.00 25.12 ? 62  TYR A CD2 1 
ATOM   487  C CE1 . TYR A 1 62  ? -14.889 0.805   5.925   1.00 26.42 ? 62  TYR A CE1 1 
ATOM   488  C CE2 . TYR A 1 62  ? -12.717 1.881   5.806   1.00 26.42 ? 62  TYR A CE2 1 
ATOM   489  C CZ  . TYR A 1 62  ? -14.110 1.954   5.895   1.00 27.64 ? 62  TYR A CZ  1 
ATOM   490  O OH  . TYR A 1 62  ? -14.766 3.159   5.967   1.00 30.45 ? 62  TYR A OH  1 
ATOM   491  N N   . TRP A 1 63  ? -9.753  -3.425  6.730   1.00 17.06 ? 63  TRP A N   1 
ATOM   492  C CA  . TRP A 1 63  ? -8.835  -4.499  6.315   1.00 15.39 ? 63  TRP A CA  1 
ATOM   493  C C   . TRP A 1 63  ? -8.063  -5.264  7.349   1.00 15.83 ? 63  TRP A C   1 
ATOM   494  O O   . TRP A 1 63  ? -7.807  -6.435  6.959   1.00 15.84 ? 63  TRP A O   1 
ATOM   495  C CB  . TRP A 1 63  ? -7.843  -3.805  5.320   1.00 13.16 ? 63  TRP A CB  1 
ATOM   496  C CG  . TRP A 1 63  ? -8.550  -2.881  4.381   1.00 12.75 ? 63  TRP A CG  1 
ATOM   497  C CD1 . TRP A 1 63  ? -8.608  -1.513  4.432   1.00 12.90 ? 63  TRP A CD1 1 
ATOM   498  C CD2 . TRP A 1 63  ? -9.376  -3.259  3.268   1.00 12.72 ? 63  TRP A CD2 1 
ATOM   499  N NE1 . TRP A 1 63  ? -9.386  -1.019  3.414   1.00 12.38 ? 63  TRP A NE1 1 
ATOM   500  C CE2 . TRP A 1 63  ? -9.865  -2.072  2.689   1.00 12.24 ? 63  TRP A CE2 1 
ATOM   501  C CE3 . TRP A 1 63  ? -9.719  -4.489  2.713   1.00 12.76 ? 63  TRP A CE3 1 
ATOM   502  C CZ2 . TRP A 1 63  ? -10.689 -2.084  1.572   1.00 13.07 ? 63  TRP A CZ2 1 
ATOM   503  C CZ3 . TRP A 1 63  ? -10.538 -4.503  1.603   1.00 11.18 ? 63  TRP A CZ3 1 
ATOM   504  C CH2 . TRP A 1 63  ? -11.020 -3.325  1.040   1.00 11.31 ? 63  TRP A CH2 1 
ATOM   505  N N   . CYS A 1 64  ? -7.658  -4.778  8.504   1.00 16.35 ? 64  CYS A N   1 
ATOM   506  C CA  . CYS A 1 64  ? -6.863  -5.664  9.400   1.00 16.19 ? 64  CYS A CA  1 
ATOM   507  C C   . CYS A 1 64  ? -7.363  -5.512  10.827  1.00 16.50 ? 64  CYS A C   1 
ATOM   508  O O   . CYS A 1 64  ? -8.079  -4.522  11.048  1.00 17.61 ? 64  CYS A O   1 
ATOM   509  C CB  . CYS A 1 64  ? -5.380  -5.367  9.230   1.00 13.36 ? 64  CYS A CB  1 
ATOM   510  S SG  . CYS A 1 64  ? -4.862  -3.667  9.569   1.00 13.42 ? 64  CYS A SG  1 
ATOM   511  N N   . ASP A 1 65  ? -6.981  -6.417  11.707  1.00 16.12 ? 65  ASP A N   1 
ATOM   512  C CA  . ASP A 1 65  ? -7.399  -6.321  13.121  1.00 16.29 ? 65  ASP A CA  1 
ATOM   513  C C   . ASP A 1 65  ? -6.226  -5.837  13.978  1.00 15.85 ? 65  ASP A C   1 
ATOM   514  O O   . ASP A 1 65  ? -5.143  -6.437  13.927  1.00 16.06 ? 65  ASP A O   1 
ATOM   515  C CB  . ASP A 1 65  ? -7.968  -7.658  13.570  1.00 18.08 ? 65  ASP A CB  1 
ATOM   516  C CG  . ASP A 1 65  ? -8.037  -7.807  15.082  1.00 20.61 ? 65  ASP A CG  1 
ATOM   517  O OD1 . ASP A 1 65  ? -8.508  -6.836  15.704  1.00 21.24 ? 65  ASP A OD1 1 
ATOM   518  O OD2 . ASP A 1 65  ? -7.631  -8.857  15.621  1.00 22.27 ? 65  ASP A OD2 1 
ATOM   519  N N   . ASP A 1 66  ? -6.443  -4.778  14.730  1.00 15.46 ? 66  ASP A N   1 
ATOM   520  C CA  . ASP A 1 66  ? -5.396  -4.216  15.608  1.00 15.96 ? 66  ASP A CA  1 
ATOM   521  C C   . ASP A 1 66  ? -5.899  -4.168  17.062  1.00 16.34 ? 66  ASP A C   1 
ATOM   522  O O   . ASP A 1 66  ? -5.199  -3.662  17.950  1.00 16.47 ? 66  ASP A O   1 
ATOM   523  C CB  . ASP A 1 66  ? -4.905  -2.865  15.107  1.00 14.62 ? 66  ASP A CB  1 
ATOM   524  C CG  . ASP A 1 66  ? -5.812  -1.673  15.303  1.00 14.53 ? 66  ASP A CG  1 
ATOM   525  O OD1 . ASP A 1 66  ? -6.983  -1.831  15.679  1.00 14.85 ? 66  ASP A OD1 1 
ATOM   526  O OD2 . ASP A 1 66  ? -5.308  -0.546  15.072  1.00 12.85 ? 66  ASP A OD2 1 
ATOM   527  N N   . GLY A 1 67  ? -7.083  -4.680  17.290  1.00 17.21 ? 67  GLY A N   1 
ATOM   528  C CA  . GLY A 1 67  ? -7.770  -4.770  18.563  1.00 17.59 ? 67  GLY A CA  1 
ATOM   529  C C   . GLY A 1 67  ? -8.174  -3.505  19.271  1.00 18.39 ? 67  GLY A C   1 
ATOM   530  O O   . GLY A 1 67  ? -8.592  -3.573  20.455  1.00 18.94 ? 67  GLY A O   1 
ATOM   531  N N   . ARG A 1 68  ? -8.080  -2.364  18.609  1.00 19.26 ? 68  ARG A N   1 
ATOM   532  C CA  . ARG A 1 68  ? -8.473  -1.098  19.296  1.00 20.21 ? 68  ARG A CA  1 
ATOM   533  C C   . ARG A 1 68  ? -9.293  -0.203  18.370  1.00 20.76 ? 68  ARG A C   1 
ATOM   534  O O   . ARG A 1 68  ? -9.504  0.999   18.673  1.00 22.21 ? 68  ARG A O   1 
ATOM   535  C CB  . ARG A 1 68  ? -7.233  -0.446  19.880  1.00 20.11 ? 68  ARG A CB  1 
ATOM   536  C CG  . ARG A 1 68  ? -6.047  0.002   19.063  1.00 20.89 ? 68  ARG A CG  1 
ATOM   537  C CD  . ARG A 1 68  ? -6.043  1.452   18.863  1.00 22.21 ? 68  ARG A CD  1 
ATOM   538  N NE  . ARG A 1 68  ? -5.026  2.113   18.137  1.00 23.49 ? 68  ARG A NE  1 
ATOM   539  C CZ  . ARG A 1 68  ? -3.784  2.521   18.310  1.00 25.05 ? 68  ARG A CZ  1 
ATOM   540  N NH1 . ARG A 1 68  ? -3.075  2.319   19.420  1.00 25.24 ? 68  ARG A NH1 1 
ATOM   541  N NH2 . ARG A 1 68  ? -3.193  3.268   17.353  1.00 24.78 ? 68  ARG A NH2 1 
ATOM   542  N N   . THR A 1 69  ? -9.770  -0.805  17.283  1.00 20.56 ? 69  THR A N   1 
ATOM   543  C CA  . THR A 1 69  ? -10.586 -0.049  16.323  1.00 21.08 ? 69  THR A CA  1 
ATOM   544  C C   . THR A 1 69  ? -12.044 -0.500  16.474  1.00 21.71 ? 69  THR A C   1 
ATOM   545  O O   . THR A 1 69  ? -12.361 -1.678  16.300  1.00 22.11 ? 69  THR A O   1 
ATOM   546  C CB  . THR A 1 69  ? -10.160 -0.129  14.809  1.00 19.91 ? 69  THR A CB  1 
ATOM   547  O OG1 . THR A 1 69  ? -8.713  0.036   14.769  1.00 18.76 ? 69  THR A OG1 1 
ATOM   548  C CG2 . THR A 1 69  ? -10.849 0.911   13.904  1.00 18.81 ? 69  THR A CG2 1 
ATOM   549  N N   . PRO A 1 70  ? -12.866 0.486   16.785  1.00 22.90 ? 70  PRO A N   1 
ATOM   550  C CA  . PRO A 1 70  ? -14.302 0.274   16.963  1.00 23.80 ? 70  PRO A CA  1 
ATOM   551  C C   . PRO A 1 70  ? -15.012 0.055   15.636  1.00 24.72 ? 70  PRO A C   1 
ATOM   552  O O   . PRO A 1 70  ? -14.944 0.842   14.678  1.00 25.16 ? 70  PRO A O   1 
ATOM   553  C CB  . PRO A 1 70  ? -14.749 1.501   17.744  1.00 23.63 ? 70  PRO A CB  1 
ATOM   554  C CG  . PRO A 1 70  ? -13.810 2.600   17.327  1.00 23.43 ? 70  PRO A CG  1 
ATOM   555  C CD  . PRO A 1 70  ? -12.502 1.901   16.997  1.00 22.84 ? 70  PRO A CD  1 
ATOM   556  N N   . GLY A 1 71  ? -15.712 -1.067  15.608  1.00 25.47 ? 71  GLY A N   1 
ATOM   557  C CA  . GLY A 1 71  ? -16.495 -1.549  14.472  1.00 25.81 ? 71  GLY A CA  1 
ATOM   558  C C   . GLY A 1 71  ? -15.592 -1.777  13.262  1.00 25.75 ? 71  GLY A C   1 
ATOM   559  O O   . GLY A 1 71  ? -15.786 -1.090  12.242  1.00 26.72 ? 71  GLY A O   1 
ATOM   560  N N   . ALA A 1 72  ? -14.664 -2.694  13.404  1.00 25.36 ? 72  ALA A N   1 
ATOM   561  C CA  . ALA A 1 72  ? -13.724 -3.007  12.306  1.00 25.34 ? 72  ALA A CA  1 
ATOM   562  C C   . ALA A 1 72  ? -14.155 -4.306  11.643  1.00 25.38 ? 72  ALA A C   1 
ATOM   563  O O   . ALA A 1 72  ? -14.760 -5.131  12.355  1.00 25.78 ? 72  ALA A O   1 
ATOM   564  C CB  . ALA A 1 72  ? -12.335 -2.995  12.906  1.00 26.31 ? 72  ALA A CB  1 
ATOM   565  N N   . LYS A 1 73  ? -13.873 -4.487  10.358  1.00 25.13 ? 73  LYS A N   1 
ATOM   566  C CA  . LYS A 1 73  ? -14.272 -5.688  9.614   1.00 24.26 ? 73  LYS A CA  1 
ATOM   567  C C   . LYS A 1 73  ? -13.161 -6.664  9.255   1.00 23.23 ? 73  LYS A C   1 
ATOM   568  O O   . LYS A 1 73  ? -13.508 -7.804  8.851   1.00 23.93 ? 73  LYS A O   1 
ATOM   569  C CB  . LYS A 1 73  ? -14.934 -5.339  8.270   1.00 26.69 ? 73  LYS A CB  1 
ATOM   570  C CG  . LYS A 1 73  ? -16.165 -4.441  8.336   1.00 30.32 ? 73  LYS A CG  1 
ATOM   571  C CD  . LYS A 1 73  ? -16.652 -4.045  6.942   1.00 32.66 ? 73  LYS A CD  1 
ATOM   572  C CE  . LYS A 1 73  ? -17.304 -2.674  6.887   1.00 33.71 ? 73  LYS A CE  1 
ATOM   573  N NZ  . LYS A 1 73  ? -18.398 -2.508  7.876   1.00 35.35 ? 73  LYS A NZ  1 
ATOM   574  N N   . ASN A 1 74  ? -11.906 -6.288  9.330   1.00 21.81 ? 74  ASN A N   1 
ATOM   575  C CA  . ASN A 1 74  ? -10.804 -7.215  9.000   1.00 19.60 ? 74  ASN A CA  1 
ATOM   576  C C   . ASN A 1 74  ? -11.104 -8.059  7.774   1.00 18.25 ? 74  ASN A C   1 
ATOM   577  O O   . ASN A 1 74  ? -11.216 -9.292  7.873   1.00 18.13 ? 74  ASN A O   1 
ATOM   578  C CB  . ASN A 1 74  ? -10.523 -8.081  10.234  1.00 19.48 ? 74  ASN A CB  1 
ATOM   579  C CG  . ASN A 1 74  ? -9.217  -8.830  10.160  1.00 19.51 ? 74  ASN A CG  1 
ATOM   580  O OD1 . ASN A 1 74  ? -8.429  -8.611  9.225   1.00 20.56 ? 74  ASN A OD1 1 
ATOM   581  N ND2 . ASN A 1 74  ? -8.950  -9.719  11.117  1.00 19.92 ? 74  ASN A ND2 1 
ATOM   582  N N   . VAL A 1 75  ? -11.208 -7.425  6.622   1.00 17.65 ? 75  VAL A N   1 
ATOM   583  C CA  . VAL A 1 75  ? -11.502 -8.156  5.367   1.00 17.43 ? 75  VAL A CA  1 
ATOM   584  C C   . VAL A 1 75  ? -10.289 -8.943  4.868   1.00 17.26 ? 75  VAL A C   1 
ATOM   585  O O   . VAL A 1 75  ? -10.492 -9.974  4.189   1.00 17.85 ? 75  VAL A O   1 
ATOM   586  C CB  . VAL A 1 75  ? -12.088 -7.151  4.351   1.00 17.40 ? 75  VAL A CB  1 
ATOM   587  C CG1 . VAL A 1 75  ? -12.162 -7.626  2.919   1.00 16.68 ? 75  VAL A CG1 1 
ATOM   588  C CG2 . VAL A 1 75  ? -13.476 -6.716  4.816   1.00 17.79 ? 75  VAL A CG2 1 
ATOM   589  N N   . CYS A 1 76  ? -9.082  -8.517  5.198   1.00 16.48 ? 76  CYS A N   1 
ATOM   590  C CA  . CYS A 1 76  ? -7.863  -9.214  4.762   1.00 15.13 ? 76  CYS A CA  1 
ATOM   591  C C   . CYS A 1 76  ? -7.562  -10.420 5.646   1.00 14.25 ? 76  CYS A C   1 
ATOM   592  O O   . CYS A 1 76  ? -6.709  -11.240 5.251   1.00 14.20 ? 76  CYS A O   1 
ATOM   593  C CB  . CYS A 1 76  ? -6.659  -8.280  4.713   1.00 14.59 ? 76  CYS A CB  1 
ATOM   594  S SG  . CYS A 1 76  ? -6.657  -7.269  3.210   1.00 15.44 ? 76  CYS A SG  1 
ATOM   595  N N   . GLY A 1 77  ? -8.211  -10.484 6.778   1.00 14.17 ? 77  GLY A N   1 
ATOM   596  C CA  . GLY A 1 77  ? -8.077  -11.598 7.722   1.00 14.15 ? 77  GLY A CA  1 
ATOM   597  C C   . GLY A 1 77  ? -6.727  -11.723 8.373   1.00 14.02 ? 77  GLY A C   1 
ATOM   598  O O   . GLY A 1 77  ? -6.243  -12.850 8.584   1.00 15.11 ? 77  GLY A O   1 
ATOM   599  N N   . ILE A 1 78  ? -6.120  -10.597 8.699   1.00 14.09 ? 78  ILE A N   1 
ATOM   600  C CA  . ILE A 1 78  ? -4.813  -10.520 9.316   1.00 12.67 ? 78  ILE A CA  1 
ATOM   601  C C   . ILE A 1 78  ? -4.770  -9.577  10.506  1.00 13.34 ? 78  ILE A C   1 
ATOM   602  O O   . ILE A 1 78  ? -5.696  -8.783  10.737  1.00 13.37 ? 78  ILE A O   1 
ATOM   603  C CB  . ILE A 1 78  ? -3.747  -10.035 8.258   1.00 11.07 ? 78  ILE A CB  1 
ATOM   604  C CG1 . ILE A 1 78  ? -4.311  -8.779  7.570   1.00 11.27 ? 78  ILE A CG1 1 
ATOM   605  C CG2 . ILE A 1 78  ? -3.340  -11.130 7.248   1.00 12.32 ? 78  ILE A CG2 1 
ATOM   606  C CD1 . ILE A 1 78  ? -3.350  -7.914  6.723   1.00 10.35 ? 78  ILE A CD1 1 
ATOM   607  N N   . ARG A 1 79  ? -3.650  -9.673  11.200  1.00 13.69 ? 79  ARG A N   1 
ATOM   608  C CA  . ARG A 1 79  ? -3.357  -8.789  12.334  1.00 14.32 ? 79  ARG A CA  1 
ATOM   609  C C   . ARG A 1 79  ? -2.742  -7.581  11.618  1.00 14.06 ? 79  ARG A C   1 
ATOM   610  O O   . ARG A 1 79  ? -2.020  -7.858  10.636  1.00 14.99 ? 79  ARG A O   1 
ATOM   611  C CB  . ARG A 1 79  ? -2.414  -9.304  13.384  1.00 17.54 ? 79  ARG A CB  1 
ATOM   612  C CG  . ARG A 1 79  ? -2.777  -10.540 14.176  1.00 20.31 ? 79  ARG A CG  1 
ATOM   613  C CD  . ARG A 1 79  ? -3.883  -10.300 15.144  1.00 23.80 ? 79  ARG A CD  1 
ATOM   614  N NE  . ARG A 1 79  ? -4.072  -11.476 16.004  1.00 27.71 ? 79  ARG A NE  1 
ATOM   615  C CZ  . ARG A 1 79  ? -5.010  -11.498 16.965  1.00 29.71 ? 79  ARG A CZ  1 
ATOM   616  N NH1 . ARG A 1 79  ? -5.824  -10.463 17.191  1.00 30.51 ? 79  ARG A NH1 1 
ATOM   617  N NH2 . ARG A 1 79  ? -5.140  -12.586 17.729  1.00 30.09 ? 79  ARG A NH2 1 
ATOM   618  N N   . CYS A 1 80  ? -2.948  -6.364  12.054  1.00 13.74 ? 80  CYS A N   1 
ATOM   619  C CA  . CYS A 1 80  ? -2.346  -5.204  11.380  1.00 13.40 ? 80  CYS A CA  1 
ATOM   620  C C   . CYS A 1 80  ? -0.828  -5.260  11.512  1.00 13.45 ? 80  CYS A C   1 
ATOM   621  O O   . CYS A 1 80  ? -0.084  -4.859  10.603  1.00 13.27 ? 80  CYS A O   1 
ATOM   622  C CB  . CYS A 1 80  ? -2.891  -3.896  11.915  1.00 12.96 ? 80  CYS A CB  1 
ATOM   623  S SG  . CYS A 1 80  ? -4.626  -3.590  11.574  1.00 13.56 ? 80  CYS A SG  1 
ATOM   624  N N   . SER A 1 81  ? -0.355  -5.785  12.620  1.00 13.63 ? 81  SER A N   1 
ATOM   625  C CA  . SER A 1 81  ? 1.069   -5.964  12.925  1.00 13.47 ? 81  SER A CA  1 
ATOM   626  C C   . SER A 1 81  ? 1.816   -6.652  11.789  1.00 13.23 ? 81  SER A C   1 
ATOM   627  O O   . SER A 1 81  ? 3.023   -6.407  11.552  1.00 13.76 ? 81  SER A O   1 
ATOM   628  C CB  . SER A 1 81  ? 1.217   -6.731  14.240  1.00 13.35 ? 81  SER A CB  1 
ATOM   629  O OG  . SER A 1 81  ? 0.758   -8.073  14.160  1.00 14.00 ? 81  SER A OG  1 
ATOM   630  N N   . GLN A 1 82  ? 1.156   -7.523  11.036  1.00 12.42 ? 82  GLN A N   1 
ATOM   631  C CA  . GLN A 1 82  ? 1.706   -8.277  9.912   1.00 11.37 ? 82  GLN A CA  1 
ATOM   632  C C   . GLN A 1 82  ? 1.998   -7.410  8.690   1.00 10.79 ? 82  GLN A C   1 
ATOM   633  O O   . GLN A 1 82  ? 2.661   -7.904  7.758   1.00 11.28 ? 82  GLN A O   1 
ATOM   634  C CB  . GLN A 1 82  ? 0.788   -9.425  9.458   1.00 13.66 ? 82  GLN A CB  1 
ATOM   635  C CG  . GLN A 1 82  ? 0.798   -10.628 10.380  1.00 16.75 ? 82  GLN A CG  1 
ATOM   636  C CD  . GLN A 1 82  ? -0.179  -11.726 10.044  1.00 18.61 ? 82  GLN A CD  1 
ATOM   637  O OE1 . GLN A 1 82  ? -1.270  -11.839 10.611  1.00 21.33 ? 82  GLN A OE1 1 
ATOM   638  N NE2 . GLN A 1 82  ? 0.180   -12.599 9.105   1.00 19.47 ? 82  GLN A NE2 1 
ATOM   639  N N   . LEU A 1 83  ? 1.544   -6.182  8.688   1.00 10.92 ? 83  LEU A N   1 
ATOM   640  C CA  . LEU A 1 83  ? 1.736   -5.227  7.609   1.00 11.10 ? 83  LEU A CA  1 
ATOM   641  C C   . LEU A 1 83  ? 2.969   -4.351  7.820   1.00 11.87 ? 83  LEU A C   1 
ATOM   642  O O   . LEU A 1 83  ? 3.262   -3.536  6.920   1.00 12.31 ? 83  LEU A O   1 
ATOM   643  C CB  . LEU A 1 83  ? 0.474   -4.358  7.452   1.00 10.12 ? 83  LEU A CB  1 
ATOM   644  C CG  . LEU A 1 83  ? -0.819  -5.035  7.052   1.00 8.88  ? 83  LEU A CG  1 
ATOM   645  C CD1 . LEU A 1 83  ? -1.961  -4.025  7.172   1.00 8.17  ? 83  LEU A CD1 1 
ATOM   646  C CD2 . LEU A 1 83  ? -0.767  -5.546  5.620   1.00 6.94  ? 83  LEU A CD2 1 
ATOM   647  N N   . LEU A 1 84  ? 3.643   -4.505  8.938   1.00 12.05 ? 84  LEU A N   1 
ATOM   648  C CA  . LEU A 1 84  ? 4.834   -3.719  9.246   1.00 13.02 ? 84  LEU A CA  1 
ATOM   649  C C   . LEU A 1 84  ? 6.152   -4.464  9.081   1.00 13.22 ? 84  LEU A C   1 
ATOM   650  O O   . LEU A 1 84  ? 7.203   -3.871  9.377   1.00 14.18 ? 84  LEU A O   1 
ATOM   651  C CB  . LEU A 1 84  ? 4.669   -3.218  10.689  1.00 11.84 ? 84  LEU A CB  1 
ATOM   652  C CG  . LEU A 1 84  ? 3.396   -2.476  11.011  1.00 12.23 ? 84  LEU A CG  1 
ATOM   653  C CD1 . LEU A 1 84  ? 3.445   -2.069  12.477  1.00 12.71 ? 84  LEU A CD1 1 
ATOM   654  C CD2 . LEU A 1 84  ? 3.274   -1.241  10.127  1.00 11.43 ? 84  LEU A CD2 1 
ATOM   655  N N   . THR A 1 85  ? 6.106   -5.694  8.633   1.00 14.37 ? 85  THR A N   1 
ATOM   656  C CA  . THR A 1 85  ? 7.329   -6.510  8.455   1.00 14.87 ? 85  THR A CA  1 
ATOM   657  C C   . THR A 1 85  ? 8.120   -6.048  7.244   1.00 15.56 ? 85  THR A C   1 
ATOM   658  O O   . THR A 1 85  ? 7.611   -5.390  6.316   1.00 15.84 ? 85  THR A O   1 
ATOM   659  C CB  . THR A 1 85  ? 6.852   -8.010  8.504   1.00 15.04 ? 85  THR A CB  1 
ATOM   660  O OG1 . THR A 1 85  ? 5.997   -8.266  7.352   1.00 17.63 ? 85  THR A OG1 1 
ATOM   661  C CG2 . THR A 1 85  ? 6.124   -8.332  9.824   1.00 13.99 ? 85  THR A CG2 1 
ATOM   662  N N   . ASP A 1 86  ? 9.407   -6.387  7.247   1.00 16.06 ? 86  ASP A N   1 
ATOM   663  C CA  . ASP A 1 86  ? 10.362  -6.013  6.181   1.00 17.21 ? 86  ASP A CA  1 
ATOM   664  C C   . ASP A 1 86  ? 9.983   -6.801  4.921   1.00 17.12 ? 86  ASP A C   1 
ATOM   665  O O   . ASP A 1 86  ? 10.237  -6.367  3.791   1.00 17.76 ? 86  ASP A O   1 
ATOM   666  C CB  . ASP A 1 86  ? 11.806  -6.183  6.633   1.00 19.20 ? 86  ASP A CB  1 
ATOM   667  C CG  . ASP A 1 86  ? 12.275  -5.432  7.857   1.00 22.95 ? 86  ASP A CG  1 
ATOM   668  O OD1 . ASP A 1 86  ? 11.813  -4.305  8.152   1.00 24.31 ? 86  ASP A OD1 1 
ATOM   669  O OD2 . ASP A 1 86  ? 13.155  -5.895  8.618   1.00 26.10 ? 86  ASP A OD2 1 
ATOM   670  N N   . ASP A 1 87  ? 9.391   -7.946  5.135   1.00 16.76 ? 87  ASP A N   1 
ATOM   671  C CA  . ASP A 1 87  ? 8.875   -8.874  4.128   1.00 16.74 ? 87  ASP A CA  1 
ATOM   672  C C   . ASP A 1 87  ? 7.470   -8.383  3.762   1.00 15.89 ? 87  ASP A C   1 
ATOM   673  O O   . ASP A 1 87  ? 6.560   -8.294  4.608   1.00 17.07 ? 87  ASP A O   1 
ATOM   674  C CB  . ASP A 1 87  ? 8.944   -10.299 4.661   1.00 17.96 ? 87  ASP A CB  1 
ATOM   675  C CG  . ASP A 1 87  ? 8.212   -11.288 3.778   1.00 19.95 ? 87  ASP A CG  1 
ATOM   676  O OD1 . ASP A 1 87  ? 8.621   -11.497 2.633   1.00 21.82 ? 87  ASP A OD1 1 
ATOM   677  O OD2 . ASP A 1 87  ? 7.207   -11.858 4.250   1.00 22.56 ? 87  ASP A OD2 1 
ATOM   678  N N   . LEU A 1 88  ? 7.275   -8.068  2.512   1.00 15.56 ? 88  LEU A N   1 
ATOM   679  C CA  . LEU A 1 88  ? 6.064   -7.550  1.886   1.00 14.99 ? 88  LEU A CA  1 
ATOM   680  C C   . LEU A 1 88  ? 4.998   -8.540  1.476   1.00 14.70 ? 88  LEU A C   1 
ATOM   681  O O   . LEU A 1 88  ? 3.908   -8.094  1.058   1.00 16.09 ? 88  LEU A O   1 
ATOM   682  C CB  . LEU A 1 88  ? 6.579   -6.760  0.653   1.00 14.91 ? 88  LEU A CB  1 
ATOM   683  C CG  . LEU A 1 88  ? 6.778   -5.257  0.710   1.00 15.64 ? 88  LEU A CG  1 
ATOM   684  C CD1 . LEU A 1 88  ? 7.185   -4.719  2.068   1.00 15.34 ? 88  LEU A CD1 1 
ATOM   685  C CD2 . LEU A 1 88  ? 7.895   -4.940  -0.296  1.00 15.63 ? 88  LEU A CD2 1 
ATOM   686  N N   . THR A 1 89  ? 5.191   -9.825  1.580   1.00 14.62 ? 89  THR A N   1 
ATOM   687  C CA  . THR A 1 89  ? 4.183   -10.823 1.180   1.00 14.26 ? 89  THR A CA  1 
ATOM   688  C C   . THR A 1 89  ? 2.758   -10.579 1.658   1.00 13.75 ? 89  THR A C   1 
ATOM   689  O O   . THR A 1 89  ? 1.854   -10.743 0.816   1.00 13.77 ? 89  THR A O   1 
ATOM   690  C CB  . THR A 1 89  ? 4.685   -12.255 1.632   1.00 13.13 ? 89  THR A CB  1 
ATOM   691  O OG1 . THR A 1 89  ? 5.931   -12.442 0.890   1.00 14.70 ? 89  THR A OG1 1 
ATOM   692  C CG2 . THR A 1 89  ? 3.691   -13.377 1.386   1.00 14.48 ? 89  THR A CG2 1 
ATOM   693  N N   . VAL A 1 90  ? 2.537   -10.280 2.913   1.00 13.54 ? 90  VAL A N   1 
ATOM   694  C CA  . VAL A 1 90  ? 1.189   -10.055 3.467   1.00 13.26 ? 90  VAL A CA  1 
ATOM   695  C C   . VAL A 1 90  ? 0.630   -8.702  3.028   1.00 13.01 ? 90  VAL A C   1 
ATOM   696  O O   . VAL A 1 90  ? -0.558  -8.646  2.662   1.00 14.32 ? 90  VAL A O   1 
ATOM   697  C CB  . VAL A 1 90  ? 1.220   -10.246 5.002   1.00 12.30 ? 90  VAL A CB  1 
ATOM   698  C CG1 . VAL A 1 90  ? -0.055  -9.800  5.694   1.00 11.70 ? 90  VAL A CG1 1 
ATOM   699  C CG2 . VAL A 1 90  ? 1.532   -11.683 5.381   1.00 11.91 ? 90  VAL A CG2 1 
ATOM   700  N N   . ALA A 1 91  ? 1.435   -7.658  3.062   1.00 12.43 ? 91  ALA A N   1 
ATOM   701  C CA  . ALA A 1 91  ? 1.021   -6.320  2.641   1.00 12.18 ? 91  ALA A CA  1 
ATOM   702  C C   . ALA A 1 91  ? 0.559   -6.372  1.191   1.00 12.20 ? 91  ALA A C   1 
ATOM   703  O O   . ALA A 1 91  ? -0.501  -5.836  0.843   1.00 13.90 ? 91  ALA A O   1 
ATOM   704  C CB  . ALA A 1 91  ? 2.151   -5.317  2.818   1.00 11.75 ? 91  ALA A CB  1 
ATOM   705  N N   . ILE A 1 92  ? 1.339   -7.010  0.343   1.00 12.65 ? 92  ILE A N   1 
ATOM   706  C CA  . ILE A 1 92  ? 1.029   -7.148  -1.090  1.00 13.03 ? 92  ILE A CA  1 
ATOM   707  C C   . ILE A 1 92  ? -0.300  -7.867  -1.300  1.00 13.85 ? 92  ILE A C   1 
ATOM   708  O O   . ILE A 1 92  ? -1.146  -7.398  -2.088  1.00 14.55 ? 92  ILE A O   1 
ATOM   709  C CB  . ILE A 1 92  ? 2.251   -7.812  -1.823  1.00 10.77 ? 92  ILE A CB  1 
ATOM   710  C CG1 . ILE A 1 92  ? 3.348   -6.731  -1.921  1.00 11.05 ? 92  ILE A CG1 1 
ATOM   711  C CG2 . ILE A 1 92  ? 1.828   -8.425  -3.168  1.00 11.06 ? 92  ILE A CG2 1 
ATOM   712  C CD1 . ILE A 1 92  ? 4.647   -7.149  -2.651  1.00 10.52 ? 92  ILE A CD1 1 
ATOM   713  N N   . ARG A 1 93  ? -0.473  -8.980  -0.616  1.00 14.11 ? 93  ARG A N   1 
ATOM   714  C CA  . ARG A 1 93  ? -1.695  -9.796  -0.664  1.00 14.77 ? 93  ARG A CA  1 
ATOM   715  C C   . ARG A 1 93  ? -2.924  -9.003  -0.228  1.00 14.47 ? 93  ARG A C   1 
ATOM   716  O O   . ARG A 1 93  ? -3.991  -9.127  -0.866  1.00 15.19 ? 93  ARG A O   1 
ATOM   717  C CB  . ARG A 1 93  ? -1.470  -11.030 0.196   1.00 16.43 ? 93  ARG A CB  1 
ATOM   718  C CG  . ARG A 1 93  ? -2.525  -12.117 0.191   1.00 20.47 ? 93  ARG A CG  1 
ATOM   719  C CD  . ARG A 1 93  ? -1.877  -13.390 0.683   1.00 24.56 ? 93  ARG A CD  1 
ATOM   720  N NE  . ARG A 1 93  ? -0.788  -13.734 -0.222  1.00 26.57 ? 93  ARG A NE  1 
ATOM   721  C CZ  . ARG A 1 93  ? 0.196   -14.599 -0.025  1.00 28.00 ? 93  ARG A CZ  1 
ATOM   722  N NH1 . ARG A 1 93  ? 0.317   -15.302 1.099   1.00 29.05 ? 93  ARG A NH1 1 
ATOM   723  N NH2 . ARG A 1 93  ? 1.089   -14.750 -1.018  1.00 28.90 ? 93  ARG A NH2 1 
ATOM   724  N N   . CYS A 1 94  ? -2.809  -8.192  0.809   1.00 13.39 ? 94  CYS A N   1 
ATOM   725  C CA  . CYS A 1 94  ? -3.946  -7.385  1.301   1.00 12.51 ? 94  CYS A CA  1 
ATOM   726  C C   . CYS A 1 94  ? -4.203  -6.242  0.335   1.00 12.24 ? 94  CYS A C   1 
ATOM   727  O O   . CYS A 1 94  ? -5.376  -6.008  -0.029  1.00 12.85 ? 94  CYS A O   1 
ATOM   728  C CB  . CYS A 1 94  ? -3.684  -6.947  2.739   1.00 13.59 ? 94  CYS A CB  1 
ATOM   729  S SG  . CYS A 1 94  ? -5.064  -6.044  3.483   1.00 14.08 ? 94  CYS A SG  1 
ATOM   730  N N   . ALA A 1 95  ? -3.166  -5.559  -0.126  1.00 12.12 ? 95  ALA A N   1 
ATOM   731  C CA  . ALA A 1 95  ? -3.265  -4.443  -1.085  1.00 11.30 ? 95  ALA A CA  1 
ATOM   732  C C   . ALA A 1 95  ? -3.952  -4.929  -2.359  1.00 11.16 ? 95  ALA A C   1 
ATOM   733  O O   . ALA A 1 95  ? -4.771  -4.223  -2.969  1.00 10.07 ? 95  ALA A O   1 
ATOM   734  C CB  . ALA A 1 95  ? -1.900  -3.835  -1.372  1.00 11.55 ? 95  ALA A CB  1 
ATOM   735  N N   . LYS A 1 96  ? -3.622  -6.152  -2.767  1.00 11.40 ? 96  LYS A N   1 
ATOM   736  C CA  . LYS A 1 96  ? -4.215  -6.827  -3.931  1.00 11.26 ? 96  LYS A CA  1 
ATOM   737  C C   . LYS A 1 96  ? -5.724  -6.952  -3.711  1.00 11.79 ? 96  LYS A C   1 
ATOM   738  O O   . LYS A 1 96  ? -6.514  -6.685  -4.635  1.00 13.21 ? 96  LYS A O   1 
ATOM   739  C CB  . LYS A 1 96  ? -3.605  -8.186  -4.206  1.00 10.97 ? 96  LYS A CB  1 
ATOM   740  C CG  . LYS A 1 96  ? -2.253  -8.059  -4.922  1.00 11.67 ? 96  LYS A CG  1 
ATOM   741  C CD  . LYS A 1 96  ? -1.714  -9.403  -5.386  1.00 11.45 ? 96  LYS A CD  1 
ATOM   742  C CE  . LYS A 1 96  ? -0.485  -9.238  -6.272  1.00 11.10 ? 96  LYS A CE  1 
ATOM   743  N NZ  . LYS A 1 96  ? 0.137   -10.568 -6.528  1.00 12.73 ? 96  LYS A NZ  1 
ATOM   744  N N   . ARG A 1 97  ? -6.145  -7.311  -2.522  1.00 11.78 ? 97  ARG A N   1 
ATOM   745  C CA  . ARG A 1 97  ? -7.563  -7.436  -2.153  1.00 11.75 ? 97  ARG A CA  1 
ATOM   746  C C   . ARG A 1 97  ? -8.229  -6.056  -2.085  1.00 12.16 ? 97  ARG A C   1 
ATOM   747  O O   . ARG A 1 97  ? -9.418  -5.940  -2.447  1.00 12.86 ? 97  ARG A O   1 
ATOM   748  C CB  . ARG A 1 97  ? -7.727  -8.199  -0.838  1.00 11.28 ? 97  ARG A CB  1 
ATOM   749  C CG  . ARG A 1 97  ? -9.106  -8.175  -0.204  1.00 10.50 ? 97  ARG A CG  1 
ATOM   750  C CD  . ARG A 1 97  ? -10.124 -8.878  -1.030  1.00 11.18 ? 97  ARG A CD  1 
ATOM   751  N NE  . ARG A 1 97  ? -11.482 -8.607  -0.626  1.00 11.02 ? 97  ARG A NE  1 
ATOM   752  C CZ  . ARG A 1 97  ? -12.242 -7.543  -0.868  1.00 11.75 ? 97  ARG A CZ  1 
ATOM   753  N NH1 . ARG A 1 97  ? -11.887 -6.459  -1.557  1.00 10.13 ? 97  ARG A NH1 1 
ATOM   754  N NH2 . ARG A 1 97  ? -13.495 -7.580  -0.391  1.00 12.43 ? 97  ARG A NH2 1 
ATOM   755  N N   . VAL A 1 98  ? -7.528  -5.032  -1.631  1.00 12.33 ? 98  VAL A N   1 
ATOM   756  C CA  . VAL A 1 98  ? -8.083  -3.683  -1.546  1.00 12.38 ? 98  VAL A CA  1 
ATOM   757  C C   . VAL A 1 98  ? -8.427  -3.187  -2.950  1.00 12.72 ? 98  VAL A C   1 
ATOM   758  O O   . VAL A 1 98  ? -9.558  -2.665  -3.049  1.00 12.91 ? 98  VAL A O   1 
ATOM   759  C CB  . VAL A 1 98  ? -7.148  -2.702  -0.807  1.00 12.98 ? 98  VAL A CB  1 
ATOM   760  C CG1 . VAL A 1 98  ? -7.630  -1.254  -0.914  1.00 11.81 ? 98  VAL A CG1 1 
ATOM   761  C CG2 . VAL A 1 98  ? -6.920  -3.102  0.642   1.00 12.97 ? 98  VAL A CG2 1 
ATOM   762  N N   . VAL A 1 99  ? -7.590  -3.319  -3.968  1.00 11.88 ? 99  VAL A N   1 
ATOM   763  C CA  . VAL A 1 99  ? -7.962  -2.813  -5.301  1.00 12.77 ? 99  VAL A CA  1 
ATOM   764  C C   . VAL A 1 99  ? -9.059  -3.585  -6.030  1.00 13.14 ? 99  VAL A C   1 
ATOM   765  O O   . VAL A 1 99  ? -9.424  -3.120  -7.135  1.00 13.51 ? 99  VAL A O   1 
ATOM   766  C CB  . VAL A 1 99  ? -6.725  -2.738  -6.242  1.00 13.31 ? 99  VAL A CB  1 
ATOM   767  C CG1 . VAL A 1 99  ? -5.927  -1.487  -5.974  1.00 14.16 ? 99  VAL A CG1 1 
ATOM   768  C CG2 . VAL A 1 99  ? -5.881  -3.991  -6.165  1.00 12.43 ? 99  VAL A CG2 1 
ATOM   769  N N   . LEU A 1 100 ? -9.556  -4.682  -5.491  1.00 13.96 ? 100 LEU A N   1 
ATOM   770  C CA  . LEU A 1 100 ? -10.632 -5.448  -6.133  1.00 14.14 ? 100 LEU A CA  1 
ATOM   771  C C   . LEU A 1 100 ? -11.974 -4.784  -5.799  1.00 15.12 ? 100 LEU A C   1 
ATOM   772  O O   . LEU A 1 100 ? -12.918 -5.041  -6.572  1.00 16.60 ? 100 LEU A O   1 
ATOM   773  C CB  . LEU A 1 100 ? -10.491 -6.917  -5.739  1.00 13.14 ? 100 LEU A CB  1 
ATOM   774  C CG  . LEU A 1 100 ? -9.261  -7.662  -6.213  1.00 11.05 ? 100 LEU A CG  1 
ATOM   775  C CD1 . LEU A 1 100 ? -9.338  -9.102  -5.721  1.00 12.41 ? 100 LEU A CD1 1 
ATOM   776  C CD2 . LEU A 1 100 ? -9.177  -7.653  -7.733  1.00 10.93 ? 100 LEU A CD2 1 
ATOM   777  N N   . ASP A 1 101 ? -12.053 -3.984  -4.750  1.00 15.30 ? 101 ASP A N   1 
ATOM   778  C CA  . ASP A 1 101 ? -13.303 -3.291  -4.409  1.00 15.84 ? 101 ASP A CA  1 
ATOM   779  C C   . ASP A 1 101 ? -13.530 -2.271  -5.531  1.00 15.96 ? 101 ASP A C   1 
ATOM   780  O O   . ASP A 1 101 ? -12.607 -1.878  -6.257  1.00 18.16 ? 101 ASP A O   1 
ATOM   781  C CB  . ASP A 1 101 ? -13.316 -2.676  -3.016  1.00 16.02 ? 101 ASP A CB  1 
ATOM   782  C CG  . ASP A 1 101 ? -13.902 -3.625  -1.986  1.00 16.13 ? 101 ASP A CG  1 
ATOM   783  O OD1 . ASP A 1 101 ? -14.049 -4.834  -2.198  1.00 16.66 ? 101 ASP A OD1 1 
ATOM   784  O OD2 . ASP A 1 101 ? -14.244 -3.131  -0.895  1.00 15.71 ? 101 ASP A OD2 1 
ATOM   785  N N   . PRO A 1 102 ? -14.777 -1.838  -5.629  1.00 15.70 ? 102 PRO A N   1 
ATOM   786  C CA  . PRO A 1 102 ? -15.211 -0.896  -6.658  1.00 15.18 ? 102 PRO A CA  1 
ATOM   787  C C   . PRO A 1 102 ? -14.392 0.360   -6.842  1.00 15.44 ? 102 PRO A C   1 
ATOM   788  O O   . PRO A 1 102 ? -14.166 0.749   -8.011  1.00 15.84 ? 102 PRO A O   1 
ATOM   789  C CB  . PRO A 1 102 ? -16.653 -0.590  -6.236  1.00 15.22 ? 102 PRO A CB  1 
ATOM   790  C CG  . PRO A 1 102 ? -17.116 -1.877  -5.616  1.00 15.17 ? 102 PRO A CG  1 
ATOM   791  C CD  . PRO A 1 102 ? -15.906 -2.298  -4.788  1.00 15.45 ? 102 PRO A CD  1 
ATOM   792  N N   . ASN A 1 103 ? -13.921 1.004   -5.801  1.00 15.65 ? 103 ASN A N   1 
ATOM   793  C CA  . ASN A 1 103 ? -13.119 2.233   -5.894  1.00 15.74 ? 103 ASN A CA  1 
ATOM   794  C C   . ASN A 1 103 ? -11.708 2.016   -6.440  1.00 15.94 ? 103 ASN A C   1 
ATOM   795  O O   . ASN A 1 103 ? -11.050 3.010   -6.832  1.00 16.65 ? 103 ASN A O   1 
ATOM   796  C CB  . ASN A 1 103 ? -13.096 2.879   -4.508  1.00 17.90 ? 103 ASN A CB  1 
ATOM   797  C CG  . ASN A 1 103 ? -14.364 3.625   -4.138  1.00 18.56 ? 103 ASN A CG  1 
ATOM   798  O OD1 . ASN A 1 103 ? -15.325 3.719   -4.916  1.00 20.43 ? 103 ASN A OD1 1 
ATOM   799  N ND2 . ASN A 1 103 ? -14.365 4.168   -2.925  1.00 19.89 ? 103 ASN A ND2 1 
ATOM   800  N N   . GLY A 1 104 ? -11.236 0.791   -6.443  1.00 15.62 ? 104 GLY A N   1 
ATOM   801  C CA  . GLY A 1 104 ? -9.906  0.413   -6.934  1.00 15.39 ? 104 GLY A CA  1 
ATOM   802  C C   . GLY A 1 104 ? -8.781  1.137   -6.223  1.00 14.88 ? 104 GLY A C   1 
ATOM   803  O O   . GLY A 1 104 ? -8.765  1.344   -4.998  1.00 15.67 ? 104 GLY A O   1 
ATOM   804  N N   . ILE A 1 105 ? -7.829  1.608   -7.004  1.00 14.52 ? 105 ILE A N   1 
ATOM   805  C CA  . ILE A 1 105 ? -6.637  2.341   -6.547  1.00 15.46 ? 105 ILE A CA  1 
ATOM   806  C C   . ILE A 1 105 ? -7.006  3.673   -5.918  1.00 15.64 ? 105 ILE A C   1 
ATOM   807  O O   . ILE A 1 105 ? -6.215  4.302   -5.175  1.00 16.14 ? 105 ILE A O   1 
ATOM   808  C CB  . ILE A 1 105 ? -5.621  2.416   -7.754  1.00 16.63 ? 105 ILE A CB  1 
ATOM   809  C CG1 . ILE A 1 105 ? -4.210  2.851   -7.294  1.00 16.29 ? 105 ILE A CG1 1 
ATOM   810  C CG2 . ILE A 1 105 ? -6.116  3.336   -8.910  1.00 17.38 ? 105 ILE A CG2 1 
ATOM   811  C CD1 . ILE A 1 105 ? -3.235  1.720   -6.903  1.00 16.24 ? 105 ILE A CD1 1 
ATOM   812  N N   . GLY A 1 106 ? -8.225  4.139   -6.123  1.00 15.35 ? 106 GLY A N   1 
ATOM   813  C CA  . GLY A 1 106 ? -8.809  5.363   -5.603  1.00 15.34 ? 106 GLY A CA  1 
ATOM   814  C C   . GLY A 1 106 ? -9.109  5.250   -4.115  1.00 15.54 ? 106 GLY A C   1 
ATOM   815  O O   . GLY A 1 106 ? -9.580  6.222   -3.506  1.00 16.07 ? 106 GLY A O   1 
ATOM   816  N N   . ALA A 1 107 ? -8.849  4.130   -3.475  1.00 15.84 ? 107 ALA A N   1 
ATOM   817  C CA  . ALA A 1 107 ? -9.033  3.847   -2.061  1.00 15.18 ? 107 ALA A CA  1 
ATOM   818  C C   . ALA A 1 107 ? -7.981  4.577   -1.225  1.00 15.36 ? 107 ALA A C   1 
ATOM   819  O O   . ALA A 1 107 ? -8.200  4.839   -0.038  1.00 15.26 ? 107 ALA A O   1 
ATOM   820  C CB  . ALA A 1 107 ? -8.957  2.347   -1.756  1.00 13.70 ? 107 ALA A CB  1 
ATOM   821  N N   . TRP A 1 108 ? -6.857  4.840   -1.867  1.00 15.63 ? 108 TRP A N   1 
ATOM   822  C CA  . TRP A 1 108 ? -5.677  5.511   -1.335  1.00 15.76 ? 108 TRP A CA  1 
ATOM   823  C C   . TRP A 1 108 ? -5.704  7.005   -1.665  1.00 16.73 ? 108 TRP A C   1 
ATOM   824  O O   . TRP A 1 108 ? -5.582  7.425   -2.826  1.00 17.79 ? 108 TRP A O   1 
ATOM   825  C CB  . TRP A 1 108 ? -4.410  4.838   -1.868  1.00 14.64 ? 108 TRP A CB  1 
ATOM   826  C CG  . TRP A 1 108 ? -4.104  3.491   -1.306  1.00 12.94 ? 108 TRP A CG  1 
ATOM   827  C CD1 . TRP A 1 108 ? -3.477  3.253   -0.109  1.00 13.87 ? 108 TRP A CD1 1 
ATOM   828  C CD2 . TRP A 1 108 ? -4.391  2.199   -1.866  1.00 11.97 ? 108 TRP A CD2 1 
ATOM   829  N NE1 . TRP A 1 108 ? -3.355  1.890   0.094   1.00 13.38 ? 108 TRP A NE1 1 
ATOM   830  C CE2 . TRP A 1 108 ? -3.895  1.230   -0.972  1.00 10.99 ? 108 TRP A CE2 1 
ATOM   831  C CE3 . TRP A 1 108 ? -5.013  1.787   -3.038  1.00 11.73 ? 108 TRP A CE3 1 
ATOM   832  C CZ2 . TRP A 1 108 ? -4.022  -0.128  -1.189  1.00 10.52 ? 108 TRP A CZ2 1 
ATOM   833  C CZ3 . TRP A 1 108 ? -5.128  0.427   -3.273  1.00 12.14 ? 108 TRP A CZ3 1 
ATOM   834  C CH2 . TRP A 1 108 ? -4.647  -0.515  -2.365  1.00 11.01 ? 108 TRP A CH2 1 
ATOM   835  N N   . VAL A 1 109 ? -5.847  7.796   -0.617  1.00 17.55 ? 109 VAL A N   1 
ATOM   836  C CA  . VAL A 1 109 ? -5.915  9.258   -0.689  1.00 17.97 ? 109 VAL A CA  1 
ATOM   837  C C   . VAL A 1 109 ? -4.620  9.790   -1.292  1.00 18.17 ? 109 VAL A C   1 
ATOM   838  O O   . VAL A 1 109 ? -4.751  10.694  -2.142  1.00 19.04 ? 109 VAL A O   1 
ATOM   839  C CB  . VAL A 1 109 ? -6.242  9.864   0.686   1.00 19.44 ? 109 VAL A CB  1 
ATOM   840  C CG1 . VAL A 1 109 ? -6.194  11.390  0.737   1.00 19.73 ? 109 VAL A CG1 1 
ATOM   841  C CG2 . VAL A 1 109 ? -7.600  9.396   1.189   1.00 22.32 ? 109 VAL A CG2 1 
ATOM   842  N N   . ALA A 1 110 ? -3.463  9.261   -0.923  1.00 17.43 ? 110 ALA A N   1 
ATOM   843  C CA  . ALA A 1 110 ? -2.198  9.755   -1.492  1.00 16.20 ? 110 ALA A CA  1 
ATOM   844  C C   . ALA A 1 110 ? -2.145  9.514   -2.999  1.00 15.91 ? 110 ALA A C   1 
ATOM   845  O O   . ALA A 1 110 ? -1.507  10.353  -3.657  1.00 16.73 ? 110 ALA A O   1 
ATOM   846  C CB  . ALA A 1 110 ? -0.974  9.133   -0.844  1.00 15.25 ? 110 ALA A CB  1 
ATOM   847  N N   . TRP A 1 111 ? -2.752  8.454   -3.484  1.00 15.46 ? 111 TRP A N   1 
ATOM   848  C CA  . TRP A 1 111 ? -2.756  8.148   -4.919  1.00 14.86 ? 111 TRP A CA  1 
ATOM   849  C C   . TRP A 1 111 ? -3.611  9.170   -5.673  1.00 15.47 ? 111 TRP A C   1 
ATOM   850  O O   . TRP A 1 111 ? -3.184  9.725   -6.705  1.00 15.69 ? 111 TRP A O   1 
ATOM   851  C CB  . TRP A 1 111 ? -3.235  6.721   -5.209  1.00 12.43 ? 111 TRP A CB  1 
ATOM   852  C CG  . TRP A 1 111 ? -3.235  6.451   -6.678  1.00 11.72 ? 111 TRP A CG  1 
ATOM   853  C CD1 . TRP A 1 111 ? -2.199  5.943   -7.423  1.00 11.40 ? 111 TRP A CD1 1 
ATOM   854  C CD2 . TRP A 1 111 ? -4.317  6.677   -7.593  1.00 11.52 ? 111 TRP A CD2 1 
ATOM   855  N NE1 . TRP A 1 111 ? -2.575  5.849   -8.748  1.00 11.81 ? 111 TRP A NE1 1 
ATOM   856  C CE2 . TRP A 1 111 ? -3.870  6.288   -8.867  1.00 11.70 ? 111 TRP A CE2 1 
ATOM   857  C CE3 . TRP A 1 111 ? -5.611  7.157   -7.449  1.00 12.00 ? 111 TRP A CE3 1 
ATOM   858  C CZ2 . TRP A 1 111 ? -4.670  6.360   -9.999  1.00 13.26 ? 111 TRP A CZ2 1 
ATOM   859  C CZ3 . TRP A 1 111 ? -6.415  7.227   -8.572  1.00 10.79 ? 111 TRP A CZ3 1 
ATOM   860  C CH2 . TRP A 1 111 ? -5.963  6.841   -9.823  1.00 12.22 ? 111 TRP A CH2 1 
ATOM   861  N N   . ARG A 1 112 ? -4.813  9.414   -5.157  1.00 15.74 ? 112 ARG A N   1 
ATOM   862  C CA  . ARG A 1 112 ? -5.730  10.372  -5.800  1.00 16.43 ? 112 ARG A CA  1 
ATOM   863  C C   . ARG A 1 112 ? -5.154  11.788  -5.863  1.00 16.63 ? 112 ARG A C   1 
ATOM   864  O O   . ARG A 1 112 ? -5.375  12.549  -6.833  1.00 16.42 ? 112 ARG A O   1 
ATOM   865  C CB  . ARG A 1 112 ? -7.098  10.398  -5.102  1.00 15.88 ? 112 ARG A CB  1 
ATOM   866  C CG  . ARG A 1 112 ? -7.895  9.106   -5.265  1.00 16.51 ? 112 ARG A CG  1 
ATOM   867  C CD  . ARG A 1 112 ? -9.366  9.368   -5.176  1.00 16.48 ? 112 ARG A CD  1 
ATOM   868  N NE  . ARG A 1 112 ? -9.724  10.272  -4.097  1.00 17.60 ? 112 ARG A NE  1 
ATOM   869  C CZ  . ARG A 1 112 ? -9.856  9.959   -2.813  1.00 18.51 ? 112 ARG A CZ  1 
ATOM   870  N NH1 . ARG A 1 112 ? -9.696  8.727   -2.333  1.00 19.35 ? 112 ARG A NH1 1 
ATOM   871  N NH2 . ARG A 1 112 ? -10.152 10.890  -1.906  1.00 16.96 ? 112 ARG A NH2 1 
ATOM   872  N N   . LEU A 1 113 ? -4.428  12.148  -4.824  1.00 16.64 ? 113 LEU A N   1 
ATOM   873  C CA  . LEU A 1 113 ? -3.806  13.473  -4.675  1.00 16.99 ? 113 LEU A CA  1 
ATOM   874  C C   . LEU A 1 113 ? -2.481  13.676  -5.393  1.00 17.27 ? 113 LEU A C   1 
ATOM   875  O O   . LEU A 1 113 ? -2.328  14.759  -6.014  1.00 17.35 ? 113 LEU A O   1 
ATOM   876  C CB  . LEU A 1 113 ? -3.756  13.618  -3.137  1.00 18.56 ? 113 LEU A CB  1 
ATOM   877  C CG  . LEU A 1 113 ? -3.875  14.982  -2.501  1.00 19.90 ? 113 LEU A CG  1 
ATOM   878  C CD1 . LEU A 1 113 ? -3.739  14.865  -0.984  1.00 21.12 ? 113 LEU A CD1 1 
ATOM   879  C CD2 . LEU A 1 113 ? -2.780  15.915  -3.021  1.00 21.05 ? 113 LEU A CD2 1 
ATOM   880  N N   . HIS A 1 114 ? -1.530  12.744  -5.365  1.00 16.97 ? 114 HIS A N   1 
ATOM   881  C CA  . HIS A 1 114 ? -0.236  12.943  -6.031  1.00 16.66 ? 114 HIS A CA  1 
ATOM   882  C C   . HIS A 1 114 ? 0.143   12.087  -7.233  1.00 17.00 ? 114 HIS A C   1 
ATOM   883  O O   . HIS A 1 114 ? 1.160   12.418  -7.881  1.00 16.37 ? 114 HIS A O   1 
ATOM   884  C CB  . HIS A 1 114 ? 0.932   12.684  -5.031  1.00 16.55 ? 114 HIS A CB  1 
ATOM   885  C CG  . HIS A 1 114 ? 0.850   13.476  -3.769  1.00 16.29 ? 114 HIS A CG  1 
ATOM   886  N ND1 . HIS A 1 114 ? 0.306   12.975  -2.609  1.00 16.67 ? 114 HIS A ND1 1 
ATOM   887  C CD2 . HIS A 1 114 ? 1.270   14.730  -3.484  1.00 15.82 ? 114 HIS A CD2 1 
ATOM   888  C CE1 . HIS A 1 114 ? 0.377   13.882  -1.656  1.00 14.97 ? 114 HIS A CE1 1 
ATOM   889  N NE2 . HIS A 1 114 ? 0.955   14.944  -2.171  1.00 16.61 ? 114 HIS A NE2 1 
ATOM   890  N N   . CYS A 1 115 ? -0.585  11.040  -7.535  1.00 17.64 ? 115 CYS A N   1 
ATOM   891  C CA  . CYS A 1 115 ? -0.300  10.134  -8.638  1.00 17.72 ? 115 CYS A CA  1 
ATOM   892  C C   . CYS A 1 115 ? -1.309  10.205  -9.771  1.00 18.52 ? 115 CYS A C   1 
ATOM   893  O O   . CYS A 1 115 ? -0.891  10.157  -10.937 1.00 19.88 ? 115 CYS A O   1 
ATOM   894  C CB  . CYS A 1 115 ? -0.265  8.686   -8.124  1.00 15.04 ? 115 CYS A CB  1 
ATOM   895  S SG  . CYS A 1 115 ? 0.765   8.547   -6.642  1.00 14.97 ? 115 CYS A SG  1 
ATOM   896  N N   . GLN A 1 116 ? -2.566  10.274  -9.398  1.00 18.88 ? 116 GLN A N   1 
ATOM   897  C CA  . GLN A 1 116 ? -3.654  10.334  -10.390 1.00 20.12 ? 116 GLN A CA  1 
ATOM   898  C C   . GLN A 1 116 ? -3.471  11.499  -11.360 1.00 20.75 ? 116 GLN A C   1 
ATOM   899  O O   . GLN A 1 116 ? -3.273  12.654  -10.966 1.00 21.04 ? 116 GLN A O   1 
ATOM   900  C CB  . GLN A 1 116 ? -5.000  10.410  -9.672  1.00 17.55 ? 116 GLN A CB  1 
ATOM   901  C CG  . GLN A 1 116 ? -6.174  10.600  -10.605 1.00 17.82 ? 116 GLN A CG  1 
ATOM   902  C CD  . GLN A 1 116 ? -7.509  10.466  -9.919  1.00 18.25 ? 116 GLN A CD  1 
ATOM   903  O OE1 . GLN A 1 116 ? -8.418  9.892   -10.520 1.00 20.52 ? 116 GLN A OE1 1 
ATOM   904  N NE2 . GLN A 1 116 ? -7.654  10.965  -8.695  1.00 17.67 ? 116 GLN A NE2 1 
ATOM   905  N N   . ASN A 1 117 ? -3.542  11.177  -12.638 1.00 22.02 ? 117 ASN A N   1 
ATOM   906  C CA  . ASN A 1 117 ? -3.418  12.117  -13.763 1.00 23.39 ? 117 ASN A CA  1 
ATOM   907  C C   . ASN A 1 117 ? -2.062  12.809  -13.804 1.00 24.47 ? 117 ASN A C   1 
ATOM   908  O O   . ASN A 1 117 ? -1.994  14.023  -14.095 1.00 26.16 ? 117 ASN A O   1 
ATOM   909  C CB  . ASN A 1 117 ? -4.554  13.151  -13.709 1.00 22.63 ? 117 ASN A CB  1 
ATOM   910  C CG  . ASN A 1 117 ? -5.948  12.598  -13.918 1.00 23.22 ? 117 ASN A CG  1 
ATOM   911  O OD1 . ASN A 1 117 ? -6.175  11.552  -14.540 1.00 22.77 ? 117 ASN A OD1 1 
ATOM   912  N ND2 . ASN A 1 117 ? -6.939  13.326  -13.384 1.00 24.24 ? 117 ASN A ND2 1 
ATOM   913  N N   . GLN A 1 118 ? -1.006  12.088  -13.521 1.00 25.31 ? 118 GLN A N   1 
ATOM   914  C CA  . GLN A 1 118 ? 0.369   12.587  -13.505 1.00 26.12 ? 118 GLN A CA  1 
ATOM   915  C C   . GLN A 1 118 ? 1.252   11.635  -14.321 1.00 26.67 ? 118 GLN A C   1 
ATOM   916  O O   . GLN A 1 118 ? 0.834   10.506  -14.626 1.00 26.61 ? 118 GLN A O   1 
ATOM   917  C CB  . GLN A 1 118 ? 0.961   12.714  -12.111 1.00 26.89 ? 118 GLN A CB  1 
ATOM   918  C CG  . GLN A 1 118 ? 0.202   13.459  -11.050 1.00 28.47 ? 118 GLN A CG  1 
ATOM   919  C CD  . GLN A 1 118 ? 0.223   14.958  -11.195 1.00 30.38 ? 118 GLN A CD  1 
ATOM   920  O OE1 . GLN A 1 118 ? 0.808   15.509  -12.130 1.00 32.68 ? 118 GLN A OE1 1 
ATOM   921  N NE2 . GLN A 1 118 ? -0.423  15.628  -10.239 1.00 29.70 ? 118 GLN A NE2 1 
ATOM   922  N N   . ASP A 1 119 ? 2.439   12.128  -14.630 1.00 27.32 ? 119 ASP A N   1 
ATOM   923  C CA  . ASP A 1 119 ? 3.443   11.336  -15.392 1.00 28.02 ? 119 ASP A CA  1 
ATOM   924  C C   . ASP A 1 119 ? 4.270   10.681  -14.276 1.00 27.29 ? 119 ASP A C   1 
ATOM   925  O O   . ASP A 1 119 ? 4.953   11.393  -13.524 1.00 27.42 ? 119 ASP A O   1 
ATOM   926  C CB  . ASP A 1 119 ? 4.189   12.184  -16.391 1.00 31.80 ? 119 ASP A CB  1 
ATOM   927  C CG  . ASP A 1 119 ? 5.175   11.461  -17.285 1.00 33.89 ? 119 ASP A CG  1 
ATOM   928  O OD1 . ASP A 1 119 ? 4.896   10.306  -17.666 1.00 36.07 ? 119 ASP A OD1 1 
ATOM   929  O OD2 . ASP A 1 119 ? 6.230   12.020  -17.628 1.00 36.37 ? 119 ASP A OD2 1 
ATOM   930  N N   . LEU A 1 120 ? 4.134   9.367   -14.201 1.00 26.28 ? 120 LEU A N   1 
ATOM   931  C CA  . LEU A 1 120 ? 4.795   8.556   -13.173 1.00 24.56 ? 120 LEU A CA  1 
ATOM   932  C C   . LEU A 1 120 ? 6.029   7.822   -13.662 1.00 24.86 ? 120 LEU A C   1 
ATOM   933  O O   . LEU A 1 120 ? 6.667   7.027   -12.951 1.00 24.67 ? 120 LEU A O   1 
ATOM   934  C CB  . LEU A 1 120 ? 3.709   7.604   -12.632 1.00 20.10 ? 120 LEU A CB  1 
ATOM   935  C CG  . LEU A 1 120 ? 2.404   8.205   -12.166 1.00 16.77 ? 120 LEU A CG  1 
ATOM   936  C CD1 . LEU A 1 120 ? 1.463   7.121   -11.661 1.00 16.53 ? 120 LEU A CD1 1 
ATOM   937  C CD2 . LEU A 1 120 ? 2.698   9.201   -11.048 1.00 15.29 ? 120 LEU A CD2 1 
ATOM   938  N N   . ARG A 1 121 ? 6.400   8.113   -14.885 1.00 25.32 ? 121 ARG A N   1 
ATOM   939  C CA  . ARG A 1 121 ? 7.564   7.558   -15.591 1.00 25.62 ? 121 ARG A CA  1 
ATOM   940  C C   . ARG A 1 121 ? 8.802   7.616   -14.714 1.00 24.44 ? 121 ARG A C   1 
ATOM   941  O O   . ARG A 1 121 ? 9.587   6.647   -14.628 1.00 25.02 ? 121 ARG A O   1 
ATOM   942  C CB  . ARG A 1 121 ? 7.686   8.326   -16.904 1.00 30.12 ? 121 ARG A CB  1 
ATOM   943  C CG  . ARG A 1 121 ? 8.571   7.783   -17.991 1.00 35.17 ? 121 ARG A CG  1 
ATOM   944  C CD  . ARG A 1 121 ? 9.994   8.196   -17.907 1.00 40.05 ? 121 ARG A CD  1 
ATOM   945  N NE  . ARG A 1 121 ? 10.326  9.480   -18.479 1.00 44.29 ? 121 ARG A NE  1 
ATOM   946  C CZ  . ARG A 1 121 ? 10.061  10.728  -18.116 1.00 46.00 ? 121 ARG A CZ  1 
ATOM   947  N NH1 . ARG A 1 121 ? 9.345   11.035  -17.034 1.00 47.09 ? 121 ARG A NH1 1 
ATOM   948  N NH2 . ARG A 1 121 ? 10.561  11.728  -18.863 1.00 46.61 ? 121 ARG A NH2 1 
ATOM   949  N N   . SER A 1 122 ? 8.994   8.721   -14.018 1.00 23.02 ? 122 SER A N   1 
ATOM   950  C CA  . SER A 1 122 ? 10.126  8.939   -13.125 1.00 22.30 ? 122 SER A CA  1 
ATOM   951  C C   . SER A 1 122 ? 10.211  8.013   -11.920 1.00 21.28 ? 122 SER A C   1 
ATOM   952  O O   . SER A 1 122 ? 11.347  7.839   -11.420 1.00 20.54 ? 122 SER A O   1 
ATOM   953  C CB  . SER A 1 122 ? 10.066  10.377  -12.596 1.00 23.76 ? 122 SER A CB  1 
ATOM   954  O OG  . SER A 1 122 ? 8.834   10.520  -11.906 1.00 27.48 ? 122 SER A OG  1 
ATOM   955  N N   . TYR A 1 123 ? 9.107   7.447   -11.452 1.00 20.28 ? 123 TYR A N   1 
ATOM   956  C CA  . TYR A 1 123 ? 9.133   6.548   -10.285 1.00 18.51 ? 123 TYR A CA  1 
ATOM   957  C C   . TYR A 1 123 ? 9.809   5.210   -10.583 1.00 18.51 ? 123 TYR A C   1 
ATOM   958  O O   . TYR A 1 123 ? 10.253  4.563   -9.607  1.00 18.76 ? 123 TYR A O   1 
ATOM   959  C CB  . TYR A 1 123 ? 7.711   6.326   -9.709  1.00 16.05 ? 123 TYR A CB  1 
ATOM   960  C CG  . TYR A 1 123 ? 7.136   7.563   -9.056  1.00 13.95 ? 123 TYR A CG  1 
ATOM   961  C CD1 . TYR A 1 123 ? 7.446   7.912   -7.743  1.00 11.79 ? 123 TYR A CD1 1 
ATOM   962  C CD2 . TYR A 1 123 ? 6.284   8.400   -9.785  1.00 13.45 ? 123 TYR A CD2 1 
ATOM   963  C CE1 . TYR A 1 123 ? 6.932   9.067   -7.162  1.00 12.08 ? 123 TYR A CE1 1 
ATOM   964  C CE2 . TYR A 1 123 ? 5.755   9.553   -9.214  1.00 13.19 ? 123 TYR A CE2 1 
ATOM   965  C CZ  . TYR A 1 123 ? 6.086   9.878   -7.902  1.00 12.78 ? 123 TYR A CZ  1 
ATOM   966  O OH  . TYR A 1 123 ? 5.574   11.015  -7.325  1.00 15.40 ? 123 TYR A OH  1 
ATOM   967  N N   . VAL A 1 124 ? 9.901   4.790   -11.830 1.00 18.74 ? 124 VAL A N   1 
ATOM   968  C CA  . VAL A 1 124 ? 10.553  3.506   -12.193 1.00 19.46 ? 124 VAL A CA  1 
ATOM   969  C C   . VAL A 1 124 ? 11.828  3.759   -13.000 1.00 19.98 ? 124 VAL A C   1 
ATOM   970  O O   . VAL A 1 124 ? 12.685  2.870   -13.091 1.00 19.87 ? 124 VAL A O   1 
ATOM   971  C CB  . VAL A 1 124 ? 9.524   2.587   -12.872 1.00 19.76 ? 124 VAL A CB  1 
ATOM   972  C CG1 . VAL A 1 124 ? 8.502   2.098   -11.842 1.00 19.96 ? 124 VAL A CG1 1 
ATOM   973  C CG2 . VAL A 1 124 ? 8.826   3.203   -14.067 1.00 19.51 ? 124 VAL A CG2 1 
ATOM   974  N N   . ALA A 1 125 ? 12.003  4.954   -13.534 1.00 20.64 ? 125 ALA A N   1 
ATOM   975  C CA  . ALA A 1 125 ? 13.203  5.302   -14.299 1.00 21.21 ? 125 ALA A CA  1 
ATOM   976  C C   . ALA A 1 125 ? 14.466  4.915   -13.524 1.00 21.46 ? 125 ALA A C   1 
ATOM   977  O O   . ALA A 1 125 ? 14.647  5.198   -12.331 1.00 21.57 ? 125 ALA A O   1 
ATOM   978  C CB  . ALA A 1 125 ? 13.237  6.785   -14.643 1.00 21.45 ? 125 ALA A CB  1 
ATOM   979  N N   . GLY A 1 126 ? 15.338  4.235   -14.253 1.00 21.27 ? 126 GLY A N   1 
ATOM   980  C CA  . GLY A 1 126 ? 16.633  3.743   -13.813 1.00 20.62 ? 126 GLY A CA  1 
ATOM   981  C C   . GLY A 1 126 ? 16.604  2.448   -13.020 1.00 20.34 ? 126 GLY A C   1 
ATOM   982  O O   . GLY A 1 126 ? 17.670  1.981   -12.567 1.00 20.23 ? 126 GLY A O   1 
ATOM   983  N N   . CYS A 1 127 ? 15.431  1.858   -12.873 1.00 19.92 ? 127 CYS A N   1 
ATOM   984  C CA  . CYS A 1 127 ? 15.273  0.621   -12.089 1.00 19.11 ? 127 CYS A CA  1 
ATOM   985  C C   . CYS A 1 127 ? 15.571  -0.616  -12.914 1.00 18.90 ? 127 CYS A C   1 
ATOM   986  O O   . CYS A 1 127 ? 15.862  -1.644  -12.287 1.00 19.79 ? 127 CYS A O   1 
ATOM   987  C CB  . CYS A 1 127 ? 13.873  0.611   -11.463 1.00 18.97 ? 127 CYS A CB  1 
ATOM   988  S SG  . CYS A 1 127 ? 13.583  1.969   -10.301 1.00 17.21 ? 127 CYS A SG  1 
ATOM   989  N N   . GLY A 1 128 ? 15.517  -0.516  -14.218 1.00 19.09 ? 128 GLY A N   1 
ATOM   990  C CA  . GLY A 1 128 ? 15.784  -1.606  -15.149 1.00 18.61 ? 128 GLY A CA  1 
ATOM   991  C C   . GLY A 1 128 ? 14.675  -2.645  -15.080 1.00 19.32 ? 128 GLY A C   1 
ATOM   992  O O   . GLY A 1 128 ? 14.989  -3.842  -15.149 1.00 19.77 ? 128 GLY A O   1 
ATOM   993  N N   . VAL A 1 129 ? 13.439  -2.214  -14.938 1.00 19.64 ? 129 VAL A N   1 
ATOM   994  C CA  . VAL A 1 129 ? 12.283  -3.110  -14.861 1.00 19.95 ? 129 VAL A CA  1 
ATOM   995  C C   . VAL A 1 129 ? 11.347  -2.801  -16.050 1.00 20.76 ? 129 VAL A C   1 
ATOM   996  O O   . VAL A 1 129 ? 10.502  -3.737  -16.212 1.00 23.05 ? 129 VAL A O   1 
ATOM   997  C CB  . VAL A 1 129 ? 11.536  -3.048  -13.521 1.00 19.02 ? 129 VAL A CB  1 
ATOM   998  C CG1 . VAL A 1 129 ? 12.076  -3.982  -12.452 1.00 18.45 ? 129 VAL A CG1 1 
ATOM   999  C CG2 . VAL A 1 129 ? 11.484  -1.633  -12.932 1.00 19.97 ? 129 VAL A CG2 1 
HETATM 1000 O O1  . UMG B 2 .   ? -8.915  9.839   5.074   1.00 45.82 ? 130 UMG A O1  1 
HETATM 1001 C C2  . UMG B 2 .   ? -5.732  7.477   5.621   1.00 43.49 ? 130 UMG A C2  1 
HETATM 1002 O O2  . UMG B 2 .   ? -9.097  12.084  5.531   1.00 48.61 ? 130 UMG A O2  1 
HETATM 1003 C C3  . UMG B 2 .   ? -6.378  6.298   5.148   1.00 42.90 ? 130 UMG A C3  1 
HETATM 1004 C C4  . UMG B 2 .   ? -7.683  6.075   4.642   1.00 41.65 ? 130 UMG A C4  1 
HETATM 1005 C C5  . UMG B 2 .   ? -8.724  7.055   4.503   1.00 42.88 ? 130 UMG A C5  1 
HETATM 1006 C C6  . UMG B 2 .   ? -8.280  8.405   4.967   1.00 43.94 ? 130 UMG A C6  1 
HETATM 1007 C C7  . UMG B 2 .   ? -7.047  10.998  5.978   1.00 45.96 ? 130 UMG A C7  1 
HETATM 1008 C C8  . UMG B 2 .   ? -6.158  9.892   6.034   1.00 45.03 ? 130 UMG A C8  1 
HETATM 1009 C C1  . UMG B 2 .   ? -6.702  8.610   5.557   1.00 43.81 ? 130 UMG A C1  1 
HETATM 1010 C C9  . UMG B 2 .   ? -8.403  11.116  5.541   1.00 46.03 ? 130 UMG A C9  1 
HETATM 1011 C C10 . UMG B 2 .   ? -4.731  9.940   6.534   1.00 45.73 ? 130 UMG A C10 1 
HETATM 1012 O O3  . UMG B 2 .   ? -7.977  4.792   4.243   1.00 38.96 ? 130 UMG A O3  1 
HETATM 1013 C C11 . UMG B 2 .   ? -9.190  4.114   4.206   1.00 38.55 ? 130 UMG A C11 1 
HETATM 1014 C C12 . UMG B 2 .   ? -9.295  2.872   3.152   1.00 37.58 ? 130 UMG A C12 1 
HETATM 1015 C C13 . UMG B 2 .   ? -10.400 3.003   1.961   1.00 37.77 ? 130 UMG A C13 1 
HETATM 1016 C C14 . UMG B 2 .   ? -11.651 3.500   2.769   1.00 37.97 ? 130 UMG A C14 1 
HETATM 1017 C C15 . UMG B 2 .   ? -11.364 4.911   3.347   1.00 38.46 ? 130 UMG A C15 1 
HETATM 1018 O O4  . UMG B 2 .   ? -10.409 4.829   4.404   1.00 38.49 ? 130 UMG A O4  1 
HETATM 1019 N N1  . UMG B 2 .   ? -8.003  2.743   2.479   1.00 35.68 ? 130 UMG A N1  1 
HETATM 1020 C C16 . UMG B 2 .   ? -12.661 5.431   4.013   1.00 40.18 ? 130 UMG A C16 1 
HETATM 1021 O O5  . UMG B 2 .   ? -13.683 5.744   3.064   1.00 42.52 ? 130 UMG A O5  1 
HETATM 1022 C C17 . UMG B 2 .   ? -7.125  1.820   2.892   1.00 34.01 ? 130 UMG A C17 1 
HETATM 1023 O O6  . UMG B 2 .   ? -7.009  1.352   3.990   1.00 33.08 ? 130 UMG A O6  1 
HETATM 1024 C C18 . UMG B 2 .   ? -6.345  1.722   1.003   1.00 34.01 ? 130 UMG A C18 1 
HETATM 1025 O O7  . UMG B 2 .   ? -12.623 3.411   1.713   1.00 37.82 ? 130 UMG A O7  1 
HETATM 1026 O O8  . UMG B 2 .   ? -10.711 1.622   1.715   1.00 35.88 ? 130 UMG A O8  1 
HETATM 1027 C C19 . UMG B 2 .   ? -13.803 2.802   2.183   1.00 37.88 ? 130 UMG A C19 1 
HETATM 1028 C C20 . UMG B 2 .   ? -14.956 2.909   1.180   1.00 38.09 ? 130 UMG A C20 1 
HETATM 1029 C C21 . UMG B 2 .   ? -16.111 1.970   1.566   1.00 37.97 ? 130 UMG A C21 1 
HETATM 1030 C C22 . UMG B 2 .   ? -15.711 0.502   1.665   1.00 38.83 ? 130 UMG A C22 1 
HETATM 1031 C C23 . UMG B 2 .   ? -14.279 0.117   2.105   1.00 37.60 ? 130 UMG A C23 1 
HETATM 1032 O O9  . UMG B 2 .   ? -13.531 1.359   2.298   1.00 37.49 ? 130 UMG A O9  1 
HETATM 1033 N N2  . UMG B 2 .   ? -15.460 4.272   1.464   1.00 39.28 ? 130 UMG A N2  1 
HETATM 1034 O O10 . UMG B 2 .   ? -16.626 -0.601  1.867   1.00 41.91 ? 130 UMG A O10 1 
HETATM 1035 C C24 . UMG B 2 .   ? -13.627 -0.807  1.101   1.00 36.13 ? 130 UMG A C24 1 
HETATM 1036 O O11 . UMG B 2 .   ? -14.315 -0.987  -0.132  1.00 36.04 ? 130 UMG A O11 1 
HETATM 1037 C C25 . UMG B 2 .   ? -15.857 5.208   0.587   1.00 40.74 ? 130 UMG A C25 1 
HETATM 1038 O O12 . UMG B 2 .   ? -15.146 5.314   -0.434  1.00 41.39 ? 130 UMG A O12 1 
HETATM 1039 C C26 . UMG B 2 .   ? -17.118 6.009   0.989   1.00 40.22 ? 130 UMG A C26 1 
HETATM 1040 O O13 . UMG B 2 .   ? -17.154 2.034   0.584   1.00 38.56 ? 130 UMG A O13 1 
HETATM 1041 C C27 . UMG B 2 .   ? -17.039 -1.203  0.655   1.00 42.54 ? 130 UMG A C27 1 
HETATM 1042 C C28 . UMG B 2 .   ? -17.605 -2.628  0.723   1.00 43.22 ? 130 UMG A C28 1 
HETATM 1043 C C29 . UMG B 2 .   ? -18.356 -3.389  -0.453  1.00 43.58 ? 130 UMG A C29 1 
HETATM 1044 C C30 . UMG B 2 .   ? -18.698 -2.362  -1.506  1.00 43.70 ? 130 UMG A C30 1 
HETATM 1045 C C31 . UMG B 2 .   ? -18.145 -0.934  -1.467  1.00 43.50 ? 130 UMG A C31 1 
HETATM 1046 O O14 . UMG B 2 .   ? -17.905 -0.411  -0.140  1.00 43.24 ? 130 UMG A O14 1 
HETATM 1047 N N3  . UMG B 2 .   ? -16.997 -3.465  1.697   1.00 45.14 ? 130 UMG A N3  1 
HETATM 1048 O O15 . UMG B 2 .   ? -18.449 -2.907  -2.830  1.00 45.31 ? 130 UMG A O15 1 
HETATM 1049 C C32 . UMG B 2 .   ? -19.122 0.027   -2.166  1.00 43.66 ? 130 UMG A C32 1 
HETATM 1050 O O16 . UMG B 2 .   ? -18.381 0.755   -3.151  1.00 44.76 ? 130 UMG A O16 1 
HETATM 1051 O O17 . UMG B 2 .   ? -19.503 -3.967  0.159   1.00 45.46 ? 130 UMG A O17 1 
HETATM 1052 C C33 . UMG B 2 .   ? -16.200 -4.504  1.461   1.00 45.70 ? 130 UMG A C33 1 
HETATM 1053 O O18 . UMG B 2 .   ? -15.654 -4.774  0.399   1.00 46.83 ? 130 UMG A O18 1 
HETATM 1054 C C34 . UMG B 2 .   ? -15.932 -5.504  2.581   1.00 45.15 ? 130 UMG A C34 1 
HETATM 1055 O O   . HOH C 3 .   ? 4.676   -12.148 -2.703  1.00 38.60 ? 134 HOH A O   1 
HETATM 1056 O O   . HOH C 3 .   ? 3.913   12.576  -8.649  1.00 30.23 ? 135 HOH A O   1 
HETATM 1057 O O   . HOH C 3 .   ? -2.358  1.782   -15.156 1.00 24.35 ? 136 HOH A O   1 
HETATM 1058 O O   . HOH C 3 .   ? 14.359  5.122   0.210   1.00 23.27 ? 137 HOH A O   1 
HETATM 1059 O O   . HOH C 3 .   ? 12.276  6.705   1.748   1.00 34.16 ? 138 HOH A O   1 
HETATM 1060 O O   . HOH C 3 .   ? 10.823  -8.255  10.073  1.00 28.30 ? 139 HOH A O   1 
HETATM 1061 O O   . HOH C 3 .   ? 10.339  -10.003 7.601   1.00 21.75 ? 140 HOH A O   1 
HETATM 1062 O O   . HOH C 3 .   ? -2.630  10.006  3.473   1.00 37.72 ? 141 HOH A O   1 
HETATM 1063 O O   . HOH C 3 .   ? 3.802   -3.023  4.586   1.00 15.66 ? 142 HOH A O   1 
HETATM 1064 O O   . HOH C 3 .   ? 5.288   -5.207  5.005   1.00 15.80 ? 143 HOH A O   1 
HETATM 1065 O O   . HOH C 3 .   ? 3.994   -7.498  5.191   1.00 9.20  ? 144 HOH A O   1 
HETATM 1066 O O   . HOH C 3 .   ? 4.749   -11.138 5.113   1.00 22.86 ? 145 HOH A O   1 
HETATM 1067 O O   . HOH C 3 .   ? 4.422   -10.493 7.530   1.00 17.23 ? 146 HOH A O   1 
HETATM 1068 O O   . HOH C 3 .   ? -9.242  10.390  8.644   1.00 42.63 ? 147 HOH A O   1 
HETATM 1069 O O   . HOH C 3 .   ? -11.418 4.793   8.324   1.00 31.16 ? 148 HOH A O   1 
HETATM 1070 O O   . HOH C 3 .   ? -12.618 3.406   -1.045  1.00 35.17 ? 149 HOH A O   1 
HETATM 1071 O O   . HOH C 3 .   ? -14.847 0.470   -3.023  1.00 19.98 ? 150 HOH A O   1 
HETATM 1072 O O   . HOH C 3 .   ? -11.970 0.478   -1.110  1.00 27.27 ? 151 HOH A O   1 
HETATM 1073 O O   . HOH C 3 .   ? -8.997  -3.543  13.916  1.00 18.64 ? 152 HOH A O   1 
HETATM 1074 O O   . HOH C 3 .   ? -6.741  4.418   18.961  1.00 41.72 ? 153 HOH A O   1 
HETATM 1075 O O   . HOH C 3 .   ? -4.604  -0.976  23.152  1.00 26.13 ? 154 HOH A O   1 
HETATM 1076 O O   . HOH C 3 .   ? -1.646  0.366   16.679  1.00 14.51 ? 155 HOH A O   1 
HETATM 1077 O O   . HOH C 3 .   ? -6.042  2.040   15.831  1.00 17.55 ? 156 HOH A O   1 
HETATM 1078 O O   . HOH C 3 .   ? -14.642 10.462  14.663  1.00 38.02 ? 157 HOH A O   1 
HETATM 1079 O O   . HOH C 3 .   ? 1.056   -1.985  4.200   1.00 12.49 ? 158 HOH A O   1 
HETATM 1080 O O   . HOH C 3 .   ? -4.356  -7.171  18.661  1.00 19.94 ? 159 HOH A O   1 
HETATM 1081 O O   . HOH C 3 .   ? -9.382  -8.782  19.932  1.00 35.57 ? 160 HOH A O   1 
HETATM 1082 O O   . HOH C 3 .   ? -6.406  0.568   24.144  1.00 56.91 ? 161 HOH A O   1 
HETATM 1083 O O   . HOH C 3 .   ? -0.420  -9.211  16.631  1.00 21.12 ? 162 HOH A O   1 
HETATM 1084 O O   . HOH C 3 .   ? -6.795  -11.917 12.354  1.00 36.39 ? 163 HOH A O   1 
HETATM 1085 O O   . HOH C 3 .   ? -5.220  -11.254 -2.272  1.00 26.84 ? 164 HOH A O   1 
HETATM 1086 O O   . HOH C 3 .   ? -6.842  -10.900 -4.238  1.00 29.77 ? 165 HOH A O   1 
HETATM 1087 O O   . HOH C 3 .   ? -7.082  -11.207 20.375  1.00 28.52 ? 166 HOH A O   1 
HETATM 1088 O O   . HOH C 3 .   ? -6.890  -8.196  18.546  1.00 25.68 ? 167 HOH A O   1 
HETATM 1089 O O   . HOH C 3 .   ? 2.091   -11.549 -1.811  1.00 28.52 ? 168 HOH A O   1 
HETATM 1090 O O   . HOH C 3 .   ? -7.847  0.673   -9.696  1.00 33.64 ? 169 HOH A O   1 
HETATM 1091 O O   . HOH C 3 .   ? -15.987 -5.339  -9.015  1.00 22.99 ? 170 HOH A O   1 
HETATM 1092 O O   . HOH C 3 .   ? -8.626  -1.789  -10.272 1.00 35.56 ? 171 HOH A O   1 
HETATM 1093 O O   . HOH C 3 .   ? -4.136  8.488   -13.085 1.00 38.17 ? 172 HOH A O   1 
HETATM 1094 O O   . HOH C 3 .   ? -2.790  18.283  -7.676  1.00 48.34 ? 173 HOH A O   1 
HETATM 1095 O O   . HOH C 3 .   ? -1.159  15.592  -17.021 1.00 50.40 ? 174 HOH A O   1 
HETATM 1096 O O   . HOH C 3 .   ? 15.488  2.411   -16.912 1.00 33.90 ? 175 HOH A O   1 
HETATM 1097 O O   . HOH C 3 .   ? 21.076  1.896   -4.825  1.00 48.82 ? 176 HOH A O   1 
HETATM 1098 O O   . HOH C 3 .   ? -7.215  8.228   -14.047 1.00 55.99 ? 177 HOH A O   1 
HETATM 1099 O O   . HOH C 3 .   ? 12.988  9.642   -10.441 1.00 44.10 ? 178 HOH A O   1 
HETATM 1100 O O   . HOH C 3 .   ? 17.269  3.226   3.713   1.00 55.98 ? 179 HOH A O   1 
HETATM 1101 O O   . HOH C 3 .   ? 19.091  -4.288  0.624   1.00 41.19 ? 180 HOH A O   1 
HETATM 1102 O O   . HOH C 3 .   ? 15.363  6.919   6.269   1.00 44.20 ? 181 HOH A O   1 
HETATM 1103 O O   . HOH C 3 .   ? 4.951   13.779  12.796  1.00 59.95 ? 182 HOH A O   1 
HETATM 1104 O O   . HOH C 3 .   ? -10.727 0.748   21.836  1.00 34.93 ? 183 HOH A O   1 
HETATM 1105 O O   . HOH C 3 .   ? -13.266 12.539  17.383  1.00 35.76 ? 184 HOH A O   1 
HETATM 1106 O O   . HOH C 3 .   ? -20.419 -8.158  1.276   1.00 45.28 ? 185 HOH A O   1 
HETATM 1107 O O   . HOH C 3 .   ? 2.480   15.898  -6.123  1.00 40.14 ? 186 HOH A O   1 
HETATM 1108 O O   . HOH C 3 .   ? 3.149   -12.370 8.747   1.00 48.08 ? 187 HOH A O   1 
HETATM 1109 O O   . HOH C 3 .   ? 2.310   15.262  -14.363 1.00 42.19 ? 188 HOH A O   1 
HETATM 1110 O O   . HOH C 3 .   ? 4.811   13.685  2.392   1.00 52.72 ? 189 HOH A O   1 
HETATM 1111 O O   . HOH C 3 .   ? -11.815 -3.768  19.572  1.00 31.22 ? 190 HOH A O   1 
HETATM 1112 O O   . HOH C 3 .   ? -8.266  -11.173 14.555  1.00 30.86 ? 191 HOH A O   1 
HETATM 1113 O O   . HOH C 3 .   ? 19.547  -0.948  -3.020  1.00 48.04 ? 192 HOH A O   1 
HETATM 1114 O O   . HOH C 3 .   ? -11.315 -5.979  14.025  1.00 47.99 ? 193 HOH A O   1 
HETATM 1115 O O   . HOH C 3 .   ? -13.664 -10.827 11.399  1.00 38.50 ? 194 HOH A O   1 
HETATM 1116 O O   . HOH C 3 .   ? -1.972  -15.977 -2.080  1.00 46.14 ? 195 HOH A O   1 
HETATM 1117 O O   . HOH C 3 .   ? 5.714   11.308  1.726   1.00 46.50 ? 196 HOH A O   1 
HETATM 1118 O O   . HOH C 3 .   ? 18.379  -0.752  8.129   1.00 58.21 ? 197 HOH A O   1 
HETATM 1119 O O   . HOH C 3 .   ? 15.010  5.647   -2.775  1.00 25.86 ? 198 HOH A O   1 
HETATM 1120 O O   . HOH C 3 .   ? 16.722  3.603   -6.237  1.00 27.57 ? 199 HOH A O   1 
HETATM 1121 O O   . HOH C 3 .   ? 4.403   -7.713  -11.859 1.00 11.63 ? 200 HOH A O   1 
HETATM 1122 O O   . HOH C 3 .   ? 5.260   -11.472 11.866  1.00 33.93 ? 201 HOH A O   1 
HETATM 1123 O O   . HOH C 3 .   ? -9.721  12.596  -12.820 1.00 43.86 ? 202 HOH A O   1 
HETATM 1124 O O   . HOH C 3 .   ? -15.276 -5.977  -6.393  1.00 23.73 ? 203 HOH A O   1 
HETATM 1125 O O   . HOH C 3 .   ? 7.260   2.557   -17.447 1.00 35.61 ? 204 HOH A O   1 
HETATM 1126 O O   . HOH C 3 .   ? 9.227   -10.043 -4.083  1.00 40.23 ? 205 HOH A O   1 
HETATM 1127 O O   . HOH C 3 .   ? 17.003  -1.178  3.156   1.00 31.48 ? 206 HOH A O   1 
HETATM 1128 O O   . HOH C 3 .   ? -14.540 -11.942 9.217   1.00 45.04 ? 207 HOH A O   1 
HETATM 1129 O O   . HOH C 3 .   ? 18.383  4.260   -8.263  1.00 51.14 ? 208 HOH A O   1 
HETATM 1130 O O   . HOH C 3 .   ? 10.284  10.138  7.862   1.00 35.71 ? 209 HOH A O   1 
HETATM 1131 O O   . HOH C 3 .   ? -0.377  -15.326 -11.643 1.00 64.02 ? 210 HOH A O   1 
HETATM 1132 O O   . HOH C 3 .   ? -7.400  4.398   -12.096 1.00 47.98 ? 211 HOH A O   1 
HETATM 1133 O O   . HOH C 3 .   ? -1.126  -12.791 -7.187  1.00 44.80 ? 212 HOH A O   1 
HETATM 1134 O O   . HOH C 3 .   ? -9.537  7.469   8.451   1.00 39.33 ? 213 HOH A O   1 
HETATM 1135 O O   . HOH C 3 .   ? 5.503   -13.575 6.526   1.00 49.94 ? 214 HOH A O   1 
HETATM 1136 O O   . HOH C 3 .   ? 2.440   12.970  12.764  1.00 48.82 ? 215 HOH A O   1 
HETATM 1137 O O   . HOH C 3 .   ? 4.012   -9.061  -18.557 1.00 48.87 ? 216 HOH A O   1 
HETATM 1138 O O   . HOH C 3 .   ? 18.902  0.005   -13.336 1.00 34.61 ? 217 HOH A O   1 
HETATM 1139 O O   . HOH C 3 .   ? -12.703 -1.455  20.140  1.00 35.98 ? 218 HOH A O   1 
HETATM 1140 O O   . HOH C 3 .   ? -8.246  13.526  3.020   1.00 56.37 ? 219 HOH A O   1 
HETATM 1141 O O   . HOH C 3 .   ? 1.008   -12.313 -11.026 1.00 42.56 ? 220 HOH A O   1 
HETATM 1142 O O   . HOH C 3 .   ? -9.989  -15.374 6.781   1.00 45.62 ? 221 HOH A O   1 
HETATM 1143 O O   . HOH C 3 .   ? -15.580 -6.071  -3.934  1.00 30.25 ? 222 HOH A O   1 
HETATM 1144 O O   . HOH C 3 .   ? 2.964   10.857  6.959   1.00 47.32 ? 223 HOH A O   1 
HETATM 1145 O O   . HOH C 3 .   ? 2.954   1.010   -17.939 1.00 35.39 ? 224 HOH A O   1 
HETATM 1146 O O   . HOH C 3 .   ? -3.954  -4.936  -19.870 1.00 60.26 ? 225 HOH A O   1 
HETATM 1147 O O   . HOH C 3 .   ? 10.792  7.063   7.175   1.00 29.95 ? 226 HOH A O   1 
HETATM 1148 O O   . HOH C 3 .   ? 14.831  -4.829  -11.999 1.00 47.71 ? 227 HOH A O   1 
HETATM 1149 O O   . HOH C 3 .   ? -16.566 -0.087  -12.403 1.00 32.69 ? 228 HOH A O   1 
HETATM 1150 O O   . HOH C 3 .   ? -11.549 -1.727  -9.520  1.00 53.14 ? 229 HOH A O   1 
HETATM 1151 O O   . HOH C 3 .   ? -1.337  -12.402 -9.737  1.00 43.31 ? 230 HOH A O   1 
HETATM 1152 O O   . HOH C 3 .   ? -2.243  -19.132 -4.471  1.00 52.05 ? 231 HOH A O   1 
HETATM 1153 O O   . HOH C 3 .   ? -14.551 -3.193  23.665  1.00 47.65 ? 232 HOH A O   1 
HETATM 1154 O O   . HOH C 3 .   ? 6.826   11.136  8.516   1.00 41.86 ? 233 HOH A O   1 
HETATM 1155 O O   . HOH C 3 .   ? -0.478  9.172   13.545  1.00 33.30 ? 234 HOH A O   1 
HETATM 1156 O O   . HOH C 3 .   ? 2.530   -16.692 -5.725  1.00 48.85 ? 235 HOH A O   1 
HETATM 1157 O O   . HOH C 3 .   ? -1.218  -14.127 6.425   1.00 38.96 ? 236 HOH A O   1 
HETATM 1158 O O   . HOH C 3 .   ? -4.789  5.441   2.963   1.00 32.96 ? 237 HOH A O   1 
HETATM 1159 O O   . HOH C 3 .   ? 17.160  -2.128  -10.125 1.00 33.51 ? 238 HOH A O   1 
HETATM 1160 O O   . HOH C 3 .   ? 1.969   -5.681  -17.187 1.00 47.47 ? 239 HOH A O   1 
HETATM 1161 O O   . HOH C 3 .   ? 5.680   7.458   8.484   1.00 34.19 ? 240 HOH A O   1 
HETATM 1162 O O   . HOH C 3 .   ? -2.512  -17.206 12.178  1.00 50.00 ? 241 HOH A O   1 
HETATM 1163 O O   . HOH C 3 .   ? -17.436 -6.968  5.779   1.00 52.99 ? 242 HOH A O   1 
HETATM 1164 O O   . HOH C 3 .   ? 7.191   -10.219 -13.355 1.00 40.18 ? 243 HOH A O   1 
HETATM 1165 O O   . HOH C 3 .   ? 0.155   -2.305  -17.278 1.00 47.80 ? 244 HOH A O   1 
HETATM 1166 O O   . HOH C 3 .   ? -9.769  -9.183  17.359  1.00 48.25 ? 245 HOH A O   1 
HETATM 1167 O O   . HOH C 3 .   ? 18.865  0.146   -6.035  1.00 38.80 ? 246 HOH A O   1 
HETATM 1168 O O   . HOH C 3 .   ? -10.408 15.173  5.227   1.00 40.83 ? 247 HOH A O   1 
HETATM 1169 O O   . HOH C 3 .   ? -17.352 -2.416  -10.008 1.00 46.70 ? 248 HOH A O   1 
HETATM 1170 O O   . HOH C 3 .   ? -14.502 -3.312  -9.823  1.00 33.95 ? 249 HOH A O   1 
HETATM 1171 O O   . HOH C 3 .   ? -3.943  -5.902  -16.449 1.00 28.82 ? 250 HOH A O   1 
HETATM 1172 O O   . HOH C 3 .   ? -14.078 -3.373  17.271  1.00 43.79 ? 251 HOH A O   1 
HETATM 1173 O O   . HOH C 3 .   ? 14.838  4.793   -17.860 1.00 31.70 ? 252 HOH A O   1 
HETATM 1174 O O   . HOH C 3 .   ? -10.552 -3.528  16.210  1.00 30.28 ? 253 HOH A O   1 
HETATM 1175 O O   . HOH C 3 .   ? -4.806  -11.303 2.837   1.00 30.34 ? 254 HOH A O   1 
HETATM 1176 O O   . HOH C 3 .   ? 1.661   5.834   15.277  1.00 28.66 ? 255 HOH A O   1 
HETATM 1177 O O   . HOH C 3 .   ? -13.099 9.595   3.342   1.00 41.78 ? 256 HOH A O   1 
HETATM 1178 O O   . HOH C 3 .   ? -11.034 -4.231  10.355  1.00 27.08 ? 257 HOH A O   1 
HETATM 1179 O O   . HOH C 3 .   ? 3.430   -8.409  -14.179 1.00 44.32 ? 258 HOH A O   1 
HETATM 1180 O O   . HOH C 3 .   ? -20.130 -6.300  -1.468  1.00 40.09 ? 259 HOH A O   1 
HETATM 1181 O O   . HOH C 3 .   ? 3.984   -7.587  -16.439 1.00 36.53 ? 260 HOH A O   1 
HETATM 1182 O O   . HOH C 3 .   ? -16.474 2.254   -1.781  1.00 32.05 ? 261 HOH A O   1 
HETATM 1183 O O   . HOH C 3 .   ? -3.732  -15.731 -6.959  1.00 54.71 ? 262 HOH A O   1 
HETATM 1184 O O   . HOH C 3 .   ? -15.004 -7.645  11.922  1.00 54.14 ? 263 HOH A O   1 
HETATM 1185 O O   . HOH C 3 .   ? -10.218 7.115   -0.175  1.00 43.23 ? 264 HOH A O   1 
HETATM 1186 O O   . HOH C 3 .   ? 6.059   9.395   5.507   1.00 39.05 ? 265 HOH A O   1 
HETATM 1187 O O   . HOH C 3 .   ? 4.080   9.023   9.738   1.00 45.25 ? 266 HOH A O   1 
HETATM 1188 O O   . HOH C 3 .   ? -14.364 -5.672  15.661  1.00 53.88 ? 267 HOH A O   1 
HETATM 1189 O O   . HOH C 3 .   ? -16.017 -0.759  9.479   1.00 46.76 ? 268 HOH A O   1 
HETATM 1190 O O   . HOH C 3 .   ? 2.190   -13.399 -5.586  1.00 39.50 ? 269 HOH A O   1 
HETATM 1191 O O   . HOH C 3 .   ? 0.078   -16.135 -8.897  1.00 47.67 ? 270 HOH A O   1 
HETATM 1192 O O   . HOH C 3 .   ? -4.886  -16.079 -0.597  1.00 39.13 ? 271 HOH A O   1 
HETATM 1193 O O   . HOH C 3 .   ? 12.431  10.312  -16.004 1.00 47.33 ? 272 HOH A O   1 
HETATM 1194 O O   . HOH C 3 .   ? -17.816 -5.775  -3.184  1.00 32.64 ? 273 HOH A O   1 
HETATM 1195 O O   . HOH C 3 .   ? 12.237  6.121   -18.471 1.00 57.71 ? 274 HOH A O   1 
HETATM 1196 O O   . HOH C 3 .   ? -2.630  12.148  14.007  1.00 44.73 ? 275 HOH A O   1 
# 
